data_5YBX
# 
_entry.id   5YBX 
# 
_audit_conform.dict_name       mmcif_pdbx.dic 
_audit_conform.dict_version    5.398 
_audit_conform.dict_location   http://mmcif.pdb.org/dictionaries/ascii/mmcif_pdbx.dic 
# 
loop_
_database_2.database_id 
_database_2.database_code 
_database_2.pdbx_database_accession 
_database_2.pdbx_DOI 
PDB   5YBX         pdb_00005ybx 10.2210/pdb5ybx/pdb 
WWPDB D_1300004994 ?            ?                   
# 
loop_
_pdbx_audit_revision_history.ordinal 
_pdbx_audit_revision_history.data_content_type 
_pdbx_audit_revision_history.major_revision 
_pdbx_audit_revision_history.minor_revision 
_pdbx_audit_revision_history.revision_date 
1 'Structure model' 1 0 2018-09-19 
2 'Structure model' 1 1 2018-12-12 
3 'Structure model' 1 2 2018-12-26 
4 'Structure model' 1 3 2019-02-20 
5 'Structure model' 1 4 2024-11-13 
# 
_pdbx_audit_revision_details.ordinal             1 
_pdbx_audit_revision_details.revision_ordinal    1 
_pdbx_audit_revision_details.data_content_type   'Structure model' 
_pdbx_audit_revision_details.provider            repository 
_pdbx_audit_revision_details.type                'Initial release' 
_pdbx_audit_revision_details.description         ? 
_pdbx_audit_revision_details.details             ? 
# 
loop_
_pdbx_audit_revision_group.ordinal 
_pdbx_audit_revision_group.revision_ordinal 
_pdbx_audit_revision_group.data_content_type 
_pdbx_audit_revision_group.group 
1 2 'Structure model' 'Data collection'     
2 2 'Structure model' 'Database references' 
3 3 'Structure model' 'Data collection'     
4 3 'Structure model' 'Database references' 
5 4 'Structure model' 'Data collection'     
6 4 'Structure model' 'Database references' 
7 5 'Structure model' 'Data collection'     
8 5 'Structure model' 'Database references' 
9 5 'Structure model' 'Structure summary'   
# 
loop_
_pdbx_audit_revision_category.ordinal 
_pdbx_audit_revision_category.revision_ordinal 
_pdbx_audit_revision_category.data_content_type 
_pdbx_audit_revision_category.category 
1 2 'Structure model' citation                  
2 3 'Structure model' citation                  
3 4 'Structure model' citation                  
4 5 'Structure model' chem_comp_atom            
5 5 'Structure model' chem_comp_bond            
6 5 'Structure model' database_2                
7 5 'Structure model' pdbx_entry_details        
8 5 'Structure model' pdbx_modification_feature 
# 
loop_
_pdbx_audit_revision_item.ordinal 
_pdbx_audit_revision_item.revision_ordinal 
_pdbx_audit_revision_item.data_content_type 
_pdbx_audit_revision_item.item 
1  2 'Structure model' '_citation.country'                   
2  2 'Structure model' '_citation.journal_abbrev'            
3  2 'Structure model' '_citation.journal_id_ASTM'           
4  2 'Structure model' '_citation.journal_id_CSD'            
5  2 'Structure model' '_citation.journal_id_ISSN'           
6  2 'Structure model' '_citation.pdbx_database_id_DOI'      
7  2 'Structure model' '_citation.pdbx_database_id_PubMed'   
8  2 'Structure model' '_citation.title'                     
9  2 'Structure model' '_citation.year'                      
10 3 'Structure model' '_citation.journal_abbrev'            
11 3 'Structure model' '_citation.journal_id_ASTM'           
12 3 'Structure model' '_citation.journal_id_CSD'            
13 3 'Structure model' '_citation.journal_id_ISSN'           
14 3 'Structure model' '_citation.pdbx_database_id_DOI'      
15 3 'Structure model' '_citation.pdbx_database_id_PubMed'   
16 3 'Structure model' '_citation.title'                     
17 4 'Structure model' '_citation.journal_volume'            
18 4 'Structure model' '_citation.page_first'                
19 4 'Structure model' '_citation.year'                      
20 5 'Structure model' '_database_2.pdbx_DOI'                
21 5 'Structure model' '_database_2.pdbx_database_accession' 
# 
_pdbx_database_status.status_code                     REL 
_pdbx_database_status.status_code_sf                  REL 
_pdbx_database_status.status_code_mr                  ? 
_pdbx_database_status.entry_id                        5YBX 
_pdbx_database_status.recvd_initial_deposition_date   2017-09-05 
_pdbx_database_status.SG_entry                        N 
_pdbx_database_status.deposit_site                    PDBJ 
_pdbx_database_status.process_site                    PDBJ 
_pdbx_database_status.status_code_cs                  ? 
_pdbx_database_status.methods_development_category    ? 
_pdbx_database_status.pdb_format_compatible           Y 
_pdbx_database_status.status_code_nmr_data            ? 
# 
loop_
_audit_author.name 
_audit_author.pdbx_ordinal 
_audit_author.identifier_ORCID 
'Hu, C.'   1 ? 
'Chen, Y.' 2 ? 
# 
_citation.abstract                  ? 
_citation.abstract_id_CAS           ? 
_citation.book_id_ISBN              ? 
_citation.book_publisher            ? 
_citation.book_publisher_city       ? 
_citation.book_title                ? 
_citation.coordinate_linkage        ? 
_citation.country                   UK 
_citation.database_id_Medline       ? 
_citation.details                   ? 
_citation.id                        primary 
_citation.journal_abbrev            Structure 
_citation.journal_id_ASTM           STRUE6 
_citation.journal_id_CSD            2005 
_citation.journal_id_ISSN           1878-4186 
_citation.journal_full              ? 
_citation.journal_issue             ? 
_citation.journal_volume            27 
_citation.language                  ? 
_citation.page_first                335 
_citation.page_last                 ? 
_citation.title                     
;The Inner Nuclear Membrane Protein Bqt4 in Fission Yeast Contains a DNA-Binding Domain Essential for Telomere Association with the Nuclear Envelope.
;
_citation.year                      2019 
_citation.database_id_CSD           ? 
_citation.pdbx_database_id_DOI      10.1016/j.str.2018.10.010 
_citation.pdbx_database_id_PubMed   30503780 
_citation.unpublished_flag          ? 
# 
loop_
_citation_author.citation_id 
_citation_author.name 
_citation_author.ordinal 
_citation_author.identifier_ORCID 
primary 'Hu, C.'        1 ? 
primary 'Inoue, H.'     2 ? 
primary 'Sun, W.'       3 ? 
primary 'Takeshita, Y.' 4 ? 
primary 'Huang, Y.'     5 ? 
primary 'Xu, Y.'        6 ? 
primary 'Kanoh, J.'     7 ? 
primary 'Chen, Y.'      8 ? 
# 
_entity.id                         1 
_entity.type                       polymer 
_entity.src_method                 man 
_entity.pdbx_description           'Bouquet formation protein 4' 
_entity.formula_weight             16192.589 
_entity.pdbx_number_of_molecules   1 
_entity.pdbx_ec                    ? 
_entity.pdbx_mutation              ? 
_entity.pdbx_fragment              'UNP residues 2-140' 
_entity.details                    ? 
# 
_entity_poly.entity_id                      1 
_entity_poly.type                           'polypeptide(L)' 
_entity_poly.nstd_linkage                   no 
_entity_poly.nstd_monomer                   yes 
_entity_poly.pdbx_seq_one_letter_code       
;GSTTENEKSRSLPAERNPLYKDDTLDHTPLIPKCRAQVIEFPDGPATFVRLKCTNPESKVPHFL(MSE)R(MSE)AKDSS
ISATS(MSE)FRSAFPKATQEEEDLE(MSE)RWIRDNLNPIEDKRVAGLWVPPADALALAKDYS(MSE)TPFINALLEAS
ST
;
_entity_poly.pdbx_seq_one_letter_code_can   
;GSTTENEKSRSLPAERNPLYKDDTLDHTPLIPKCRAQVIEFPDGPATFVRLKCTNPESKVPHFLMRMAKDSSISATSMFR
SAFPKATQEEEDLEMRWIRDNLNPIEDKRVAGLWVPPADALALAKDYSMTPFINALLEASST
;
_entity_poly.pdbx_strand_id                 A 
_entity_poly.pdbx_target_identifier         ? 
# 
loop_
_entity_poly_seq.entity_id 
_entity_poly_seq.num 
_entity_poly_seq.mon_id 
_entity_poly_seq.hetero 
1 1   GLY n 
1 2   SER n 
1 3   THR n 
1 4   THR n 
1 5   GLU n 
1 6   ASN n 
1 7   GLU n 
1 8   LYS n 
1 9   SER n 
1 10  ARG n 
1 11  SER n 
1 12  LEU n 
1 13  PRO n 
1 14  ALA n 
1 15  GLU n 
1 16  ARG n 
1 17  ASN n 
1 18  PRO n 
1 19  LEU n 
1 20  TYR n 
1 21  LYS n 
1 22  ASP n 
1 23  ASP n 
1 24  THR n 
1 25  LEU n 
1 26  ASP n 
1 27  HIS n 
1 28  THR n 
1 29  PRO n 
1 30  LEU n 
1 31  ILE n 
1 32  PRO n 
1 33  LYS n 
1 34  CYS n 
1 35  ARG n 
1 36  ALA n 
1 37  GLN n 
1 38  VAL n 
1 39  ILE n 
1 40  GLU n 
1 41  PHE n 
1 42  PRO n 
1 43  ASP n 
1 44  GLY n 
1 45  PRO n 
1 46  ALA n 
1 47  THR n 
1 48  PHE n 
1 49  VAL n 
1 50  ARG n 
1 51  LEU n 
1 52  LYS n 
1 53  CYS n 
1 54  THR n 
1 55  ASN n 
1 56  PRO n 
1 57  GLU n 
1 58  SER n 
1 59  LYS n 
1 60  VAL n 
1 61  PRO n 
1 62  HIS n 
1 63  PHE n 
1 64  LEU n 
1 65  MSE n 
1 66  ARG n 
1 67  MSE n 
1 68  ALA n 
1 69  LYS n 
1 70  ASP n 
1 71  SER n 
1 72  SER n 
1 73  ILE n 
1 74  SER n 
1 75  ALA n 
1 76  THR n 
1 77  SER n 
1 78  MSE n 
1 79  PHE n 
1 80  ARG n 
1 81  SER n 
1 82  ALA n 
1 83  PHE n 
1 84  PRO n 
1 85  LYS n 
1 86  ALA n 
1 87  THR n 
1 88  GLN n 
1 89  GLU n 
1 90  GLU n 
1 91  GLU n 
1 92  ASP n 
1 93  LEU n 
1 94  GLU n 
1 95  MSE n 
1 96  ARG n 
1 97  TRP n 
1 98  ILE n 
1 99  ARG n 
1 100 ASP n 
1 101 ASN n 
1 102 LEU n 
1 103 ASN n 
1 104 PRO n 
1 105 ILE n 
1 106 GLU n 
1 107 ASP n 
1 108 LYS n 
1 109 ARG n 
1 110 VAL n 
1 111 ALA n 
1 112 GLY n 
1 113 LEU n 
1 114 TRP n 
1 115 VAL n 
1 116 PRO n 
1 117 PRO n 
1 118 ALA n 
1 119 ASP n 
1 120 ALA n 
1 121 LEU n 
1 122 ALA n 
1 123 LEU n 
1 124 ALA n 
1 125 LYS n 
1 126 ASP n 
1 127 TYR n 
1 128 SER n 
1 129 MSE n 
1 130 THR n 
1 131 PRO n 
1 132 PHE n 
1 133 ILE n 
1 134 ASN n 
1 135 ALA n 
1 136 LEU n 
1 137 LEU n 
1 138 GLU n 
1 139 ALA n 
1 140 SER n 
1 141 SER n 
1 142 THR n 
# 
_entity_src_gen.entity_id                          1 
_entity_src_gen.pdbx_src_id                        1 
_entity_src_gen.pdbx_alt_source_flag               sample 
_entity_src_gen.pdbx_seq_type                      'Biological sequence' 
_entity_src_gen.pdbx_beg_seq_num                   1 
_entity_src_gen.pdbx_end_seq_num                   142 
_entity_src_gen.gene_src_common_name               'Fission yeast' 
_entity_src_gen.gene_src_genus                     ? 
_entity_src_gen.pdbx_gene_src_gene                 'bqt4, SPBC19C7.10' 
_entity_src_gen.gene_src_species                   ? 
_entity_src_gen.gene_src_strain                    '972 / ATCC 24843' 
_entity_src_gen.gene_src_tissue                    ? 
_entity_src_gen.gene_src_tissue_fraction           ? 
_entity_src_gen.gene_src_details                   ? 
_entity_src_gen.pdbx_gene_src_fragment             ? 
_entity_src_gen.pdbx_gene_src_scientific_name      'Schizosaccharomyces pombe (strain 972 / ATCC 24843)' 
_entity_src_gen.pdbx_gene_src_ncbi_taxonomy_id     284812 
_entity_src_gen.pdbx_gene_src_variant              ? 
_entity_src_gen.pdbx_gene_src_cell_line            ? 
_entity_src_gen.pdbx_gene_src_atcc                 ? 
_entity_src_gen.pdbx_gene_src_organ                ? 
_entity_src_gen.pdbx_gene_src_organelle            ? 
_entity_src_gen.pdbx_gene_src_cell                 ? 
_entity_src_gen.pdbx_gene_src_cellular_location    ? 
_entity_src_gen.host_org_common_name               ? 
_entity_src_gen.pdbx_host_org_scientific_name      'Escherichia coli BL21(DE3)' 
_entity_src_gen.pdbx_host_org_ncbi_taxonomy_id     469008 
_entity_src_gen.host_org_genus                     ? 
_entity_src_gen.pdbx_host_org_gene                 ? 
_entity_src_gen.pdbx_host_org_organ                ? 
_entity_src_gen.host_org_species                   ? 
_entity_src_gen.pdbx_host_org_tissue               ? 
_entity_src_gen.pdbx_host_org_tissue_fraction      ? 
_entity_src_gen.pdbx_host_org_strain               'BL21(DE3)' 
_entity_src_gen.pdbx_host_org_variant              ? 
_entity_src_gen.pdbx_host_org_cell_line            ? 
_entity_src_gen.pdbx_host_org_atcc                 ? 
_entity_src_gen.pdbx_host_org_culture_collection   ? 
_entity_src_gen.pdbx_host_org_cell                 ? 
_entity_src_gen.pdbx_host_org_organelle            ? 
_entity_src_gen.pdbx_host_org_cellular_location    ? 
_entity_src_gen.pdbx_host_org_vector_type          ? 
_entity_src_gen.pdbx_host_org_vector               ? 
_entity_src_gen.host_org_details                   ? 
_entity_src_gen.expression_system_id               ? 
_entity_src_gen.plasmid_name                       ? 
_entity_src_gen.plasmid_details                    ? 
_entity_src_gen.pdbx_description                   ? 
# 
loop_
_chem_comp.id 
_chem_comp.type 
_chem_comp.mon_nstd_flag 
_chem_comp.name 
_chem_comp.pdbx_synonyms 
_chem_comp.formula 
_chem_comp.formula_weight 
ALA 'L-peptide linking' y ALANINE          ? 'C3 H7 N O2'     89.093  
ARG 'L-peptide linking' y ARGININE         ? 'C6 H15 N4 O2 1' 175.209 
ASN 'L-peptide linking' y ASPARAGINE       ? 'C4 H8 N2 O3'    132.118 
ASP 'L-peptide linking' y 'ASPARTIC ACID'  ? 'C4 H7 N O4'     133.103 
CYS 'L-peptide linking' y CYSTEINE         ? 'C3 H7 N O2 S'   121.158 
GLN 'L-peptide linking' y GLUTAMINE        ? 'C5 H10 N2 O3'   146.144 
GLU 'L-peptide linking' y 'GLUTAMIC ACID'  ? 'C5 H9 N O4'     147.129 
GLY 'peptide linking'   y GLYCINE          ? 'C2 H5 N O2'     75.067  
HIS 'L-peptide linking' y HISTIDINE        ? 'C6 H10 N3 O2 1' 156.162 
ILE 'L-peptide linking' y ISOLEUCINE       ? 'C6 H13 N O2'    131.173 
LEU 'L-peptide linking' y LEUCINE          ? 'C6 H13 N O2'    131.173 
LYS 'L-peptide linking' y LYSINE           ? 'C6 H15 N2 O2 1' 147.195 
MSE 'L-peptide linking' n SELENOMETHIONINE ? 'C5 H11 N O2 Se' 196.106 
PHE 'L-peptide linking' y PHENYLALANINE    ? 'C9 H11 N O2'    165.189 
PRO 'L-peptide linking' y PROLINE          ? 'C5 H9 N O2'     115.130 
SER 'L-peptide linking' y SERINE           ? 'C3 H7 N O3'     105.093 
THR 'L-peptide linking' y THREONINE        ? 'C4 H9 N O3'     119.119 
TRP 'L-peptide linking' y TRYPTOPHAN       ? 'C11 H12 N2 O2'  204.225 
TYR 'L-peptide linking' y TYROSINE         ? 'C9 H11 N O3'    181.189 
VAL 'L-peptide linking' y VALINE           ? 'C5 H11 N O2'    117.146 
# 
loop_
_pdbx_poly_seq_scheme.asym_id 
_pdbx_poly_seq_scheme.entity_id 
_pdbx_poly_seq_scheme.seq_id 
_pdbx_poly_seq_scheme.mon_id 
_pdbx_poly_seq_scheme.ndb_seq_num 
_pdbx_poly_seq_scheme.pdb_seq_num 
_pdbx_poly_seq_scheme.auth_seq_num 
_pdbx_poly_seq_scheme.pdb_mon_id 
_pdbx_poly_seq_scheme.auth_mon_id 
_pdbx_poly_seq_scheme.pdb_strand_id 
_pdbx_poly_seq_scheme.pdb_ins_code 
_pdbx_poly_seq_scheme.hetero 
A 1 1   GLY 1   -1  ?   ?   ?   A . n 
A 1 2   SER 2   0   ?   ?   ?   A . n 
A 1 3   THR 3   1   ?   ?   ?   A . n 
A 1 4   THR 4   2   ?   ?   ?   A . n 
A 1 5   GLU 5   3   ?   ?   ?   A . n 
A 1 6   ASN 6   4   ?   ?   ?   A . n 
A 1 7   GLU 7   5   ?   ?   ?   A . n 
A 1 8   LYS 8   6   ?   ?   ?   A . n 
A 1 9   SER 9   7   ?   ?   ?   A . n 
A 1 10  ARG 10  8   ?   ?   ?   A . n 
A 1 11  SER 11  9   ?   ?   ?   A . n 
A 1 12  LEU 12  10  10  LEU LEU A . n 
A 1 13  PRO 13  11  11  PRO PRO A . n 
A 1 14  ALA 14  12  12  ALA ALA A . n 
A 1 15  GLU 15  13  13  GLU GLU A . n 
A 1 16  ARG 16  14  14  ARG ARG A . n 
A 1 17  ASN 17  15  15  ASN ASN A . n 
A 1 18  PRO 18  16  16  PRO PRO A . n 
A 1 19  LEU 19  17  17  LEU LEU A . n 
A 1 20  TYR 20  18  18  TYR TYR A . n 
A 1 21  LYS 21  19  19  LYS LYS A . n 
A 1 22  ASP 22  20  20  ASP ASP A . n 
A 1 23  ASP 23  21  21  ASP ASP A . n 
A 1 24  THR 24  22  22  THR THR A . n 
A 1 25  LEU 25  23  23  LEU LEU A . n 
A 1 26  ASP 26  24  24  ASP ASP A . n 
A 1 27  HIS 27  25  25  HIS HIS A . n 
A 1 28  THR 28  26  26  THR THR A . n 
A 1 29  PRO 29  27  27  PRO PRO A . n 
A 1 30  LEU 30  28  28  LEU LEU A . n 
A 1 31  ILE 31  29  29  ILE ILE A . n 
A 1 32  PRO 32  30  30  PRO PRO A . n 
A 1 33  LYS 33  31  31  LYS LYS A . n 
A 1 34  CYS 34  32  32  CYS CYS A . n 
A 1 35  ARG 35  33  33  ARG ARG A . n 
A 1 36  ALA 36  34  34  ALA ALA A . n 
A 1 37  GLN 37  35  35  GLN GLN A . n 
A 1 38  VAL 38  36  36  VAL VAL A . n 
A 1 39  ILE 39  37  37  ILE ILE A . n 
A 1 40  GLU 40  38  38  GLU GLU A . n 
A 1 41  PHE 41  39  39  PHE PHE A . n 
A 1 42  PRO 42  40  40  PRO PRO A . n 
A 1 43  ASP 43  41  41  ASP ASP A . n 
A 1 44  GLY 44  42  42  GLY GLY A . n 
A 1 45  PRO 45  43  43  PRO PRO A . n 
A 1 46  ALA 46  44  44  ALA ALA A . n 
A 1 47  THR 47  45  45  THR THR A . n 
A 1 48  PHE 48  46  46  PHE PHE A . n 
A 1 49  VAL 49  47  47  VAL VAL A . n 
A 1 50  ARG 50  48  48  ARG ARG A . n 
A 1 51  LEU 51  49  49  LEU LEU A . n 
A 1 52  LYS 52  50  50  LYS LYS A . n 
A 1 53  CYS 53  51  51  CYS CYS A . n 
A 1 54  THR 54  52  52  THR THR A . n 
A 1 55  ASN 55  53  53  ASN ASN A . n 
A 1 56  PRO 56  54  54  PRO PRO A . n 
A 1 57  GLU 57  55  55  GLU GLU A . n 
A 1 58  SER 58  56  56  SER SER A . n 
A 1 59  LYS 59  57  57  LYS LYS A . n 
A 1 60  VAL 60  58  58  VAL VAL A . n 
A 1 61  PRO 61  59  59  PRO PRO A . n 
A 1 62  HIS 62  60  60  HIS HIS A . n 
A 1 63  PHE 63  61  61  PHE PHE A . n 
A 1 64  LEU 64  62  62  LEU LEU A . n 
A 1 65  MSE 65  63  63  MSE MSE A . n 
A 1 66  ARG 66  64  64  ARG ARG A . n 
A 1 67  MSE 67  65  65  MSE MSE A . n 
A 1 68  ALA 68  66  66  ALA ALA A . n 
A 1 69  LYS 69  67  67  LYS LYS A . n 
A 1 70  ASP 70  68  68  ASP ASP A . n 
A 1 71  SER 71  69  69  SER SER A . n 
A 1 72  SER 72  70  70  SER SER A . n 
A 1 73  ILE 73  71  71  ILE ILE A . n 
A 1 74  SER 74  72  72  SER SER A . n 
A 1 75  ALA 75  73  73  ALA ALA A . n 
A 1 76  THR 76  74  74  THR THR A . n 
A 1 77  SER 77  75  75  SER SER A . n 
A 1 78  MSE 78  76  76  MSE MSE A . n 
A 1 79  PHE 79  77  77  PHE PHE A . n 
A 1 80  ARG 80  78  78  ARG ARG A . n 
A 1 81  SER 81  79  79  SER SER A . n 
A 1 82  ALA 82  80  80  ALA ALA A . n 
A 1 83  PHE 83  81  81  PHE PHE A . n 
A 1 84  PRO 84  82  82  PRO PRO A . n 
A 1 85  LYS 85  83  83  LYS LYS A . n 
A 1 86  ALA 86  84  84  ALA ALA A . n 
A 1 87  THR 87  85  85  THR THR A . n 
A 1 88  GLN 88  86  86  GLN GLN A . n 
A 1 89  GLU 89  87  87  GLU GLU A . n 
A 1 90  GLU 90  88  88  GLU GLU A . n 
A 1 91  GLU 91  89  89  GLU GLU A . n 
A 1 92  ASP 92  90  90  ASP ASP A . n 
A 1 93  LEU 93  91  91  LEU LEU A . n 
A 1 94  GLU 94  92  92  GLU GLU A . n 
A 1 95  MSE 95  93  93  MSE MSE A . n 
A 1 96  ARG 96  94  94  ARG ARG A . n 
A 1 97  TRP 97  95  95  TRP TRP A . n 
A 1 98  ILE 98  96  96  ILE ILE A . n 
A 1 99  ARG 99  97  97  ARG ARG A . n 
A 1 100 ASP 100 98  98  ASP ASP A . n 
A 1 101 ASN 101 99  99  ASN ASN A . n 
A 1 102 LEU 102 100 100 LEU LEU A . n 
A 1 103 ASN 103 101 101 ASN ASN A . n 
A 1 104 PRO 104 102 102 PRO PRO A . n 
A 1 105 ILE 105 103 103 ILE ILE A . n 
A 1 106 GLU 106 104 104 GLU GLU A . n 
A 1 107 ASP 107 105 105 ASP ASP A . n 
A 1 108 LYS 108 106 106 LYS LYS A . n 
A 1 109 ARG 109 107 107 ARG ARG A . n 
A 1 110 VAL 110 108 108 VAL VAL A . n 
A 1 111 ALA 111 109 109 ALA ALA A . n 
A 1 112 GLY 112 110 110 GLY GLY A . n 
A 1 113 LEU 113 111 111 LEU LEU A . n 
A 1 114 TRP 114 112 112 TRP TRP A . n 
A 1 115 VAL 115 113 113 VAL VAL A . n 
A 1 116 PRO 116 114 114 PRO PRO A . n 
A 1 117 PRO 117 115 115 PRO PRO A . n 
A 1 118 ALA 118 116 116 ALA ALA A . n 
A 1 119 ASP 119 117 117 ASP ASP A . n 
A 1 120 ALA 120 118 118 ALA ALA A . n 
A 1 121 LEU 121 119 119 LEU LEU A . n 
A 1 122 ALA 122 120 120 ALA ALA A . n 
A 1 123 LEU 123 121 121 LEU LEU A . n 
A 1 124 ALA 124 122 122 ALA ALA A . n 
A 1 125 LYS 125 123 123 LYS LYS A . n 
A 1 126 ASP 126 124 124 ASP ASP A . n 
A 1 127 TYR 127 125 125 TYR TYR A . n 
A 1 128 SER 128 126 126 SER SER A . n 
A 1 129 MSE 129 127 127 MSE MSE A . n 
A 1 130 THR 130 128 128 THR THR A . n 
A 1 131 PRO 131 129 129 PRO PRO A . n 
A 1 132 PHE 132 130 130 PHE PHE A . n 
A 1 133 ILE 133 131 131 ILE ILE A . n 
A 1 134 ASN 134 132 132 ASN ASN A . n 
A 1 135 ALA 135 133 133 ALA ALA A . n 
A 1 136 LEU 136 134 134 LEU LEU A . n 
A 1 137 LEU 137 135 135 LEU LEU A . n 
A 1 138 GLU 138 136 136 GLU GLU A . n 
A 1 139 ALA 139 137 137 ALA ALA A . n 
A 1 140 SER 140 138 138 SER SER A . n 
A 1 141 SER 141 139 139 SER SER A . n 
A 1 142 THR 142 140 140 THR THR A . n 
# 
loop_
_pdbx_unobs_or_zero_occ_atoms.id 
_pdbx_unobs_or_zero_occ_atoms.PDB_model_num 
_pdbx_unobs_or_zero_occ_atoms.polymer_flag 
_pdbx_unobs_or_zero_occ_atoms.occupancy_flag 
_pdbx_unobs_or_zero_occ_atoms.auth_asym_id 
_pdbx_unobs_or_zero_occ_atoms.auth_comp_id 
_pdbx_unobs_or_zero_occ_atoms.auth_seq_id 
_pdbx_unobs_or_zero_occ_atoms.PDB_ins_code 
_pdbx_unobs_or_zero_occ_atoms.auth_atom_id 
_pdbx_unobs_or_zero_occ_atoms.label_alt_id 
_pdbx_unobs_or_zero_occ_atoms.label_asym_id 
_pdbx_unobs_or_zero_occ_atoms.label_comp_id 
_pdbx_unobs_or_zero_occ_atoms.label_seq_id 
_pdbx_unobs_or_zero_occ_atoms.label_atom_id 
1  1 Y 1 A ARG 14  ? CZ  ? A ARG 16  CZ  
2  1 Y 1 A ARG 14  ? NH1 ? A ARG 16  NH1 
3  1 Y 1 A ARG 14  ? NH2 ? A ARG 16  NH2 
4  1 Y 1 A ASP 20  ? CG  ? A ASP 22  CG  
5  1 Y 1 A ASP 20  ? OD1 ? A ASP 22  OD1 
6  1 Y 1 A ASP 20  ? OD2 ? A ASP 22  OD2 
7  1 Y 1 A LYS 106 ? CG  ? A LYS 108 CG  
8  1 Y 1 A LYS 106 ? CD  ? A LYS 108 CD  
9  1 Y 1 A LYS 106 ? CE  ? A LYS 108 CE  
10 1 Y 1 A LYS 106 ? NZ  ? A LYS 108 NZ  
11 1 Y 1 A LYS 123 ? CG  ? A LYS 125 CG  
12 1 Y 1 A LYS 123 ? CD  ? A LYS 125 CD  
13 1 Y 1 A LYS 123 ? CE  ? A LYS 125 CE  
14 1 Y 1 A LYS 123 ? NZ  ? A LYS 125 NZ  
# 
loop_
_software.citation_id 
_software.classification 
_software.compiler_name 
_software.compiler_version 
_software.contact_author 
_software.contact_author_email 
_software.date 
_software.description 
_software.dependencies 
_software.hardware 
_software.language 
_software.location 
_software.mods 
_software.name 
_software.os 
_software.os_version 
_software.type 
_software.version 
_software.pdbx_ordinal 
? refinement        ? ? ? ? ? ? ? ? ? ? ? PHENIX      ? ? ? 1.10.1_2155 1 
? 'data collection' ? ? ? ? ? ? ? ? ? ? ? HKL-2000    ? ? ? .           2 
? 'data scaling'    ? ? ? ? ? ? ? ? ? ? ? HKL-2000    ? ? ? .           3 
? phasing           ? ? ? ? ? ? ? ? ? ? ? SHARP       ? ? ? .           4 
? 'data extraction' ? ? ? ? ? ? ? ? ? ? ? PDB_EXTRACT ? ? ? 3.22        5 
? 'model building'  ? ? ? ? ? ? ? ? ? ? ? Coot        ? ? ? .           6 
# 
_cell.angle_alpha                  90.000 
_cell.angle_alpha_esd              ? 
_cell.angle_beta                   90.000 
_cell.angle_beta_esd               ? 
_cell.angle_gamma                  90.000 
_cell.angle_gamma_esd              ? 
_cell.entry_id                     5YBX 
_cell.details                      ? 
_cell.formula_units_Z              ? 
_cell.length_a                     94.658 
_cell.length_a_esd                 ? 
_cell.length_b                     94.658 
_cell.length_b_esd                 ? 
_cell.length_c                     94.658 
_cell.length_c_esd                 ? 
_cell.volume                       ? 
_cell.volume_esd                   ? 
_cell.Z_PDB                        24 
_cell.reciprocal_angle_alpha       ? 
_cell.reciprocal_angle_beta        ? 
_cell.reciprocal_angle_gamma       ? 
_cell.reciprocal_angle_alpha_esd   ? 
_cell.reciprocal_angle_beta_esd    ? 
_cell.reciprocal_angle_gamma_esd   ? 
_cell.reciprocal_length_a          ? 
_cell.reciprocal_length_b          ? 
_cell.reciprocal_length_c          ? 
_cell.reciprocal_length_a_esd      ? 
_cell.reciprocal_length_b_esd      ? 
_cell.reciprocal_length_c_esd      ? 
_cell.pdbx_unique_axis             ? 
# 
_symmetry.entry_id                         5YBX 
_symmetry.cell_setting                     ? 
_symmetry.Int_Tables_number                199 
_symmetry.space_group_name_Hall            ? 
_symmetry.space_group_name_H-M             'I 21 3' 
_symmetry.pdbx_full_space_group_name_H-M   ? 
# 
_exptl.absorpt_coefficient_mu     ? 
_exptl.absorpt_correction_T_max   ? 
_exptl.absorpt_correction_T_min   ? 
_exptl.absorpt_correction_type    ? 
_exptl.absorpt_process_details    ? 
_exptl.entry_id                   5YBX 
_exptl.crystals_number            1 
_exptl.details                    ? 
_exptl.method                     'X-RAY DIFFRACTION' 
_exptl.method_details             ? 
# 
_exptl_crystal.colour                      ? 
_exptl_crystal.density_diffrn              ? 
_exptl_crystal.density_Matthews            2.37 
_exptl_crystal.density_method              ? 
_exptl_crystal.density_percent_sol         43.64 
_exptl_crystal.description                 ? 
_exptl_crystal.F_000                       ? 
_exptl_crystal.id                          1 
_exptl_crystal.preparation                 ? 
_exptl_crystal.size_max                    ? 
_exptl_crystal.size_mid                    ? 
_exptl_crystal.size_min                    ? 
_exptl_crystal.size_rad                    ? 
_exptl_crystal.colour_lustre               ? 
_exptl_crystal.colour_modifier             ? 
_exptl_crystal.colour_primary              ? 
_exptl_crystal.density_meas                ? 
_exptl_crystal.density_meas_esd            ? 
_exptl_crystal.density_meas_gt             ? 
_exptl_crystal.density_meas_lt             ? 
_exptl_crystal.density_meas_temp           ? 
_exptl_crystal.density_meas_temp_esd       ? 
_exptl_crystal.density_meas_temp_gt        ? 
_exptl_crystal.density_meas_temp_lt        ? 
_exptl_crystal.pdbx_crystal_image_url      ? 
_exptl_crystal.pdbx_crystal_image_format   ? 
_exptl_crystal.pdbx_mosaicity              ? 
_exptl_crystal.pdbx_mosaicity_esd          ? 
# 
_exptl_crystal_grow.apparatus       ? 
_exptl_crystal_grow.atmosphere      ? 
_exptl_crystal_grow.crystal_id      1 
_exptl_crystal_grow.details         ? 
_exptl_crystal_grow.method          'VAPOR DIFFUSION, SITTING DROP' 
_exptl_crystal_grow.method_ref      ? 
_exptl_crystal_grow.pH              5.6 
_exptl_crystal_grow.pressure        ? 
_exptl_crystal_grow.pressure_esd    ? 
_exptl_crystal_grow.seeding         ? 
_exptl_crystal_grow.seeding_ref     ? 
_exptl_crystal_grow.temp            293 
_exptl_crystal_grow.temp_details    ? 
_exptl_crystal_grow.temp_esd        ? 
_exptl_crystal_grow.time            ? 
_exptl_crystal_grow.pdbx_details    '30% PEG4000, 0.2 M Ammonium acetate, 0.1 M Sodium citrate, pH5.6' 
_exptl_crystal_grow.pdbx_pH_range   ? 
# 
_diffrn.ambient_environment    ? 
_diffrn.ambient_temp           100 
_diffrn.ambient_temp_details   ? 
_diffrn.ambient_temp_esd       ? 
_diffrn.crystal_id             1 
_diffrn.crystal_support        ? 
_diffrn.crystal_treatment      ? 
_diffrn.details                ? 
_diffrn.id                     1 
_diffrn.ambient_pressure       ? 
_diffrn.ambient_pressure_esd   ? 
_diffrn.ambient_pressure_gt    ? 
_diffrn.ambient_pressure_lt    ? 
_diffrn.ambient_temp_gt        ? 
_diffrn.ambient_temp_lt        ? 
# 
_diffrn_detector.details                      ? 
_diffrn_detector.detector                     PIXEL 
_diffrn_detector.diffrn_id                    1 
_diffrn_detector.type                         'DECTRIS PILATUS3 6M' 
_diffrn_detector.area_resol_mean              ? 
_diffrn_detector.dtime                        ? 
_diffrn_detector.pdbx_frames_total            ? 
_diffrn_detector.pdbx_collection_time_total   ? 
_diffrn_detector.pdbx_collection_date         2015-05-18 
# 
_diffrn_radiation.collimation                      ? 
_diffrn_radiation.diffrn_id                        1 
_diffrn_radiation.filter_edge                      ? 
_diffrn_radiation.inhomogeneity                    ? 
_diffrn_radiation.monochromator                    ? 
_diffrn_radiation.polarisn_norm                    ? 
_diffrn_radiation.polarisn_ratio                   ? 
_diffrn_radiation.probe                            ? 
_diffrn_radiation.type                             ? 
_diffrn_radiation.xray_symbol                      ? 
_diffrn_radiation.wavelength_id                    1 
_diffrn_radiation.pdbx_monochromatic_or_laue_m_l   M 
_diffrn_radiation.pdbx_wavelength_list             ? 
_diffrn_radiation.pdbx_wavelength                  ? 
_diffrn_radiation.pdbx_diffrn_protocol             'SINGLE WAVELENGTH' 
_diffrn_radiation.pdbx_analyzer                    ? 
_diffrn_radiation.pdbx_scattering_type             x-ray 
# 
_diffrn_radiation_wavelength.id           1 
_diffrn_radiation_wavelength.wavelength   0.97845 
_diffrn_radiation_wavelength.wt           1.0 
# 
_diffrn_source.current                     ? 
_diffrn_source.details                     ? 
_diffrn_source.diffrn_id                   1 
_diffrn_source.power                       ? 
_diffrn_source.size                        ? 
_diffrn_source.source                      SYNCHROTRON 
_diffrn_source.target                      ? 
_diffrn_source.type                        'SSRF BEAMLINE BL19U1' 
_diffrn_source.voltage                     ? 
_diffrn_source.take-off_angle              ? 
_diffrn_source.pdbx_wavelength_list        0.97845 
_diffrn_source.pdbx_wavelength             ? 
_diffrn_source.pdbx_synchrotron_beamline   BL19U1 
_diffrn_source.pdbx_synchrotron_site       SSRF 
# 
_reflns.B_iso_Wilson_estimate            75.340 
_reflns.entry_id                         5YBX 
_reflns.data_reduction_details           ? 
_reflns.data_reduction_method            ? 
_reflns.d_resolution_high                2.5 
_reflns.d_resolution_low                 33.467 
_reflns.details                          ? 
_reflns.limit_h_max                      ? 
_reflns.limit_h_min                      ? 
_reflns.limit_k_max                      ? 
_reflns.limit_k_min                      ? 
_reflns.limit_l_max                      ? 
_reflns.limit_l_min                      ? 
_reflns.number_all                       ? 
_reflns.number_obs                       9479 
_reflns.observed_criterion               ? 
_reflns.observed_criterion_F_max         ? 
_reflns.observed_criterion_F_min         ? 
_reflns.observed_criterion_I_max         ? 
_reflns.observed_criterion_I_min         ? 
_reflns.observed_criterion_sigma_F       ? 
_reflns.observed_criterion_sigma_I       ? 
_reflns.percent_possible_obs             99.9 
_reflns.R_free_details                   ? 
_reflns.Rmerge_F_all                     ? 
_reflns.Rmerge_F_obs                     ? 
_reflns.Friedel_coverage                 ? 
_reflns.number_gt                        ? 
_reflns.threshold_expression             ? 
_reflns.pdbx_redundancy                  1 
_reflns.pdbx_Rmerge_I_obs                ? 
_reflns.pdbx_Rmerge_I_all                ? 
_reflns.pdbx_Rsym_value                  ? 
_reflns.pdbx_netI_over_av_sigmaI         ? 
_reflns.pdbx_netI_over_sigmaI            1.9 
_reflns.pdbx_res_netI_over_av_sigmaI_2   ? 
_reflns.pdbx_res_netI_over_sigmaI_2      ? 
_reflns.pdbx_chi_squared                 ? 
_reflns.pdbx_scaling_rejects             ? 
_reflns.pdbx_d_res_high_opt              ? 
_reflns.pdbx_d_res_low_opt               ? 
_reflns.pdbx_d_res_opt_method            ? 
_reflns.phase_calculation_details        ? 
_reflns.pdbx_Rrim_I_all                  ? 
_reflns.pdbx_Rpim_I_all                  ? 
_reflns.pdbx_d_opt                       ? 
_reflns.pdbx_number_measured_all         ? 
_reflns.pdbx_diffrn_id                   1 
_reflns.pdbx_ordinal                     1 
_reflns.pdbx_CC_half                     ? 
_reflns.pdbx_R_split                     ? 
# 
loop_
_reflns_shell.d_res_high 
_reflns_shell.d_res_low 
_reflns_shell.meanI_over_sigI_all 
_reflns_shell.meanI_over_sigI_obs 
_reflns_shell.number_measured_all 
_reflns_shell.number_measured_obs 
_reflns_shell.number_possible 
_reflns_shell.number_unique_all 
_reflns_shell.number_unique_obs 
_reflns_shell.percent_possible_all 
_reflns_shell.percent_possible_obs 
_reflns_shell.Rmerge_F_all 
_reflns_shell.Rmerge_F_obs 
_reflns_shell.Rmerge_I_all 
_reflns_shell.Rmerge_I_obs 
_reflns_shell.meanI_over_sigI_gt 
_reflns_shell.meanI_over_uI_all 
_reflns_shell.meanI_over_uI_gt 
_reflns_shell.number_measured_gt 
_reflns_shell.number_unique_gt 
_reflns_shell.percent_possible_gt 
_reflns_shell.Rmerge_F_gt 
_reflns_shell.Rmerge_I_gt 
_reflns_shell.pdbx_redundancy 
_reflns_shell.pdbx_Rsym_value 
_reflns_shell.pdbx_chi_squared 
_reflns_shell.pdbx_netI_over_sigmaI_all 
_reflns_shell.pdbx_netI_over_sigmaI_obs 
_reflns_shell.pdbx_Rrim_I_all 
_reflns_shell.pdbx_Rpim_I_all 
_reflns_shell.pdbx_rejects 
_reflns_shell.pdbx_ordinal 
_reflns_shell.pdbx_diffrn_id 
_reflns_shell.pdbx_CC_half 
_reflns_shell.pdbx_R_split 
2.500 2.540 ? ? ? ? ? ? 247 100.000 ? ? ? ? 0.699 ? ? ? ? ? ? ? ? 10 ? 0.534 ? ? 0.717 0.158 ? 1  1 0.916 ? 
2.540 2.590 ? ? ? ? ? ? 233 100.000 ? ? ? ? 0.589 ? ? ? ? ? ? ? ? 10 ? 0.553 ? ? 0.604 0.135 ? 2  1 0.931 ? 
2.590 2.640 ? ? ? ? ? ? 245 100.000 ? ? ? ? 0.521 ? ? ? ? ? ? ? ? 10 ? 0.578 ? ? 0.535 0.119 ? 3  1 0.919 ? 
2.640 2.690 ? ? ? ? ? ? 259 100.000 ? ? ? ? 0.487 ? ? ? ? ? ? ? ? 10 ? 0.625 ? ? 0.500 0.112 ? 4  1 0.926 ? 
2.690 2.750 ? ? ? ? ? ? 252 100.000 ? ? ? ? 0.413 ? ? ? ? ? ? ? ? 10 ? 0.659 ? ? 0.424 0.097 ? 5  1 0.959 ? 
2.750 2.820 ? ? ? ? ? ? 231 100.000 ? ? ? ? 0.323 ? ? ? ? ? ? ? ? 10 ? 0.818 ? ? 0.333 0.078 ? 6  1 0.975 ? 
2.820 2.890 ? ? ? ? ? ? 258 100.000 ? ? ? ? 0.279 ? ? ? ? ? ? ? ? 10 ? 0.876 ? ? 0.287 0.065 ? 7  1 0.980 ? 
2.890 2.960 ? ? ? ? ? ? 250 100.000 ? ? ? ? 0.237 ? ? ? ? ? ? ? ? 10 ? 1.039 ? ? 0.243 0.053 ? 8  1 0.983 ? 
2.960 3.050 ? ? ? ? ? ? 248 100.000 ? ? ? ? 0.201 ? ? ? ? ? ? ? ? 10 ? 1.108 ? ? 0.206 0.046 ? 9  1 0.988 ? 
3.050 3.150 ? ? ? ? ? ? 249 100.000 ? ? ? ? 0.179 ? ? ? ? ? ? ? ? 10 ? 1.315 ? ? 0.184 0.041 ? 10 1 0.991 ? 
3.150 3.260 ? ? ? ? ? ? 248 100.000 ? ? ? ? 0.160 ? ? ? ? ? ? ? ? 10 ? 1.485 ? ? 0.164 0.037 ? 11 1 0.991 ? 
3.260 3.390 ? ? ? ? ? ? 244 100.000 ? ? ? ? 0.133 ? ? ? ? ? ? ? ? 10 ? 1.919 ? ? 0.137 0.032 ? 12 1 0.995 ? 
3.390 3.550 ? ? ? ? ? ? 254 100.000 ? ? ? ? 0.122 ? ? ? ? ? ? ? ? 10 ? 2.136 ? ? 0.126 0.030 ? 13 1 0.996 ? 
3.550 3.730 ? ? ? ? ? ? 257 100.000 ? ? ? ? 0.104 ? ? ? ? ? ? ? ? 10 ? 2.037 ? ? 0.108 0.026 ? 14 1 0.996 ? 
3.730 3.970 ? ? ? ? ? ? 247 100.000 ? ? ? ? 0.097 ? ? ? ? ? ? ? ? 10 ? 2.272 ? ? 0.100 0.023 ? 15 1 0.998 ? 
3.970 4.270 ? ? ? ? ? ? 249 100.000 ? ? ? ? 0.088 ? ? ? ? ? ? ? ? 10 ? 3.425 ? ? 0.090 0.021 ? 16 1 0.997 ? 
4.270 4.700 ? ? ? ? ? ? 256 100.000 ? ? ? ? 0.076 ? ? ? ? ? ? ? ? 10 ? 2.722 ? ? 0.079 0.018 ? 17 1 0.994 ? 
4.700 5.380 ? ? ? ? ? ? 258 100.000 ? ? ? ? 0.080 ? ? ? ? ? ? ? ? 10 ? 2.991 ? ? 0.082 0.020 ? 18 1 0.997 ? 
5.380 6.780 ? ? ? ? ? ? 261 100.000 ? ? ? ? 0.078 ? ? ? ? ? ? ? ? 10 ? 3.209 ? ? 0.080 0.018 ? 19 1 0.997 ? 
6.780 7     ? ? ? ? ? ? 279 100.000 ? ? ? ? 0.085 ? ? ? ? ? ? ? ? 10 ? 6.765 ? ? 0.088 0.022 ? 20 1 0.997 ? 
# 
_refine.aniso_B[1][1]                            ? 
_refine.aniso_B[1][2]                            ? 
_refine.aniso_B[1][3]                            ? 
_refine.aniso_B[2][2]                            ? 
_refine.aniso_B[2][3]                            ? 
_refine.aniso_B[3][3]                            ? 
_refine.B_iso_max                                133.820 
_refine.B_iso_mean                               70 
_refine.B_iso_min                                40.230 
_refine.correlation_coeff_Fo_to_Fc               ? 
_refine.correlation_coeff_Fo_to_Fc_free          ? 
_refine.details                                  ? 
_refine.diff_density_max                         ? 
_refine.diff_density_max_esd                     ? 
_refine.diff_density_min                         ? 
_refine.diff_density_min_esd                     ? 
_refine.diff_density_rms                         ? 
_refine.diff_density_rms_esd                     ? 
_refine.entry_id                                 5YBX 
_refine.pdbx_refine_id                           'X-RAY DIFFRACTION' 
_refine.ls_abs_structure_details                 ? 
_refine.ls_abs_structure_Flack                   ? 
_refine.ls_abs_structure_Flack_esd               ? 
_refine.ls_abs_structure_Rogers                  ? 
_refine.ls_abs_structure_Rogers_esd              ? 
_refine.ls_d_res_high                            2.5010 
_refine.ls_d_res_low                             33.4670 
_refine.ls_extinction_coef                       ? 
_refine.ls_extinction_coef_esd                   ? 
_refine.ls_extinction_expression                 ? 
_refine.ls_extinction_method                     ? 
_refine.ls_goodness_of_fit_all                   ? 
_refine.ls_goodness_of_fit_all_esd               ? 
_refine.ls_goodness_of_fit_obs                   ? 
_refine.ls_goodness_of_fit_obs_esd               ? 
_refine.ls_hydrogen_treatment                    ? 
_refine.ls_matrix_type                           ? 
_refine.ls_number_constraints                    ? 
_refine.ls_number_parameters                     ? 
_refine.ls_number_reflns_all                     ? 
_refine.ls_number_reflns_obs                     9479 
_refine.ls_number_reflns_R_free                  960 
_refine.ls_number_reflns_R_work                  ? 
_refine.ls_number_restraints                     ? 
_refine.ls_percent_reflns_obs                    99.9100 
_refine.ls_percent_reflns_R_free                 10.1300 
_refine.ls_R_factor_all                          ? 
_refine.ls_R_factor_obs                          0.2280 
_refine.ls_R_factor_R_free                       0.2669 
_refine.ls_R_factor_R_free_error                 ? 
_refine.ls_R_factor_R_free_error_details         ? 
_refine.ls_R_factor_R_work                       0.2236 
_refine.ls_R_Fsqd_factor_obs                     ? 
_refine.ls_R_I_factor_obs                        ? 
_refine.ls_redundancy_reflns_all                 ? 
_refine.ls_redundancy_reflns_obs                 ? 
_refine.ls_restrained_S_all                      ? 
_refine.ls_restrained_S_obs                      ? 
_refine.ls_shift_over_esd_max                    ? 
_refine.ls_shift_over_esd_mean                   ? 
_refine.ls_structure_factor_coef                 ? 
_refine.ls_weighting_details                     ? 
_refine.ls_weighting_scheme                      ? 
_refine.ls_wR_factor_all                         ? 
_refine.ls_wR_factor_obs                         ? 
_refine.ls_wR_factor_R_free                      ? 
_refine.ls_wR_factor_R_work                      ? 
_refine.occupancy_max                            ? 
_refine.occupancy_min                            ? 
_refine.solvent_model_details                    ? 
_refine.solvent_model_param_bsol                 ? 
_refine.solvent_model_param_ksol                 ? 
_refine.ls_R_factor_gt                           ? 
_refine.ls_goodness_of_fit_gt                    ? 
_refine.ls_goodness_of_fit_ref                   ? 
_refine.ls_shift_over_su_max                     ? 
_refine.ls_shift_over_su_max_lt                  ? 
_refine.ls_shift_over_su_mean                    ? 
_refine.ls_shift_over_su_mean_lt                 ? 
_refine.pdbx_ls_sigma_I                          ? 
_refine.pdbx_ls_sigma_F                          1.440 
_refine.pdbx_ls_sigma_Fsqd                       ? 
_refine.pdbx_data_cutoff_high_absF               ? 
_refine.pdbx_data_cutoff_high_rms_absF           ? 
_refine.pdbx_data_cutoff_low_absF                ? 
_refine.pdbx_isotropic_thermal_model             ? 
_refine.pdbx_ls_cross_valid_method               'FREE R-VALUE' 
_refine.pdbx_method_to_determine_struct          SAD 
_refine.pdbx_starting_model                      ? 
_refine.pdbx_stereochemistry_target_values       ? 
_refine.pdbx_R_Free_selection_details            ? 
_refine.pdbx_stereochem_target_val_spec_case     ? 
_refine.pdbx_overall_ESU_R                       ? 
_refine.pdbx_overall_ESU_R_Free                  ? 
_refine.pdbx_solvent_vdw_probe_radii             1.1100 
_refine.pdbx_solvent_ion_probe_radii             ? 
_refine.pdbx_solvent_shrinkage_radii             0.9000 
_refine.pdbx_real_space_R                        ? 
_refine.pdbx_density_correlation                 ? 
_refine.pdbx_pd_number_of_powder_patterns        ? 
_refine.pdbx_pd_number_of_points                 ? 
_refine.pdbx_pd_meas_number_of_points            ? 
_refine.pdbx_pd_proc_ls_prof_R_factor            ? 
_refine.pdbx_pd_proc_ls_prof_wR_factor           ? 
_refine.pdbx_pd_Marquardt_correlation_coeff      ? 
_refine.pdbx_pd_Fsqrd_R_factor                   ? 
_refine.pdbx_pd_ls_matrix_band_width             ? 
_refine.pdbx_overall_phase_error                 33.3500 
_refine.pdbx_overall_SU_R_free_Cruickshank_DPI   ? 
_refine.pdbx_overall_SU_R_free_Blow_DPI          ? 
_refine.pdbx_overall_SU_R_Blow_DPI               ? 
_refine.pdbx_TLS_residual_ADP_flag               ? 
_refine.pdbx_diffrn_id                           1 
_refine.overall_SU_B                             ? 
_refine.overall_SU_ML                            0.4000 
_refine.overall_SU_R_Cruickshank_DPI             ? 
_refine.overall_SU_R_free                        ? 
_refine.overall_FOM_free_R_set                   ? 
_refine.overall_FOM_work_R_set                   ? 
_refine.pdbx_average_fsc_overall                 ? 
_refine.pdbx_average_fsc_work                    ? 
_refine.pdbx_average_fsc_free                    ? 
# 
_refine_hist.cycle_id                         final 
_refine_hist.pdbx_refine_id                   'X-RAY DIFFRACTION' 
_refine_hist.d_res_high                       2.5010 
_refine_hist.d_res_low                        33.4670 
_refine_hist.pdbx_number_atoms_ligand         0 
_refine_hist.number_atoms_solvent             0 
_refine_hist.number_atoms_total               1021 
_refine_hist.pdbx_number_residues_total       131 
_refine_hist.pdbx_number_atoms_protein        1021 
_refine_hist.pdbx_number_atoms_nucleic_acid   0 
# 
loop_
_refine_ls_restr.pdbx_refine_id 
_refine_ls_restr.criterion 
_refine_ls_restr.dev_ideal 
_refine_ls_restr.dev_ideal_target 
_refine_ls_restr.number 
_refine_ls_restr.rejects 
_refine_ls_restr.type 
_refine_ls_restr.weight 
_refine_ls_restr.pdbx_restraint_function 
'X-RAY DIFFRACTION' ? 0.003  ? 1047 ? f_bond_d           ? ? 
'X-RAY DIFFRACTION' ? 0.765  ? 1427 ? f_angle_d          ? ? 
'X-RAY DIFFRACTION' ? 0.049  ? 161  ? f_chiral_restr     ? ? 
'X-RAY DIFFRACTION' ? 0.008  ? 187  ? f_plane_restr      ? ? 
'X-RAY DIFFRACTION' ? 12.934 ? 653  ? f_dihedral_angle_d ? ? 
# 
loop_
_refine_ls_shell.pdbx_refine_id 
_refine_ls_shell.d_res_high 
_refine_ls_shell.d_res_low 
_refine_ls_shell.number_reflns_all 
_refine_ls_shell.number_reflns_obs 
_refine_ls_shell.number_reflns_R_free 
_refine_ls_shell.number_reflns_R_work 
_refine_ls_shell.percent_reflns_obs 
_refine_ls_shell.percent_reflns_R_free 
_refine_ls_shell.R_factor_all 
_refine_ls_shell.R_factor_obs 
_refine_ls_shell.R_factor_R_free 
_refine_ls_shell.R_factor_R_free_error 
_refine_ls_shell.R_factor_R_work 
_refine_ls_shell.redundancy_reflns_all 
_refine_ls_shell.redundancy_reflns_obs 
_refine_ls_shell.wR_factor_all 
_refine_ls_shell.wR_factor_obs 
_refine_ls_shell.wR_factor_R_free 
_refine_ls_shell.wR_factor_R_work 
_refine_ls_shell.pdbx_total_number_of_bins_used 
_refine_ls_shell.pdbx_phase_error 
_refine_ls_shell.pdbx_fsc_work 
_refine_ls_shell.pdbx_fsc_free 
'X-RAY DIFFRACTION' 2.5014 2.6332 . . 148 1216 100.0000 . . . 0.3998 0.0000 0.21   . . . . . . . . . . 
'X-RAY DIFFRACTION' 2.6332 2.7981 . . 140 1215 100.0000 . . . 0.3832 0.0000 0.2    . . . . . . . . . . 
'X-RAY DIFFRACTION' 2.7981 3.0141 . . 136 1192 100.0000 . . . 0.4061 0.0000 0.21   . . . . . . . . . . 
'X-RAY DIFFRACTION' 3.0141 3.3171 . . 124 1237 100.0000 . . . 0.3228 0.0000 0.21   . . . . . . . . . . 
'X-RAY DIFFRACTION' 3.3171 3.7966 . . 137 1230 100.0000 . . . 0.3189 0.0000 0.21   . . . . . . . . . . 
'X-RAY DIFFRACTION' 3.7966 4.7810 . . 143 1213 100.0000 . . . 0.2239 0.0000 0.1991 . . . . . . . . . . 
'X-RAY DIFFRACTION' 4.7810 10     . . 132 1216 99.0000  . . . 0.2117 0.0000 0.1639 . . . . . . . . . . 
# 
_struct.entry_id                     5YBX 
_struct.title                        'Crystal structure of the N-terminal domain of Bqt4 in S.pombe' 
_struct.pdbx_model_details           ? 
_struct.pdbx_formula_weight          ? 
_struct.pdbx_formula_weight_method   ? 
_struct.pdbx_model_type_details      ? 
_struct.pdbx_CASP_flag               N 
# 
_struct_keywords.entry_id        5YBX 
_struct_keywords.text            'Telomere bouquet, Nuclear envelope, Chromosome organization, DNA BINDING PROTEIN' 
_struct_keywords.pdbx_keywords   'DNA BINDING PROTEIN' 
# 
_struct_asym.id                            A 
_struct_asym.pdbx_blank_PDB_chainid_flag   N 
_struct_asym.pdbx_modified                 N 
_struct_asym.entity_id                     1 
_struct_asym.details                       ? 
# 
_struct_ref.id                         1 
_struct_ref.db_name                    UNP 
_struct_ref.db_code                    BQT4_SCHPO 
_struct_ref.pdbx_db_accession          O60158 
_struct_ref.pdbx_db_isoform            ? 
_struct_ref.entity_id                  1 
_struct_ref.pdbx_seq_one_letter_code   
;TENEKSRSLPAERNPLYKDDTLDHTPLIPKCRAQVIEFPDGPATFVRLKCTNPESKVPHFLMRMAKDSSISATSMFRSAF
PKATQEEEDLEMRWIRDNLNPIEDKRVAGLWVPPADALALAKDYSMTPFINALLEASST
;
_struct_ref.pdbx_align_begin           2 
# 
_struct_ref_seq.align_id                      1 
_struct_ref_seq.ref_id                        1 
_struct_ref_seq.pdbx_PDB_id_code              5YBX 
_struct_ref_seq.pdbx_strand_id                A 
_struct_ref_seq.seq_align_beg                 4 
_struct_ref_seq.pdbx_seq_align_beg_ins_code   ? 
_struct_ref_seq.seq_align_end                 142 
_struct_ref_seq.pdbx_seq_align_end_ins_code   ? 
_struct_ref_seq.pdbx_db_accession             O60158 
_struct_ref_seq.db_align_beg                  2 
_struct_ref_seq.pdbx_db_align_beg_ins_code    ? 
_struct_ref_seq.db_align_end                  140 
_struct_ref_seq.pdbx_db_align_end_ins_code    ? 
_struct_ref_seq.pdbx_auth_seq_align_beg       2 
_struct_ref_seq.pdbx_auth_seq_align_end       140 
# 
loop_
_struct_ref_seq_dif.align_id 
_struct_ref_seq_dif.pdbx_pdb_id_code 
_struct_ref_seq_dif.mon_id 
_struct_ref_seq_dif.pdbx_pdb_strand_id 
_struct_ref_seq_dif.seq_num 
_struct_ref_seq_dif.pdbx_pdb_ins_code 
_struct_ref_seq_dif.pdbx_seq_db_name 
_struct_ref_seq_dif.pdbx_seq_db_accession_code 
_struct_ref_seq_dif.db_mon_id 
_struct_ref_seq_dif.pdbx_seq_db_seq_num 
_struct_ref_seq_dif.details 
_struct_ref_seq_dif.pdbx_auth_seq_num 
_struct_ref_seq_dif.pdbx_ordinal 
1 5YBX GLY A 1 ? UNP O60158 ? ? 'expression tag' -1 1 
1 5YBX SER A 2 ? UNP O60158 ? ? 'expression tag' 0  2 
1 5YBX THR A 3 ? UNP O60158 ? ? 'expression tag' 1  3 
# 
_pdbx_struct_assembly.id                   1 
_pdbx_struct_assembly.details              author_defined_assembly 
_pdbx_struct_assembly.method_details       ? 
_pdbx_struct_assembly.oligomeric_details   monomeric 
_pdbx_struct_assembly.oligomeric_count     1 
# 
loop_
_pdbx_struct_assembly_prop.biol_id 
_pdbx_struct_assembly_prop.type 
_pdbx_struct_assembly_prop.value 
_pdbx_struct_assembly_prop.details 
1 'ABSA (A^2)' 0    ? 
1 MORE         0    ? 
1 'SSA (A^2)'  7290 ? 
# 
_pdbx_struct_assembly_gen.assembly_id       1 
_pdbx_struct_assembly_gen.oper_expression   1 
_pdbx_struct_assembly_gen.asym_id_list      A 
# 
_pdbx_struct_assembly_auth_evidence.id                     1 
_pdbx_struct_assembly_auth_evidence.assembly_id            1 
_pdbx_struct_assembly_auth_evidence.experimental_support   'gel filtration' 
_pdbx_struct_assembly_auth_evidence.details                'The protein exists as a monomer judged by gel-filtration.' 
# 
_pdbx_struct_oper_list.id                   1 
_pdbx_struct_oper_list.type                 'identity operation' 
_pdbx_struct_oper_list.name                 1_555 
_pdbx_struct_oper_list.symmetry_operation   x,y,z 
_pdbx_struct_oper_list.matrix[1][1]         1.0000000000 
_pdbx_struct_oper_list.matrix[1][2]         0.0000000000 
_pdbx_struct_oper_list.matrix[1][3]         0.0000000000 
_pdbx_struct_oper_list.vector[1]            0.0000000000 
_pdbx_struct_oper_list.matrix[2][1]         0.0000000000 
_pdbx_struct_oper_list.matrix[2][2]         1.0000000000 
_pdbx_struct_oper_list.matrix[2][3]         0.0000000000 
_pdbx_struct_oper_list.vector[2]            0.0000000000 
_pdbx_struct_oper_list.matrix[3][1]         0.0000000000 
_pdbx_struct_oper_list.matrix[3][2]         0.0000000000 
_pdbx_struct_oper_list.matrix[3][3]         1.0000000000 
_pdbx_struct_oper_list.vector[3]            0.0000000000 
# 
loop_
_struct_conf.conf_type_id 
_struct_conf.id 
_struct_conf.pdbx_PDB_helix_id 
_struct_conf.beg_label_comp_id 
_struct_conf.beg_label_asym_id 
_struct_conf.beg_label_seq_id 
_struct_conf.pdbx_beg_PDB_ins_code 
_struct_conf.end_label_comp_id 
_struct_conf.end_label_asym_id 
_struct_conf.end_label_seq_id 
_struct_conf.pdbx_end_PDB_ins_code 
_struct_conf.beg_auth_comp_id 
_struct_conf.beg_auth_asym_id 
_struct_conf.beg_auth_seq_id 
_struct_conf.end_auth_comp_id 
_struct_conf.end_auth_asym_id 
_struct_conf.end_auth_seq_id 
_struct_conf.pdbx_PDB_helix_class 
_struct_conf.details 
_struct_conf.pdbx_PDB_helix_length 
HELX_P HELX_P1 AA1 ASN A 17  ? LYS A 21  ? ASN A 15  LYS A 19  5 ? 5  
HELX_P HELX_P2 AA2 HIS A 27  ? ILE A 31  ? HIS A 25  ILE A 29  5 ? 5  
HELX_P HELX_P3 AA3 ALA A 75  ? PHE A 83  ? ALA A 73  PHE A 81  1 ? 9  
HELX_P HELX_P4 AA4 THR A 87  ? LEU A 102 ? THR A 85  LEU A 100 1 ? 16 
HELX_P HELX_P5 AA5 PRO A 116 ? TYR A 127 ? PRO A 114 TYR A 125 1 ? 12 
HELX_P HELX_P6 AA6 MSE A 129 ? ALA A 139 ? MSE A 127 ALA A 137 1 ? 11 
# 
_struct_conf_type.id          HELX_P 
_struct_conf_type.criteria    ? 
_struct_conf_type.reference   ? 
# 
loop_
_struct_conn.id 
_struct_conn.conn_type_id 
_struct_conn.pdbx_leaving_atom_flag 
_struct_conn.pdbx_PDB_id 
_struct_conn.ptnr1_label_asym_id 
_struct_conn.ptnr1_label_comp_id 
_struct_conn.ptnr1_label_seq_id 
_struct_conn.ptnr1_label_atom_id 
_struct_conn.pdbx_ptnr1_label_alt_id 
_struct_conn.pdbx_ptnr1_PDB_ins_code 
_struct_conn.pdbx_ptnr1_standard_comp_id 
_struct_conn.ptnr1_symmetry 
_struct_conn.ptnr2_label_asym_id 
_struct_conn.ptnr2_label_comp_id 
_struct_conn.ptnr2_label_seq_id 
_struct_conn.ptnr2_label_atom_id 
_struct_conn.pdbx_ptnr2_label_alt_id 
_struct_conn.pdbx_ptnr2_PDB_ins_code 
_struct_conn.ptnr1_auth_asym_id 
_struct_conn.ptnr1_auth_comp_id 
_struct_conn.ptnr1_auth_seq_id 
_struct_conn.ptnr2_auth_asym_id 
_struct_conn.ptnr2_auth_comp_id 
_struct_conn.ptnr2_auth_seq_id 
_struct_conn.ptnr2_symmetry 
_struct_conn.pdbx_ptnr3_label_atom_id 
_struct_conn.pdbx_ptnr3_label_seq_id 
_struct_conn.pdbx_ptnr3_label_comp_id 
_struct_conn.pdbx_ptnr3_label_asym_id 
_struct_conn.pdbx_ptnr3_label_alt_id 
_struct_conn.pdbx_ptnr3_PDB_ins_code 
_struct_conn.details 
_struct_conn.pdbx_dist_value 
_struct_conn.pdbx_value_order 
_struct_conn.pdbx_role 
covale1  covale both ? A LEU 64  C ? ? ? 1_555 A MSE 65  N ? ? A LEU 62  A MSE 63  1_555 ? ? ? ? ? ? ? 1.325 ? ? 
covale2  covale both ? A MSE 65  C ? ? ? 1_555 A ARG 66  N ? ? A MSE 63  A ARG 64  1_555 ? ? ? ? ? ? ? 1.330 ? ? 
covale3  covale both ? A ARG 66  C ? ? ? 1_555 A MSE 67  N ? ? A ARG 64  A MSE 65  1_555 ? ? ? ? ? ? ? 1.329 ? ? 
covale4  covale both ? A MSE 67  C ? ? ? 1_555 A ALA 68  N ? ? A MSE 65  A ALA 66  1_555 ? ? ? ? ? ? ? 1.336 ? ? 
covale5  covale both ? A SER 77  C ? ? ? 1_555 A MSE 78  N ? ? A SER 75  A MSE 76  1_555 ? ? ? ? ? ? ? 1.330 ? ? 
covale6  covale both ? A MSE 78  C ? ? ? 1_555 A PHE 79  N ? ? A MSE 76  A PHE 77  1_555 ? ? ? ? ? ? ? 1.333 ? ? 
covale7  covale both ? A GLU 94  C ? ? ? 1_555 A MSE 95  N ? ? A GLU 92  A MSE 93  1_555 ? ? ? ? ? ? ? 1.330 ? ? 
covale8  covale both ? A MSE 95  C ? ? ? 1_555 A ARG 96  N ? ? A MSE 93  A ARG 94  1_555 ? ? ? ? ? ? ? 1.336 ? ? 
covale9  covale both ? A SER 128 C ? ? ? 1_555 A MSE 129 N ? ? A SER 126 A MSE 127 1_555 ? ? ? ? ? ? ? 1.330 ? ? 
covale10 covale both ? A MSE 129 C ? ? ? 1_555 A THR 130 N ? ? A MSE 127 A THR 128 1_555 ? ? ? ? ? ? ? 1.331 ? ? 
# 
_struct_conn_type.id          covale 
_struct_conn_type.criteria    ? 
_struct_conn_type.reference   ? 
# 
loop_
_pdbx_modification_feature.ordinal 
_pdbx_modification_feature.label_comp_id 
_pdbx_modification_feature.label_asym_id 
_pdbx_modification_feature.label_seq_id 
_pdbx_modification_feature.label_alt_id 
_pdbx_modification_feature.modified_residue_label_comp_id 
_pdbx_modification_feature.modified_residue_label_asym_id 
_pdbx_modification_feature.modified_residue_label_seq_id 
_pdbx_modification_feature.modified_residue_label_alt_id 
_pdbx_modification_feature.auth_comp_id 
_pdbx_modification_feature.auth_asym_id 
_pdbx_modification_feature.auth_seq_id 
_pdbx_modification_feature.PDB_ins_code 
_pdbx_modification_feature.symmetry 
_pdbx_modification_feature.modified_residue_auth_comp_id 
_pdbx_modification_feature.modified_residue_auth_asym_id 
_pdbx_modification_feature.modified_residue_auth_seq_id 
_pdbx_modification_feature.modified_residue_PDB_ins_code 
_pdbx_modification_feature.modified_residue_symmetry 
_pdbx_modification_feature.comp_id_linking_atom 
_pdbx_modification_feature.modified_residue_id_linking_atom 
_pdbx_modification_feature.modified_residue_id 
_pdbx_modification_feature.ref_pcm_id 
_pdbx_modification_feature.ref_comp_id 
_pdbx_modification_feature.type 
_pdbx_modification_feature.category 
1 MSE A 65  ? . . . . MSE A 63  ? 1_555 . . . . . . . MET 1 MSE Selenomethionine 'Named protein modification' 
2 MSE A 67  ? . . . . MSE A 65  ? 1_555 . . . . . . . MET 1 MSE Selenomethionine 'Named protein modification' 
3 MSE A 78  ? . . . . MSE A 76  ? 1_555 . . . . . . . MET 1 MSE Selenomethionine 'Named protein modification' 
4 MSE A 95  ? . . . . MSE A 93  ? 1_555 . . . . . . . MET 1 MSE Selenomethionine 'Named protein modification' 
5 MSE A 129 ? . . . . MSE A 127 ? 1_555 . . . . . . . MET 1 MSE Selenomethionine 'Named protein modification' 
# 
loop_
_struct_sheet.id 
_struct_sheet.type 
_struct_sheet.number_strands 
_struct_sheet.details 
AA1 ? 3 ? 
AA2 ? 2 ? 
# 
loop_
_struct_sheet_order.sheet_id 
_struct_sheet_order.range_id_1 
_struct_sheet_order.range_id_2 
_struct_sheet_order.offset 
_struct_sheet_order.sense 
AA1 1 2 ? anti-parallel 
AA1 2 3 ? anti-parallel 
AA2 1 2 ? anti-parallel 
# 
loop_
_struct_sheet_range.sheet_id 
_struct_sheet_range.id 
_struct_sheet_range.beg_label_comp_id 
_struct_sheet_range.beg_label_asym_id 
_struct_sheet_range.beg_label_seq_id 
_struct_sheet_range.pdbx_beg_PDB_ins_code 
_struct_sheet_range.end_label_comp_id 
_struct_sheet_range.end_label_asym_id 
_struct_sheet_range.end_label_seq_id 
_struct_sheet_range.pdbx_end_PDB_ins_code 
_struct_sheet_range.beg_auth_comp_id 
_struct_sheet_range.beg_auth_asym_id 
_struct_sheet_range.beg_auth_seq_id 
_struct_sheet_range.end_auth_comp_id 
_struct_sheet_range.end_auth_asym_id 
_struct_sheet_range.end_auth_seq_id 
AA1 1 CYS A 34  ? PHE A 41  ? CYS A 32  PHE A 39  
AA1 2 GLY A 44  ? THR A 54  ? GLY A 42  THR A 52  
AA1 3 PRO A 61  ? MSE A 67  ? PRO A 59  MSE A 65  
AA2 1 ILE A 73  ? SER A 74  ? ILE A 71  SER A 72  
AA2 2 TRP A 114 ? VAL A 115 ? TRP A 112 VAL A 113 
# 
loop_
_pdbx_struct_sheet_hbond.sheet_id 
_pdbx_struct_sheet_hbond.range_id_1 
_pdbx_struct_sheet_hbond.range_id_2 
_pdbx_struct_sheet_hbond.range_1_label_atom_id 
_pdbx_struct_sheet_hbond.range_1_label_comp_id 
_pdbx_struct_sheet_hbond.range_1_label_asym_id 
_pdbx_struct_sheet_hbond.range_1_label_seq_id 
_pdbx_struct_sheet_hbond.range_1_PDB_ins_code 
_pdbx_struct_sheet_hbond.range_1_auth_atom_id 
_pdbx_struct_sheet_hbond.range_1_auth_comp_id 
_pdbx_struct_sheet_hbond.range_1_auth_asym_id 
_pdbx_struct_sheet_hbond.range_1_auth_seq_id 
_pdbx_struct_sheet_hbond.range_2_label_atom_id 
_pdbx_struct_sheet_hbond.range_2_label_comp_id 
_pdbx_struct_sheet_hbond.range_2_label_asym_id 
_pdbx_struct_sheet_hbond.range_2_label_seq_id 
_pdbx_struct_sheet_hbond.range_2_PDB_ins_code 
_pdbx_struct_sheet_hbond.range_2_auth_atom_id 
_pdbx_struct_sheet_hbond.range_2_auth_comp_id 
_pdbx_struct_sheet_hbond.range_2_auth_asym_id 
_pdbx_struct_sheet_hbond.range_2_auth_seq_id 
AA1 1 2 N ARG A 35 ? N ARG A 33 O ARG A 50  ? O ARG A 48  
AA1 2 3 N CYS A 53 ? N CYS A 51 O HIS A 62  ? O HIS A 60  
AA2 1 2 N ILE A 73 ? N ILE A 71 O VAL A 115 ? O VAL A 113 
# 
_pdbx_entry_details.entry_id                   5YBX 
_pdbx_entry_details.compound_details           ? 
_pdbx_entry_details.source_details             ? 
_pdbx_entry_details.nonpolymer_details         ? 
_pdbx_entry_details.sequence_details           ? 
_pdbx_entry_details.has_ligand_of_interest     ? 
_pdbx_entry_details.has_protein_modification   Y 
# 
_pdbx_validate_symm_contact.id                1 
_pdbx_validate_symm_contact.PDB_model_num     1 
_pdbx_validate_symm_contact.auth_atom_id_1    NZ 
_pdbx_validate_symm_contact.auth_asym_id_1    A 
_pdbx_validate_symm_contact.auth_comp_id_1    LYS 
_pdbx_validate_symm_contact.auth_seq_id_1     19 
_pdbx_validate_symm_contact.PDB_ins_code_1    ? 
_pdbx_validate_symm_contact.label_alt_id_1    ? 
_pdbx_validate_symm_contact.site_symmetry_1   1_555 
_pdbx_validate_symm_contact.auth_atom_id_2    CD1 
_pdbx_validate_symm_contact.auth_asym_id_2    A 
_pdbx_validate_symm_contact.auth_comp_id_2    LEU 
_pdbx_validate_symm_contact.auth_seq_id_2     23 
_pdbx_validate_symm_contact.PDB_ins_code_2    ? 
_pdbx_validate_symm_contact.label_alt_id_2    ? 
_pdbx_validate_symm_contact.site_symmetry_2   10_655 
_pdbx_validate_symm_contact.dist              1.80 
# 
loop_
_pdbx_validate_torsion.id 
_pdbx_validate_torsion.PDB_model_num 
_pdbx_validate_torsion.auth_comp_id 
_pdbx_validate_torsion.auth_asym_id 
_pdbx_validate_torsion.auth_seq_id 
_pdbx_validate_torsion.PDB_ins_code 
_pdbx_validate_torsion.label_alt_id 
_pdbx_validate_torsion.phi 
_pdbx_validate_torsion.psi 
1 1 GLU A 13  ? ? -90.83  48.90 
2 1 ASP A 68  ? ? 80.84   1.21  
3 1 ASN A 101 ? ? -113.00 67.55 
4 1 MSE A 127 ? ? -146.07 27.82 
5 1 SER A 139 ? ? -91.68  50.32 
# 
loop_
_pdbx_struct_mod_residue.id 
_pdbx_struct_mod_residue.label_asym_id 
_pdbx_struct_mod_residue.label_comp_id 
_pdbx_struct_mod_residue.label_seq_id 
_pdbx_struct_mod_residue.auth_asym_id 
_pdbx_struct_mod_residue.auth_comp_id 
_pdbx_struct_mod_residue.auth_seq_id 
_pdbx_struct_mod_residue.PDB_ins_code 
_pdbx_struct_mod_residue.parent_comp_id 
_pdbx_struct_mod_residue.details 
1 A MSE 65  A MSE 63  ? MET 'modified residue' 
2 A MSE 67  A MSE 65  ? MET 'modified residue' 
3 A MSE 78  A MSE 76  ? MET 'modified residue' 
4 A MSE 95  A MSE 93  ? MET 'modified residue' 
5 A MSE 129 A MSE 127 ? MET 'modified residue' 
# 
_phasing.method   SAD 
# 
loop_
_pdbx_unobs_or_zero_occ_residues.id 
_pdbx_unobs_or_zero_occ_residues.PDB_model_num 
_pdbx_unobs_or_zero_occ_residues.polymer_flag 
_pdbx_unobs_or_zero_occ_residues.occupancy_flag 
_pdbx_unobs_or_zero_occ_residues.auth_asym_id 
_pdbx_unobs_or_zero_occ_residues.auth_comp_id 
_pdbx_unobs_or_zero_occ_residues.auth_seq_id 
_pdbx_unobs_or_zero_occ_residues.PDB_ins_code 
_pdbx_unobs_or_zero_occ_residues.label_asym_id 
_pdbx_unobs_or_zero_occ_residues.label_comp_id 
_pdbx_unobs_or_zero_occ_residues.label_seq_id 
1  1 Y 1 A GLY -1 ? A GLY 1  
2  1 Y 1 A SER 0  ? A SER 2  
3  1 Y 1 A THR 1  ? A THR 3  
4  1 Y 1 A THR 2  ? A THR 4  
5  1 Y 1 A GLU 3  ? A GLU 5  
6  1 Y 1 A ASN 4  ? A ASN 6  
7  1 Y 1 A GLU 5  ? A GLU 7  
8  1 Y 1 A LYS 6  ? A LYS 8  
9  1 Y 1 A SER 7  ? A SER 9  
10 1 Y 1 A ARG 8  ? A ARG 10 
11 1 Y 1 A SER 9  ? A SER 11 
# 
loop_
_chem_comp_atom.comp_id 
_chem_comp_atom.atom_id 
_chem_comp_atom.type_symbol 
_chem_comp_atom.pdbx_aromatic_flag 
_chem_comp_atom.pdbx_stereo_config 
_chem_comp_atom.pdbx_ordinal 
ALA N    N  N N 1   
ALA CA   C  N S 2   
ALA C    C  N N 3   
ALA O    O  N N 4   
ALA CB   C  N N 5   
ALA OXT  O  N N 6   
ALA H    H  N N 7   
ALA H2   H  N N 8   
ALA HA   H  N N 9   
ALA HB1  H  N N 10  
ALA HB2  H  N N 11  
ALA HB3  H  N N 12  
ALA HXT  H  N N 13  
ARG N    N  N N 14  
ARG CA   C  N S 15  
ARG C    C  N N 16  
ARG O    O  N N 17  
ARG CB   C  N N 18  
ARG CG   C  N N 19  
ARG CD   C  N N 20  
ARG NE   N  N N 21  
ARG CZ   C  N N 22  
ARG NH1  N  N N 23  
ARG NH2  N  N N 24  
ARG OXT  O  N N 25  
ARG H    H  N N 26  
ARG H2   H  N N 27  
ARG HA   H  N N 28  
ARG HB2  H  N N 29  
ARG HB3  H  N N 30  
ARG HG2  H  N N 31  
ARG HG3  H  N N 32  
ARG HD2  H  N N 33  
ARG HD3  H  N N 34  
ARG HE   H  N N 35  
ARG HH11 H  N N 36  
ARG HH12 H  N N 37  
ARG HH21 H  N N 38  
ARG HH22 H  N N 39  
ARG HXT  H  N N 40  
ASN N    N  N N 41  
ASN CA   C  N S 42  
ASN C    C  N N 43  
ASN O    O  N N 44  
ASN CB   C  N N 45  
ASN CG   C  N N 46  
ASN OD1  O  N N 47  
ASN ND2  N  N N 48  
ASN OXT  O  N N 49  
ASN H    H  N N 50  
ASN H2   H  N N 51  
ASN HA   H  N N 52  
ASN HB2  H  N N 53  
ASN HB3  H  N N 54  
ASN HD21 H  N N 55  
ASN HD22 H  N N 56  
ASN HXT  H  N N 57  
ASP N    N  N N 58  
ASP CA   C  N S 59  
ASP C    C  N N 60  
ASP O    O  N N 61  
ASP CB   C  N N 62  
ASP CG   C  N N 63  
ASP OD1  O  N N 64  
ASP OD2  O  N N 65  
ASP OXT  O  N N 66  
ASP H    H  N N 67  
ASP H2   H  N N 68  
ASP HA   H  N N 69  
ASP HB2  H  N N 70  
ASP HB3  H  N N 71  
ASP HD2  H  N N 72  
ASP HXT  H  N N 73  
CYS N    N  N N 74  
CYS CA   C  N R 75  
CYS C    C  N N 76  
CYS O    O  N N 77  
CYS CB   C  N N 78  
CYS SG   S  N N 79  
CYS OXT  O  N N 80  
CYS H    H  N N 81  
CYS H2   H  N N 82  
CYS HA   H  N N 83  
CYS HB2  H  N N 84  
CYS HB3  H  N N 85  
CYS HG   H  N N 86  
CYS HXT  H  N N 87  
GLN N    N  N N 88  
GLN CA   C  N S 89  
GLN C    C  N N 90  
GLN O    O  N N 91  
GLN CB   C  N N 92  
GLN CG   C  N N 93  
GLN CD   C  N N 94  
GLN OE1  O  N N 95  
GLN NE2  N  N N 96  
GLN OXT  O  N N 97  
GLN H    H  N N 98  
GLN H2   H  N N 99  
GLN HA   H  N N 100 
GLN HB2  H  N N 101 
GLN HB3  H  N N 102 
GLN HG2  H  N N 103 
GLN HG3  H  N N 104 
GLN HE21 H  N N 105 
GLN HE22 H  N N 106 
GLN HXT  H  N N 107 
GLU N    N  N N 108 
GLU CA   C  N S 109 
GLU C    C  N N 110 
GLU O    O  N N 111 
GLU CB   C  N N 112 
GLU CG   C  N N 113 
GLU CD   C  N N 114 
GLU OE1  O  N N 115 
GLU OE2  O  N N 116 
GLU OXT  O  N N 117 
GLU H    H  N N 118 
GLU H2   H  N N 119 
GLU HA   H  N N 120 
GLU HB2  H  N N 121 
GLU HB3  H  N N 122 
GLU HG2  H  N N 123 
GLU HG3  H  N N 124 
GLU HE2  H  N N 125 
GLU HXT  H  N N 126 
GLY N    N  N N 127 
GLY CA   C  N N 128 
GLY C    C  N N 129 
GLY O    O  N N 130 
GLY OXT  O  N N 131 
GLY H    H  N N 132 
GLY H2   H  N N 133 
GLY HA2  H  N N 134 
GLY HA3  H  N N 135 
GLY HXT  H  N N 136 
HIS N    N  N N 137 
HIS CA   C  N S 138 
HIS C    C  N N 139 
HIS O    O  N N 140 
HIS CB   C  N N 141 
HIS CG   C  Y N 142 
HIS ND1  N  Y N 143 
HIS CD2  C  Y N 144 
HIS CE1  C  Y N 145 
HIS NE2  N  Y N 146 
HIS OXT  O  N N 147 
HIS H    H  N N 148 
HIS H2   H  N N 149 
HIS HA   H  N N 150 
HIS HB2  H  N N 151 
HIS HB3  H  N N 152 
HIS HD1  H  N N 153 
HIS HD2  H  N N 154 
HIS HE1  H  N N 155 
HIS HE2  H  N N 156 
HIS HXT  H  N N 157 
ILE N    N  N N 158 
ILE CA   C  N S 159 
ILE C    C  N N 160 
ILE O    O  N N 161 
ILE CB   C  N S 162 
ILE CG1  C  N N 163 
ILE CG2  C  N N 164 
ILE CD1  C  N N 165 
ILE OXT  O  N N 166 
ILE H    H  N N 167 
ILE H2   H  N N 168 
ILE HA   H  N N 169 
ILE HB   H  N N 170 
ILE HG12 H  N N 171 
ILE HG13 H  N N 172 
ILE HG21 H  N N 173 
ILE HG22 H  N N 174 
ILE HG23 H  N N 175 
ILE HD11 H  N N 176 
ILE HD12 H  N N 177 
ILE HD13 H  N N 178 
ILE HXT  H  N N 179 
LEU N    N  N N 180 
LEU CA   C  N S 181 
LEU C    C  N N 182 
LEU O    O  N N 183 
LEU CB   C  N N 184 
LEU CG   C  N N 185 
LEU CD1  C  N N 186 
LEU CD2  C  N N 187 
LEU OXT  O  N N 188 
LEU H    H  N N 189 
LEU H2   H  N N 190 
LEU HA   H  N N 191 
LEU HB2  H  N N 192 
LEU HB3  H  N N 193 
LEU HG   H  N N 194 
LEU HD11 H  N N 195 
LEU HD12 H  N N 196 
LEU HD13 H  N N 197 
LEU HD21 H  N N 198 
LEU HD22 H  N N 199 
LEU HD23 H  N N 200 
LEU HXT  H  N N 201 
LYS N    N  N N 202 
LYS CA   C  N S 203 
LYS C    C  N N 204 
LYS O    O  N N 205 
LYS CB   C  N N 206 
LYS CG   C  N N 207 
LYS CD   C  N N 208 
LYS CE   C  N N 209 
LYS NZ   N  N N 210 
LYS OXT  O  N N 211 
LYS H    H  N N 212 
LYS H2   H  N N 213 
LYS HA   H  N N 214 
LYS HB2  H  N N 215 
LYS HB3  H  N N 216 
LYS HG2  H  N N 217 
LYS HG3  H  N N 218 
LYS HD2  H  N N 219 
LYS HD3  H  N N 220 
LYS HE2  H  N N 221 
LYS HE3  H  N N 222 
LYS HZ1  H  N N 223 
LYS HZ2  H  N N 224 
LYS HZ3  H  N N 225 
LYS HXT  H  N N 226 
MSE N    N  N N 227 
MSE CA   C  N S 228 
MSE C    C  N N 229 
MSE O    O  N N 230 
MSE OXT  O  N N 231 
MSE CB   C  N N 232 
MSE CG   C  N N 233 
MSE SE   SE N N 234 
MSE CE   C  N N 235 
MSE H    H  N N 236 
MSE H2   H  N N 237 
MSE HA   H  N N 238 
MSE HXT  H  N N 239 
MSE HB2  H  N N 240 
MSE HB3  H  N N 241 
MSE HG2  H  N N 242 
MSE HG3  H  N N 243 
MSE HE1  H  N N 244 
MSE HE2  H  N N 245 
MSE HE3  H  N N 246 
PHE N    N  N N 247 
PHE CA   C  N S 248 
PHE C    C  N N 249 
PHE O    O  N N 250 
PHE CB   C  N N 251 
PHE CG   C  Y N 252 
PHE CD1  C  Y N 253 
PHE CD2  C  Y N 254 
PHE CE1  C  Y N 255 
PHE CE2  C  Y N 256 
PHE CZ   C  Y N 257 
PHE OXT  O  N N 258 
PHE H    H  N N 259 
PHE H2   H  N N 260 
PHE HA   H  N N 261 
PHE HB2  H  N N 262 
PHE HB3  H  N N 263 
PHE HD1  H  N N 264 
PHE HD2  H  N N 265 
PHE HE1  H  N N 266 
PHE HE2  H  N N 267 
PHE HZ   H  N N 268 
PHE HXT  H  N N 269 
PRO N    N  N N 270 
PRO CA   C  N S 271 
PRO C    C  N N 272 
PRO O    O  N N 273 
PRO CB   C  N N 274 
PRO CG   C  N N 275 
PRO CD   C  N N 276 
PRO OXT  O  N N 277 
PRO H    H  N N 278 
PRO HA   H  N N 279 
PRO HB2  H  N N 280 
PRO HB3  H  N N 281 
PRO HG2  H  N N 282 
PRO HG3  H  N N 283 
PRO HD2  H  N N 284 
PRO HD3  H  N N 285 
PRO HXT  H  N N 286 
SER N    N  N N 287 
SER CA   C  N S 288 
SER C    C  N N 289 
SER O    O  N N 290 
SER CB   C  N N 291 
SER OG   O  N N 292 
SER OXT  O  N N 293 
SER H    H  N N 294 
SER H2   H  N N 295 
SER HA   H  N N 296 
SER HB2  H  N N 297 
SER HB3  H  N N 298 
SER HG   H  N N 299 
SER HXT  H  N N 300 
THR N    N  N N 301 
THR CA   C  N S 302 
THR C    C  N N 303 
THR O    O  N N 304 
THR CB   C  N R 305 
THR OG1  O  N N 306 
THR CG2  C  N N 307 
THR OXT  O  N N 308 
THR H    H  N N 309 
THR H2   H  N N 310 
THR HA   H  N N 311 
THR HB   H  N N 312 
THR HG1  H  N N 313 
THR HG21 H  N N 314 
THR HG22 H  N N 315 
THR HG23 H  N N 316 
THR HXT  H  N N 317 
TRP N    N  N N 318 
TRP CA   C  N S 319 
TRP C    C  N N 320 
TRP O    O  N N 321 
TRP CB   C  N N 322 
TRP CG   C  Y N 323 
TRP CD1  C  Y N 324 
TRP CD2  C  Y N 325 
TRP NE1  N  Y N 326 
TRP CE2  C  Y N 327 
TRP CE3  C  Y N 328 
TRP CZ2  C  Y N 329 
TRP CZ3  C  Y N 330 
TRP CH2  C  Y N 331 
TRP OXT  O  N N 332 
TRP H    H  N N 333 
TRP H2   H  N N 334 
TRP HA   H  N N 335 
TRP HB2  H  N N 336 
TRP HB3  H  N N 337 
TRP HD1  H  N N 338 
TRP HE1  H  N N 339 
TRP HE3  H  N N 340 
TRP HZ2  H  N N 341 
TRP HZ3  H  N N 342 
TRP HH2  H  N N 343 
TRP HXT  H  N N 344 
TYR N    N  N N 345 
TYR CA   C  N S 346 
TYR C    C  N N 347 
TYR O    O  N N 348 
TYR CB   C  N N 349 
TYR CG   C  Y N 350 
TYR CD1  C  Y N 351 
TYR CD2  C  Y N 352 
TYR CE1  C  Y N 353 
TYR CE2  C  Y N 354 
TYR CZ   C  Y N 355 
TYR OH   O  N N 356 
TYR OXT  O  N N 357 
TYR H    H  N N 358 
TYR H2   H  N N 359 
TYR HA   H  N N 360 
TYR HB2  H  N N 361 
TYR HB3  H  N N 362 
TYR HD1  H  N N 363 
TYR HD2  H  N N 364 
TYR HE1  H  N N 365 
TYR HE2  H  N N 366 
TYR HH   H  N N 367 
TYR HXT  H  N N 368 
VAL N    N  N N 369 
VAL CA   C  N S 370 
VAL C    C  N N 371 
VAL O    O  N N 372 
VAL CB   C  N N 373 
VAL CG1  C  N N 374 
VAL CG2  C  N N 375 
VAL OXT  O  N N 376 
VAL H    H  N N 377 
VAL H2   H  N N 378 
VAL HA   H  N N 379 
VAL HB   H  N N 380 
VAL HG11 H  N N 381 
VAL HG12 H  N N 382 
VAL HG13 H  N N 383 
VAL HG21 H  N N 384 
VAL HG22 H  N N 385 
VAL HG23 H  N N 386 
VAL HXT  H  N N 387 
# 
loop_
_chem_comp_bond.comp_id 
_chem_comp_bond.atom_id_1 
_chem_comp_bond.atom_id_2 
_chem_comp_bond.value_order 
_chem_comp_bond.pdbx_aromatic_flag 
_chem_comp_bond.pdbx_stereo_config 
_chem_comp_bond.pdbx_ordinal 
ALA N   CA   sing N N 1   
ALA N   H    sing N N 2   
ALA N   H2   sing N N 3   
ALA CA  C    sing N N 4   
ALA CA  CB   sing N N 5   
ALA CA  HA   sing N N 6   
ALA C   O    doub N N 7   
ALA C   OXT  sing N N 8   
ALA CB  HB1  sing N N 9   
ALA CB  HB2  sing N N 10  
ALA CB  HB3  sing N N 11  
ALA OXT HXT  sing N N 12  
ARG N   CA   sing N N 13  
ARG N   H    sing N N 14  
ARG N   H2   sing N N 15  
ARG CA  C    sing N N 16  
ARG CA  CB   sing N N 17  
ARG CA  HA   sing N N 18  
ARG C   O    doub N N 19  
ARG C   OXT  sing N N 20  
ARG CB  CG   sing N N 21  
ARG CB  HB2  sing N N 22  
ARG CB  HB3  sing N N 23  
ARG CG  CD   sing N N 24  
ARG CG  HG2  sing N N 25  
ARG CG  HG3  sing N N 26  
ARG CD  NE   sing N N 27  
ARG CD  HD2  sing N N 28  
ARG CD  HD3  sing N N 29  
ARG NE  CZ   sing N N 30  
ARG NE  HE   sing N N 31  
ARG CZ  NH1  sing N N 32  
ARG CZ  NH2  doub N N 33  
ARG NH1 HH11 sing N N 34  
ARG NH1 HH12 sing N N 35  
ARG NH2 HH21 sing N N 36  
ARG NH2 HH22 sing N N 37  
ARG OXT HXT  sing N N 38  
ASN N   CA   sing N N 39  
ASN N   H    sing N N 40  
ASN N   H2   sing N N 41  
ASN CA  C    sing N N 42  
ASN CA  CB   sing N N 43  
ASN CA  HA   sing N N 44  
ASN C   O    doub N N 45  
ASN C   OXT  sing N N 46  
ASN CB  CG   sing N N 47  
ASN CB  HB2  sing N N 48  
ASN CB  HB3  sing N N 49  
ASN CG  OD1  doub N N 50  
ASN CG  ND2  sing N N 51  
ASN ND2 HD21 sing N N 52  
ASN ND2 HD22 sing N N 53  
ASN OXT HXT  sing N N 54  
ASP N   CA   sing N N 55  
ASP N   H    sing N N 56  
ASP N   H2   sing N N 57  
ASP CA  C    sing N N 58  
ASP CA  CB   sing N N 59  
ASP CA  HA   sing N N 60  
ASP C   O    doub N N 61  
ASP C   OXT  sing N N 62  
ASP CB  CG   sing N N 63  
ASP CB  HB2  sing N N 64  
ASP CB  HB3  sing N N 65  
ASP CG  OD1  doub N N 66  
ASP CG  OD2  sing N N 67  
ASP OD2 HD2  sing N N 68  
ASP OXT HXT  sing N N 69  
CYS N   CA   sing N N 70  
CYS N   H    sing N N 71  
CYS N   H2   sing N N 72  
CYS CA  C    sing N N 73  
CYS CA  CB   sing N N 74  
CYS CA  HA   sing N N 75  
CYS C   O    doub N N 76  
CYS C   OXT  sing N N 77  
CYS CB  SG   sing N N 78  
CYS CB  HB2  sing N N 79  
CYS CB  HB3  sing N N 80  
CYS SG  HG   sing N N 81  
CYS OXT HXT  sing N N 82  
GLN N   CA   sing N N 83  
GLN N   H    sing N N 84  
GLN N   H2   sing N N 85  
GLN CA  C    sing N N 86  
GLN CA  CB   sing N N 87  
GLN CA  HA   sing N N 88  
GLN C   O    doub N N 89  
GLN C   OXT  sing N N 90  
GLN CB  CG   sing N N 91  
GLN CB  HB2  sing N N 92  
GLN CB  HB3  sing N N 93  
GLN CG  CD   sing N N 94  
GLN CG  HG2  sing N N 95  
GLN CG  HG3  sing N N 96  
GLN CD  OE1  doub N N 97  
GLN CD  NE2  sing N N 98  
GLN NE2 HE21 sing N N 99  
GLN NE2 HE22 sing N N 100 
GLN OXT HXT  sing N N 101 
GLU N   CA   sing N N 102 
GLU N   H    sing N N 103 
GLU N   H2   sing N N 104 
GLU CA  C    sing N N 105 
GLU CA  CB   sing N N 106 
GLU CA  HA   sing N N 107 
GLU C   O    doub N N 108 
GLU C   OXT  sing N N 109 
GLU CB  CG   sing N N 110 
GLU CB  HB2  sing N N 111 
GLU CB  HB3  sing N N 112 
GLU CG  CD   sing N N 113 
GLU CG  HG2  sing N N 114 
GLU CG  HG3  sing N N 115 
GLU CD  OE1  doub N N 116 
GLU CD  OE2  sing N N 117 
GLU OE2 HE2  sing N N 118 
GLU OXT HXT  sing N N 119 
GLY N   CA   sing N N 120 
GLY N   H    sing N N 121 
GLY N   H2   sing N N 122 
GLY CA  C    sing N N 123 
GLY CA  HA2  sing N N 124 
GLY CA  HA3  sing N N 125 
GLY C   O    doub N N 126 
GLY C   OXT  sing N N 127 
GLY OXT HXT  sing N N 128 
HIS N   CA   sing N N 129 
HIS N   H    sing N N 130 
HIS N   H2   sing N N 131 
HIS CA  C    sing N N 132 
HIS CA  CB   sing N N 133 
HIS CA  HA   sing N N 134 
HIS C   O    doub N N 135 
HIS C   OXT  sing N N 136 
HIS CB  CG   sing N N 137 
HIS CB  HB2  sing N N 138 
HIS CB  HB3  sing N N 139 
HIS CG  ND1  sing Y N 140 
HIS CG  CD2  doub Y N 141 
HIS ND1 CE1  doub Y N 142 
HIS ND1 HD1  sing N N 143 
HIS CD2 NE2  sing Y N 144 
HIS CD2 HD2  sing N N 145 
HIS CE1 NE2  sing Y N 146 
HIS CE1 HE1  sing N N 147 
HIS NE2 HE2  sing N N 148 
HIS OXT HXT  sing N N 149 
ILE N   CA   sing N N 150 
ILE N   H    sing N N 151 
ILE N   H2   sing N N 152 
ILE CA  C    sing N N 153 
ILE CA  CB   sing N N 154 
ILE CA  HA   sing N N 155 
ILE C   O    doub N N 156 
ILE C   OXT  sing N N 157 
ILE CB  CG1  sing N N 158 
ILE CB  CG2  sing N N 159 
ILE CB  HB   sing N N 160 
ILE CG1 CD1  sing N N 161 
ILE CG1 HG12 sing N N 162 
ILE CG1 HG13 sing N N 163 
ILE CG2 HG21 sing N N 164 
ILE CG2 HG22 sing N N 165 
ILE CG2 HG23 sing N N 166 
ILE CD1 HD11 sing N N 167 
ILE CD1 HD12 sing N N 168 
ILE CD1 HD13 sing N N 169 
ILE OXT HXT  sing N N 170 
LEU N   CA   sing N N 171 
LEU N   H    sing N N 172 
LEU N   H2   sing N N 173 
LEU CA  C    sing N N 174 
LEU CA  CB   sing N N 175 
LEU CA  HA   sing N N 176 
LEU C   O    doub N N 177 
LEU C   OXT  sing N N 178 
LEU CB  CG   sing N N 179 
LEU CB  HB2  sing N N 180 
LEU CB  HB3  sing N N 181 
LEU CG  CD1  sing N N 182 
LEU CG  CD2  sing N N 183 
LEU CG  HG   sing N N 184 
LEU CD1 HD11 sing N N 185 
LEU CD1 HD12 sing N N 186 
LEU CD1 HD13 sing N N 187 
LEU CD2 HD21 sing N N 188 
LEU CD2 HD22 sing N N 189 
LEU CD2 HD23 sing N N 190 
LEU OXT HXT  sing N N 191 
LYS N   CA   sing N N 192 
LYS N   H    sing N N 193 
LYS N   H2   sing N N 194 
LYS CA  C    sing N N 195 
LYS CA  CB   sing N N 196 
LYS CA  HA   sing N N 197 
LYS C   O    doub N N 198 
LYS C   OXT  sing N N 199 
LYS CB  CG   sing N N 200 
LYS CB  HB2  sing N N 201 
LYS CB  HB3  sing N N 202 
LYS CG  CD   sing N N 203 
LYS CG  HG2  sing N N 204 
LYS CG  HG3  sing N N 205 
LYS CD  CE   sing N N 206 
LYS CD  HD2  sing N N 207 
LYS CD  HD3  sing N N 208 
LYS CE  NZ   sing N N 209 
LYS CE  HE2  sing N N 210 
LYS CE  HE3  sing N N 211 
LYS NZ  HZ1  sing N N 212 
LYS NZ  HZ2  sing N N 213 
LYS NZ  HZ3  sing N N 214 
LYS OXT HXT  sing N N 215 
MSE N   CA   sing N N 216 
MSE N   H    sing N N 217 
MSE N   H2   sing N N 218 
MSE CA  C    sing N N 219 
MSE CA  CB   sing N N 220 
MSE CA  HA   sing N N 221 
MSE C   O    doub N N 222 
MSE C   OXT  sing N N 223 
MSE OXT HXT  sing N N 224 
MSE CB  CG   sing N N 225 
MSE CB  HB2  sing N N 226 
MSE CB  HB3  sing N N 227 
MSE CG  SE   sing N N 228 
MSE CG  HG2  sing N N 229 
MSE CG  HG3  sing N N 230 
MSE SE  CE   sing N N 231 
MSE CE  HE1  sing N N 232 
MSE CE  HE2  sing N N 233 
MSE CE  HE3  sing N N 234 
PHE N   CA   sing N N 235 
PHE N   H    sing N N 236 
PHE N   H2   sing N N 237 
PHE CA  C    sing N N 238 
PHE CA  CB   sing N N 239 
PHE CA  HA   sing N N 240 
PHE C   O    doub N N 241 
PHE C   OXT  sing N N 242 
PHE CB  CG   sing N N 243 
PHE CB  HB2  sing N N 244 
PHE CB  HB3  sing N N 245 
PHE CG  CD1  doub Y N 246 
PHE CG  CD2  sing Y N 247 
PHE CD1 CE1  sing Y N 248 
PHE CD1 HD1  sing N N 249 
PHE CD2 CE2  doub Y N 250 
PHE CD2 HD2  sing N N 251 
PHE CE1 CZ   doub Y N 252 
PHE CE1 HE1  sing N N 253 
PHE CE2 CZ   sing Y N 254 
PHE CE2 HE2  sing N N 255 
PHE CZ  HZ   sing N N 256 
PHE OXT HXT  sing N N 257 
PRO N   CA   sing N N 258 
PRO N   CD   sing N N 259 
PRO N   H    sing N N 260 
PRO CA  C    sing N N 261 
PRO CA  CB   sing N N 262 
PRO CA  HA   sing N N 263 
PRO C   O    doub N N 264 
PRO C   OXT  sing N N 265 
PRO CB  CG   sing N N 266 
PRO CB  HB2  sing N N 267 
PRO CB  HB3  sing N N 268 
PRO CG  CD   sing N N 269 
PRO CG  HG2  sing N N 270 
PRO CG  HG3  sing N N 271 
PRO CD  HD2  sing N N 272 
PRO CD  HD3  sing N N 273 
PRO OXT HXT  sing N N 274 
SER N   CA   sing N N 275 
SER N   H    sing N N 276 
SER N   H2   sing N N 277 
SER CA  C    sing N N 278 
SER CA  CB   sing N N 279 
SER CA  HA   sing N N 280 
SER C   O    doub N N 281 
SER C   OXT  sing N N 282 
SER CB  OG   sing N N 283 
SER CB  HB2  sing N N 284 
SER CB  HB3  sing N N 285 
SER OG  HG   sing N N 286 
SER OXT HXT  sing N N 287 
THR N   CA   sing N N 288 
THR N   H    sing N N 289 
THR N   H2   sing N N 290 
THR CA  C    sing N N 291 
THR CA  CB   sing N N 292 
THR CA  HA   sing N N 293 
THR C   O    doub N N 294 
THR C   OXT  sing N N 295 
THR CB  OG1  sing N N 296 
THR CB  CG2  sing N N 297 
THR CB  HB   sing N N 298 
THR OG1 HG1  sing N N 299 
THR CG2 HG21 sing N N 300 
THR CG2 HG22 sing N N 301 
THR CG2 HG23 sing N N 302 
THR OXT HXT  sing N N 303 
TRP N   CA   sing N N 304 
TRP N   H    sing N N 305 
TRP N   H2   sing N N 306 
TRP CA  C    sing N N 307 
TRP CA  CB   sing N N 308 
TRP CA  HA   sing N N 309 
TRP C   O    doub N N 310 
TRP C   OXT  sing N N 311 
TRP CB  CG   sing N N 312 
TRP CB  HB2  sing N N 313 
TRP CB  HB3  sing N N 314 
TRP CG  CD1  doub Y N 315 
TRP CG  CD2  sing Y N 316 
TRP CD1 NE1  sing Y N 317 
TRP CD1 HD1  sing N N 318 
TRP CD2 CE2  doub Y N 319 
TRP CD2 CE3  sing Y N 320 
TRP NE1 CE2  sing Y N 321 
TRP NE1 HE1  sing N N 322 
TRP CE2 CZ2  sing Y N 323 
TRP CE3 CZ3  doub Y N 324 
TRP CE3 HE3  sing N N 325 
TRP CZ2 CH2  doub Y N 326 
TRP CZ2 HZ2  sing N N 327 
TRP CZ3 CH2  sing Y N 328 
TRP CZ3 HZ3  sing N N 329 
TRP CH2 HH2  sing N N 330 
TRP OXT HXT  sing N N 331 
TYR N   CA   sing N N 332 
TYR N   H    sing N N 333 
TYR N   H2   sing N N 334 
TYR CA  C    sing N N 335 
TYR CA  CB   sing N N 336 
TYR CA  HA   sing N N 337 
TYR C   O    doub N N 338 
TYR C   OXT  sing N N 339 
TYR CB  CG   sing N N 340 
TYR CB  HB2  sing N N 341 
TYR CB  HB3  sing N N 342 
TYR CG  CD1  doub Y N 343 
TYR CG  CD2  sing Y N 344 
TYR CD1 CE1  sing Y N 345 
TYR CD1 HD1  sing N N 346 
TYR CD2 CE2  doub Y N 347 
TYR CD2 HD2  sing N N 348 
TYR CE1 CZ   doub Y N 349 
TYR CE1 HE1  sing N N 350 
TYR CE2 CZ   sing Y N 351 
TYR CE2 HE2  sing N N 352 
TYR CZ  OH   sing N N 353 
TYR OH  HH   sing N N 354 
TYR OXT HXT  sing N N 355 
VAL N   CA   sing N N 356 
VAL N   H    sing N N 357 
VAL N   H2   sing N N 358 
VAL CA  C    sing N N 359 
VAL CA  CB   sing N N 360 
VAL CA  HA   sing N N 361 
VAL C   O    doub N N 362 
VAL C   OXT  sing N N 363 
VAL CB  CG1  sing N N 364 
VAL CB  CG2  sing N N 365 
VAL CB  HB   sing N N 366 
VAL CG1 HG11 sing N N 367 
VAL CG1 HG12 sing N N 368 
VAL CG1 HG13 sing N N 369 
VAL CG2 HG21 sing N N 370 
VAL CG2 HG22 sing N N 371 
VAL CG2 HG23 sing N N 372 
VAL OXT HXT  sing N N 373 
# 
_atom_sites.entry_id                    5YBX 
_atom_sites.fract_transf_matrix[1][1]   -0.01013132 
_atom_sites.fract_transf_matrix[1][2]   0.00234403 
_atom_sites.fract_transf_matrix[1][3]   -0.00186009 
_atom_sites.fract_transf_matrix[2][1]   -0.00071963 
_atom_sites.fract_transf_matrix[2][2]   0.00446538 
_atom_sites.fract_transf_matrix[2][3]   0.00954676 
_atom_sites.fract_transf_matrix[3][1]   0.00290457 
_atom_sites.fract_transf_matrix[3][2]   0.00928246 
_atom_sites.fract_transf_matrix[3][3]   -0.00412281 
_atom_sites.fract_transf_vector[1]      0.344460 
_atom_sites.fract_transf_vector[2]      0.609204 
_atom_sites.fract_transf_vector[3]      0.406534 
# 
loop_
_atom_type.symbol 
C  
N  
O  
S  
SE 
# 
loop_
_atom_site.group_PDB 
_atom_site.id 
_atom_site.type_symbol 
_atom_site.label_atom_id 
_atom_site.label_alt_id 
_atom_site.label_comp_id 
_atom_site.label_asym_id 
_atom_site.label_entity_id 
_atom_site.label_seq_id 
_atom_site.pdbx_PDB_ins_code 
_atom_site.Cartn_x 
_atom_site.Cartn_y 
_atom_site.Cartn_z 
_atom_site.occupancy 
_atom_site.B_iso_or_equiv 
_atom_site.pdbx_formal_charge 
_atom_site.auth_seq_id 
_atom_site.auth_comp_id 
_atom_site.auth_asym_id 
_atom_site.auth_atom_id 
_atom_site.pdbx_PDB_model_num 
ATOM   1    N  N   . LEU A 1 12  ? -10.768 10.174  9.625   1.00 83.01  ? 10  LEU A N   1 
ATOM   2    C  CA  . LEU A 1 12  ? -10.069 8.919   9.362   1.00 91.97  ? 10  LEU A CA  1 
ATOM   3    C  C   . LEU A 1 12  ? -10.444 7.844   10.371  1.00 99.79  ? 10  LEU A C   1 
ATOM   4    O  O   . LEU A 1 12  ? -10.394 8.076   11.580  1.00 109.86 ? 10  LEU A O   1 
ATOM   5    C  CB  . LEU A 1 12  ? -8.553  9.128   9.375   1.00 98.29  ? 10  LEU A CB  1 
ATOM   6    C  CG  . LEU A 1 12  ? -7.757  7.847   9.134   1.00 98.85  ? 10  LEU A CG  1 
ATOM   7    C  CD1 . LEU A 1 12  ? -7.389  7.696   7.673   1.00 89.75  ? 10  LEU A CD1 1 
ATOM   8    C  CD2 . LEU A 1 12  ? -6.516  7.797   10.011  1.00 80.11  ? 10  LEU A CD2 1 
ATOM   9    N  N   . PRO A 1 13  ? -10.815 6.665   9.870   1.00 103.29 ? 11  PRO A N   1 
ATOM   10   C  CA  . PRO A 1 13  ? -11.177 5.566   10.768  1.00 106.94 ? 11  PRO A CA  1 
ATOM   11   C  C   . PRO A 1 13  ? -10.056 5.222   11.736  1.00 112.25 ? 11  PRO A C   1 
ATOM   12   O  O   . PRO A 1 13  ? -8.871  5.463   11.483  1.00 112.41 ? 11  PRO A O   1 
ATOM   13   C  CB  . PRO A 1 13  ? -11.459 4.398   9.810   1.00 102.73 ? 11  PRO A CB  1 
ATOM   14   C  CG  . PRO A 1 13  ? -10.917 4.818   8.482   1.00 96.72  ? 11  PRO A CG  1 
ATOM   15   C  CD  . PRO A 1 13  ? -11.019 6.308   8.459   1.00 100.13 ? 11  PRO A CD  1 
ATOM   16   N  N   . ALA A 1 14  ? -10.461 4.660   12.878  1.00 113.53 ? 12  ALA A N   1 
ATOM   17   C  CA  . ALA A 1 14  ? -9.525  4.125   13.857  1.00 117.11 ? 12  ALA A CA  1 
ATOM   18   C  C   . ALA A 1 14  ? -9.822  2.666   14.188  1.00 123.82 ? 12  ALA A C   1 
ATOM   19   O  O   . ALA A 1 14  ? -9.302  2.154   15.186  1.00 114.35 ? 12  ALA A O   1 
ATOM   20   C  CB  . ALA A 1 14  ? -9.540  4.963   15.139  1.00 120.97 ? 12  ALA A CB  1 
ATOM   21   N  N   . GLU A 1 15  ? -10.646 1.992   13.392  1.00 123.35 ? 13  GLU A N   1 
ATOM   22   C  CA  . GLU A 1 15  ? -10.966 0.575   13.554  1.00 112.99 ? 13  GLU A CA  1 
ATOM   23   C  C   . GLU A 1 15  ? -10.002 -0.296  12.755  1.00 101.64 ? 13  GLU A C   1 
ATOM   24   O  O   . GLU A 1 15  ? -10.402 -1.208  12.028  1.00 101.33 ? 13  GLU A O   1 
ATOM   25   C  CB  . GLU A 1 15  ? -12.407 0.327   13.125  1.00 110.42 ? 13  GLU A CB  1 
ATOM   26   C  CG  . GLU A 1 15  ? -12.808 1.009   11.807  1.00 114.93 ? 13  GLU A CG  1 
ATOM   27   C  CD  . GLU A 1 15  ? -13.202 2.476   11.960  1.00 122.94 ? 13  GLU A CD  1 
ATOM   28   O  OE1 . GLU A 1 15  ? -12.693 3.148   12.880  1.00 114.60 ? 13  GLU A OE1 1 
ATOM   29   O  OE2 . GLU A 1 15  ? -14.010 2.953   11.135  1.00 125.73 ? 13  GLU A OE2 1 
ATOM   30   N  N   . ARG A 1 16  ? -8.711  -0.028  12.910  1.00 102.00 ? 14  ARG A N   1 
ATOM   31   C  CA  . ARG A 1 16  ? -7.740  -0.512  11.949  1.00 106.69 ? 14  ARG A CA  1 
ATOM   32   C  C   . ARG A 1 16  ? -7.460  -2.000  12.140  1.00 108.41 ? 14  ARG A C   1 
ATOM   33   O  O   . ARG A 1 16  ? -7.695  -2.582  13.206  1.00 109.45 ? 14  ARG A O   1 
ATOM   34   C  CB  . ARG A 1 16  ? -6.454  0.311   12.032  1.00 108.98 ? 14  ARG A CB  1 
ATOM   35   C  CG  . ARG A 1 16  ? -5.379  -0.229  12.949  1.00 104.04 ? 14  ARG A CG  1 
ATOM   36   C  CD  . ARG A 1 16  ? -4.091  0.552   12.736  1.00 97.36  ? 14  ARG A CD  1 
ATOM   37   N  NE  . ARG A 1 16  ? -2.993  0.024   13.537  1.00 101.25 ? 14  ARG A NE  1 
ATOM   38   N  N   . ASN A 1 17  ? -6.948  -2.609  11.075  1.00 104.35 ? 15  ASN A N   1 
ATOM   39   C  CA  . ASN A 1 17  ? -6.806  -4.058  11.008  1.00 97.34  ? 15  ASN A CA  1 
ATOM   40   C  C   . ASN A 1 17  ? -5.840  -4.567  12.077  1.00 95.69  ? 15  ASN A C   1 
ATOM   41   O  O   . ASN A 1 17  ? -4.750  -4.005  12.234  1.00 95.97  ? 15  ASN A O   1 
ATOM   42   C  CB  . ASN A 1 17  ? -6.330  -4.445  9.607   1.00 89.14  ? 15  ASN A CB  1 
ATOM   43   C  CG  . ASN A 1 17  ? -5.815  -5.861  9.525   1.00 90.21  ? 15  ASN A CG  1 
ATOM   44   O  OD1 . ASN A 1 17  ? -6.447  -6.795  9.996   1.00 93.44  ? 15  ASN A OD1 1 
ATOM   45   N  ND2 . ASN A 1 17  ? -4.660  -6.026  8.905   1.00 97.60  ? 15  ASN A ND2 1 
ATOM   46   N  N   . PRO A 1 18  ? -6.196  -5.620  12.821  1.00 98.81  ? 16  PRO A N   1 
ATOM   47   C  CA  . PRO A 1 18  ? -5.328  -6.078  13.922  1.00 98.88  ? 16  PRO A CA  1 
ATOM   48   C  C   . PRO A 1 18  ? -3.930  -6.501  13.502  1.00 95.10  ? 16  PRO A C   1 
ATOM   49   O  O   . PRO A 1 18  ? -3.053  -6.581  14.369  1.00 96.60  ? 16  PRO A O   1 
ATOM   50   C  CB  . PRO A 1 18  ? -6.108  -7.260  14.519  1.00 95.59  ? 16  PRO A CB  1 
ATOM   51   C  CG  . PRO A 1 18  ? -7.292  -7.485  13.633  1.00 101.54 ? 16  PRO A CG  1 
ATOM   52   C  CD  . PRO A 1 18  ? -7.543  -6.211  12.901  1.00 96.59  ? 16  PRO A CD  1 
ATOM   53   N  N   . LEU A 1 19  ? -3.681  -6.789  12.222  1.00 95.95  ? 17  LEU A N   1 
ATOM   54   C  CA  . LEU A 1 19  ? -2.317  -7.116  11.815  1.00 93.85  ? 17  LEU A CA  1 
ATOM   55   C  C   . LEU A 1 19  ? -1.368  -5.940  12.010  1.00 93.15  ? 17  LEU A C   1 
ATOM   56   O  O   . LEU A 1 19  ? -0.164  -6.152  12.191  1.00 86.92  ? 17  LEU A O   1 
ATOM   57   C  CB  . LEU A 1 19  ? -2.284  -7.578  10.353  1.00 95.88  ? 17  LEU A CB  1 
ATOM   58   C  CG  . LEU A 1 19  ? -0.932  -7.850  9.673   1.00 93.00  ? 17  LEU A CG  1 
ATOM   59   C  CD1 . LEU A 1 19  ? -0.401  -9.217  10.069  1.00 86.89  ? 17  LEU A CD1 1 
ATOM   60   C  CD2 . LEU A 1 19  ? -1.055  -7.736  8.160   1.00 79.58  ? 17  LEU A CD2 1 
ATOM   61   N  N   . TYR A 1 20  ? -1.886  -4.723  12.007  1.00 93.23  ? 18  TYR A N   1 
ATOM   62   C  CA  . TYR A 1 20  ? -1.042  -3.560  12.236  1.00 101.43 ? 18  TYR A CA  1 
ATOM   63   C  C   . TYR A 1 20  ? -1.188  -3.017  13.659  1.00 106.60 ? 18  TYR A C   1 
ATOM   64   O  O   . TYR A 1 20  ? -1.100  -1.819  13.887  1.00 98.88  ? 18  TYR A O   1 
ATOM   65   C  CB  . TYR A 1 20  ? -1.352  -2.449  11.237  1.00 90.83  ? 18  TYR A CB  1 
ATOM   66   C  CG  . TYR A 1 20  ? -1.548  -2.880  9.808   1.00 92.80  ? 18  TYR A CG  1 
ATOM   67   C  CD1 . TYR A 1 20  ? -0.518  -3.418  9.073   1.00 89.10  ? 18  TYR A CD1 1 
ATOM   68   C  CD2 . TYR A 1 20  ? -2.758  -2.710  9.187   1.00 90.42  ? 18  TYR A CD2 1 
ATOM   69   C  CE1 . TYR A 1 20  ? -0.705  -3.793  7.760   1.00 88.84  ? 18  TYR A CE1 1 
ATOM   70   C  CE2 . TYR A 1 20  ? -2.949  -3.081  7.881   1.00 87.54  ? 18  TYR A CE2 1 
ATOM   71   C  CZ  . TYR A 1 20  ? -1.924  -3.624  7.172   1.00 93.02  ? 18  TYR A CZ  1 
ATOM   72   O  OH  . TYR A 1 20  ? -2.144  -3.990  5.872   1.00 77.39  ? 18  TYR A OH  1 
ATOM   73   N  N   . LYS A 1 21  ? -1.420  -3.904  14.614  1.00 108.03 ? 19  LYS A N   1 
ATOM   74   C  CA  . LYS A 1 21  ? -1.538  -3.501  16.002  1.00 109.55 ? 19  LYS A CA  1 
ATOM   75   C  C   . LYS A 1 21  ? -0.206  -2.956  16.456  1.00 114.80 ? 19  LYS A C   1 
ATOM   76   O  O   . LYS A 1 21  ? -0.064  -1.785  16.771  1.00 113.78 ? 19  LYS A O   1 
ATOM   77   C  CB  . LYS A 1 21  ? -1.929  -4.698  16.858  1.00 101.70 ? 19  LYS A CB  1 
ATOM   78   C  CG  . LYS A 1 21  ? -2.039  -4.404  18.343  1.00 109.54 ? 19  LYS A CG  1 
ATOM   79   C  CD  . LYS A 1 21  ? -3.473  -4.111  18.755  1.00 110.64 ? 19  LYS A CD  1 
ATOM   80   C  CE  . LYS A 1 21  ? -3.797  -4.668  20.130  1.00 100.09 ? 19  LYS A CE  1 
ATOM   81   N  NZ  . LYS A 1 21  ? -3.268  -3.814  21.224  1.00 101.48 ? 19  LYS A NZ  1 
ATOM   82   N  N   . ASP A 1 22  ? 0.781   -3.830  16.467  1.00 114.08 ? 20  ASP A N   1 
ATOM   83   C  CA  . ASP A 1 22  ? 2.134   -3.452  16.776  1.00 110.52 ? 20  ASP A CA  1 
ATOM   84   C  C   . ASP A 1 22  ? 2.805   -2.846  15.567  1.00 118.10 ? 20  ASP A C   1 
ATOM   85   O  O   . ASP A 1 22  ? 3.069   -3.527  14.591  1.00 122.34 ? 20  ASP A O   1 
ATOM   86   C  CB  . ASP A 1 22  ? 2.914   -4.682  17.212  1.00 107.70 ? 20  ASP A CB  1 
ATOM   87   N  N   . ASP A 1 23  ? 3.147   -1.567  15.669  1.00 115.55 ? 21  ASP A N   1 
ATOM   88   C  CA  . ASP A 1 23  ? 3.999   -0.879  14.698  1.00 117.68 ? 21  ASP A CA  1 
ATOM   89   C  C   . ASP A 1 23  ? 5.484   -0.985  15.050  1.00 117.92 ? 21  ASP A C   1 
ATOM   90   O  O   . ASP A 1 23  ? 6.315   -0.357  14.423  1.00 118.24 ? 21  ASP A O   1 
ATOM   91   C  CB  . ASP A 1 23  ? 3.593   0.594   14.651  1.00 113.11 ? 21  ASP A CB  1 
ATOM   92   C  CG  . ASP A 1 23  ? 4.097   1.312   13.431  1.00 107.68 ? 21  ASP A CG  1 
ATOM   93   O  OD1 . ASP A 1 23  ? 5.260   1.727   13.415  1.00 113.07 ? 21  ASP A OD1 1 
ATOM   94   O  OD2 . ASP A 1 23  ? 3.317   1.510   12.494  1.00 98.61  ? 21  ASP A OD2 1 
ATOM   95   N  N   . THR A 1 24  ? 5.808   -1.776  16.065  1.00 118.29 ? 22  THR A N   1 
ATOM   96   C  CA  . THR A 1 24  ? 7.156   -1.951  16.551  1.00 115.13 ? 22  THR A CA  1 
ATOM   97   C  C   . THR A 1 24  ? 7.974   -2.813  15.611  1.00 117.35 ? 22  THR A C   1 
ATOM   98   O  O   . THR A 1 24  ? 9.189   -2.711  15.582  1.00 118.31 ? 22  THR A O   1 
ATOM   99   C  CB  . THR A 1 24  ? 7.109   -2.640  17.914  1.00 114.73 ? 22  THR A CB  1 
ATOM   100  O  OG1 . THR A 1 24  ? 8.389   -3.181  18.242  1.00 113.77 ? 22  THR A OG1 1 
ATOM   101  C  CG2 . THR A 1 24  ? 6.115   -3.757  17.877  1.00 112.12 ? 22  THR A CG2 1 
ATOM   102  N  N   . LEU A 1 25  ? 7.301   -3.669  14.855  1.00 115.65 ? 23  LEU A N   1 
ATOM   103  C  CA  . LEU A 1 25  ? 7.912   -4.831  14.227  1.00 109.91 ? 23  LEU A CA  1 
ATOM   104  C  C   . LEU A 1 25  ? 9.059   -4.457  13.322  1.00 110.44 ? 23  LEU A C   1 
ATOM   105  O  O   . LEU A 1 25  ? 9.005   -3.449  12.638  1.00 109.19 ? 23  LEU A O   1 
ATOM   106  C  CB  . LEU A 1 25  ? 6.866   -5.562  13.403  1.00 104.22 ? 23  LEU A CB  1 
ATOM   107  C  CG  . LEU A 1 25  ? 7.031   -7.064  13.301  1.00 106.78 ? 23  LEU A CG  1 
ATOM   108  C  CD1 . LEU A 1 25  ? 7.605   -7.451  11.949  1.00 98.33  ? 23  LEU A CD1 1 
ATOM   109  C  CD2 . LEU A 1 25  ? 7.935   -7.531  14.423  1.00 107.62 ? 23  LEU A CD2 1 
ATOM   110  N  N   . ASP A 1 26  ? 10.097  -5.281  13.287  1.00 113.43 ? 24  ASP A N   1 
ATOM   111  C  CA  . ASP A 1 26  ? 11.200  -5.002  12.385  1.00 110.11 ? 24  ASP A CA  1 
ATOM   112  C  C   . ASP A 1 26  ? 10.824  -5.381  10.979  1.00 109.19 ? 24  ASP A C   1 
ATOM   113  O  O   . ASP A 1 26  ? 10.420  -6.500  10.713  1.00 105.89 ? 24  ASP A O   1 
ATOM   114  C  CB  . ASP A 1 26  ? 12.450  -5.750  12.792  1.00 103.46 ? 24  ASP A CB  1 
ATOM   115  C  CG  . ASP A 1 26  ? 12.166  -7.154  13.151  1.00 106.83 ? 24  ASP A CG  1 
ATOM   116  O  OD1 . ASP A 1 26  ? 11.045  -7.403  13.606  1.00 113.19 ? 24  ASP A OD1 1 
ATOM   117  O  OD2 . ASP A 1 26  ? 13.051  -8.005  12.983  1.00 101.30 ? 24  ASP A OD2 1 
ATOM   118  N  N   . HIS A 1 27  ? 10.969  -4.422  10.081  1.00 112.75 ? 25  HIS A N   1 
ATOM   119  C  CA  . HIS A 1 27  ? 10.496  -4.570  8.708   1.00 109.17 ? 25  HIS A CA  1 
ATOM   120  C  C   . HIS A 1 27  ? 11.139  -5.752  7.992   1.00 105.59 ? 25  HIS A C   1 
ATOM   121  O  O   . HIS A 1 27  ? 10.549  -6.295  7.050   1.00 101.50 ? 25  HIS A O   1 
ATOM   122  C  CB  . HIS A 1 27  ? 10.769  -3.287  7.922   1.00 107.59 ? 25  HIS A CB  1 
ATOM   123  C  CG  . HIS A 1 27  ? 12.176  -3.177  7.422   1.00 106.25 ? 25  HIS A CG  1 
ATOM   124  N  ND1 . HIS A 1 27  ? 13.188  -2.607  8.164   1.00 109.95 ? 25  HIS A ND1 1 
ATOM   125  C  CD2 . HIS A 1 27  ? 12.740  -3.569  6.255   1.00 104.29 ? 25  HIS A CD2 1 
ATOM   126  C  CE1 . HIS A 1 27  ? 14.315  -2.651  7.475   1.00 108.09 ? 25  HIS A CE1 1 
ATOM   127  N  NE2 . HIS A 1 27  ? 14.070  -3.231  6.313   1.00 109.19 ? 25  HIS A NE2 1 
ATOM   128  N  N   . THR A 1 28  ? 12.331  -6.167  8.419   1.00 107.81 ? 26  THR A N   1 
ATOM   129  C  CA  . THR A 1 28  ? 13.140  -7.063  7.593   1.00 109.04 ? 26  THR A CA  1 
ATOM   130  C  C   . THR A 1 28  ? 12.526  -8.442  7.346   1.00 94.07  ? 26  THR A C   1 
ATOM   131  O  O   . THR A 1 28  ? 12.676  -8.949  6.220   1.00 95.24  ? 26  THR A O   1 
ATOM   132  C  CB  . THR A 1 28  ? 14.549  -7.191  8.196   1.00 105.44 ? 26  THR A CB  1 
ATOM   133  O  OG1 . THR A 1 28  ? 14.563  -8.193  9.219   1.00 93.74  ? 26  THR A OG1 1 
ATOM   134  C  CG2 . THR A 1 28  ? 14.994  -5.864  8.794   1.00 110.28 ? 26  THR A CG2 1 
ATOM   135  N  N   . PRO A 1 29  ? 11.850  -9.102  8.298   1.00 85.48  ? 27  PRO A N   1 
ATOM   136  C  CA  . PRO A 1 29  ? 11.323  -10.447 8.001   1.00 90.86  ? 27  PRO A CA  1 
ATOM   137  C  C   . PRO A 1 29  ? 10.248  -10.481 6.924   1.00 95.83  ? 27  PRO A C   1 
ATOM   138  O  O   . PRO A 1 29  ? 9.931   -11.570 6.427   1.00 91.39  ? 27  PRO A O   1 
ATOM   139  C  CB  . PRO A 1 29  ? 10.768  -10.916 9.354   1.00 94.01  ? 27  PRO A CB  1 
ATOM   140  C  CG  . PRO A 1 29  ? 10.539  -9.672  10.126  1.00 94.89  ? 27  PRO A CG  1 
ATOM   141  C  CD  . PRO A 1 29  ? 11.647  -8.763  9.718   1.00 92.77  ? 27  PRO A CD  1 
ATOM   142  N  N   . LEU A 1 30  ? 9.679   -9.339  6.543   1.00 92.11  ? 28  LEU A N   1 
ATOM   143  C  CA  . LEU A 1 30  ? 8.603   -9.309  5.561   1.00 89.10  ? 28  LEU A CA  1 
ATOM   144  C  C   . LEU A 1 30  ? 9.097   -9.116  4.133   1.00 93.83  ? 28  LEU A C   1 
ATOM   145  O  O   . LEU A 1 30  ? 8.325   -9.330  3.192   1.00 93.23  ? 28  LEU A O   1 
ATOM   146  C  CB  . LEU A 1 30  ? 7.605   -8.203  5.915   1.00 87.87  ? 28  LEU A CB  1 
ATOM   147  C  CG  . LEU A 1 30  ? 6.895   -8.401  7.256   1.00 88.95  ? 28  LEU A CG  1 
ATOM   148  C  CD1 . LEU A 1 30  ? 6.147   -7.146  7.681   1.00 85.01  ? 28  LEU A CD1 1 
ATOM   149  C  CD2 . LEU A 1 30  ? 5.951   -9.594  7.187   1.00 81.59  ? 28  LEU A CD2 1 
ATOM   150  N  N   . ILE A 1 31  ? 10.355  -8.728  3.953   1.00 86.30  ? 29  ILE A N   1 
ATOM   151  C  CA  . ILE A 1 31  ? 10.971  -8.539  2.641   1.00 84.22  ? 29  ILE A CA  1 
ATOM   152  C  C   . ILE A 1 31  ? 10.826  -9.776  1.751   1.00 89.56  ? 29  ILE A C   1 
ATOM   153  O  O   . ILE A 1 31  ? 10.469  -9.623  0.574   1.00 83.67  ? 29  ILE A O   1 
ATOM   154  C  CB  . ILE A 1 31  ? 12.448  -8.131  2.793   1.00 78.02  ? 29  ILE A CB  1 
ATOM   155  C  CG1 . ILE A 1 31  ? 12.541  -6.728  3.404   1.00 83.66  ? 29  ILE A CG1 1 
ATOM   156  C  CG2 . ILE A 1 31  ? 13.169  -8.191  1.452   1.00 98.04  ? 29  ILE A CG2 1 
ATOM   157  C  CD1 . ILE A 1 31  ? 13.899  -6.061  3.253   1.00 92.51  ? 29  ILE A CD1 1 
ATOM   158  N  N   . PRO A 1 32  ? 11.067  -11.005 2.236   1.00 88.23  ? 30  PRO A N   1 
ATOM   159  C  CA  . PRO A 1 32  ? 11.050  -12.147 1.299   1.00 82.41  ? 30  PRO A CA  1 
ATOM   160  C  C   . PRO A 1 32  ? 9.680   -12.475 0.728   1.00 83.30  ? 30  PRO A C   1 
ATOM   161  O  O   . PRO A 1 32  ? 9.585   -12.792 -0.464  1.00 89.66  ? 30  PRO A O   1 
ATOM   162  C  CB  . PRO A 1 32  ? 11.600  -13.300 2.148   1.00 77.88  ? 30  PRO A CB  1 
ATOM   163  C  CG  . PRO A 1 32  ? 11.286  -12.925 3.534   1.00 88.27  ? 30  PRO A CG  1 
ATOM   164  C  CD  . PRO A 1 32  ? 11.474  -11.442 3.586   1.00 85.33  ? 30  PRO A CD  1 
ATOM   165  N  N   . LYS A 1 33  ? 8.614   -12.420 1.530   1.00 82.34  ? 31  LYS A N   1 
ATOM   166  C  CA  . LYS A 1 33  ? 7.302   -12.833 1.042   1.00 84.03  ? 31  LYS A CA  1 
ATOM   167  C  C   . LYS A 1 33  ? 6.685   -11.791 0.114   1.00 81.56  ? 31  LYS A C   1 
ATOM   168  O  O   . LYS A 1 33  ? 5.484   -11.837 -0.172  1.00 82.68  ? 31  LYS A O   1 
ATOM   169  C  CB  . LYS A 1 33  ? 6.358   -13.139 2.209   1.00 73.75  ? 31  LYS A CB  1 
ATOM   170  C  CG  . LYS A 1 33  ? 6.356   -12.117 3.330   1.00 88.66  ? 31  LYS A CG  1 
ATOM   171  C  CD  . LYS A 1 33  ? 5.440   -12.570 4.460   1.00 81.58  ? 31  LYS A CD  1 
ATOM   172  C  CE  . LYS A 1 33  ? 5.972   -13.833 5.127   1.00 85.52  ? 31  LYS A CE  1 
ATOM   173  N  NZ  . LYS A 1 33  ? 5.170   -14.224 6.320   1.00 85.38  ? 31  LYS A NZ  1 
ATOM   174  N  N   . CYS A 1 34  ? 7.499   -10.845 -0.349  1.00 79.17  ? 32  CYS A N   1 
ATOM   175  C  CA  . CYS A 1 34  ? 7.122   -9.988  -1.461  1.00 78.07  ? 32  CYS A CA  1 
ATOM   176  C  C   . CYS A 1 34  ? 7.413   -10.700 -2.775  1.00 84.47  ? 32  CYS A C   1 
ATOM   177  O  O   . CYS A 1 34  ? 8.447   -11.358 -2.925  1.00 85.63  ? 32  CYS A O   1 
ATOM   178  C  CB  . CYS A 1 34  ? 7.875   -8.658  -1.401  1.00 64.02  ? 32  CYS A CB  1 
ATOM   179  S  SG  . CYS A 1 34  ? 7.513   -7.661  0.065   1.00 79.83  ? 32  CYS A SG  1 
ATOM   180  N  N   . ARG A 1 35  ? 6.489   -10.580 -3.727  1.00 78.27  ? 33  ARG A N   1 
ATOM   181  C  CA  . ARG A 1 35  ? 6.574   -11.309 -4.983  1.00 64.13  ? 33  ARG A CA  1 
ATOM   182  C  C   . ARG A 1 35  ? 6.420   -10.353 -6.154  1.00 70.12  ? 33  ARG A C   1 
ATOM   183  O  O   . ARG A 1 35  ? 5.596   -9.435  -6.115  1.00 68.50  ? 33  ARG A O   1 
ATOM   184  C  CB  . ARG A 1 35  ? 5.507   -12.409 -5.054  1.00 70.56  ? 33  ARG A CB  1 
ATOM   185  C  CG  . ARG A 1 35  ? 5.574   -13.395 -3.898  1.00 92.37  ? 33  ARG A CG  1 
ATOM   186  C  CD  . ARG A 1 35  ? 6.649   -14.447 -4.133  1.00 93.38  ? 33  ARG A CD  1 
ATOM   187  N  NE  . ARG A 1 35  ? 7.154   -15.005 -2.882  1.00 96.36  ? 33  ARG A NE  1 
ATOM   188  C  CZ  . ARG A 1 35  ? 6.787   -16.180 -2.382  1.00 99.96  ? 33  ARG A CZ  1 
ATOM   189  N  NH1 . ARG A 1 35  ? 5.903   -16.931 -3.024  1.00 104.77 ? 33  ARG A NH1 1 
ATOM   190  N  NH2 . ARG A 1 35  ? 7.303   -16.603 -1.235  1.00 99.25  ? 33  ARG A NH2 1 
ATOM   191  N  N   . ALA A 1 36  ? 7.219   -10.576 -7.195  1.00 68.61  ? 34  ALA A N   1 
ATOM   192  C  CA  . ALA A 1 36  ? 7.185   -9.749  -8.391  1.00 73.41  ? 34  ALA A CA  1 
ATOM   193  C  C   . ALA A 1 36  ? 6.212   -10.330 -9.408  1.00 59.07  ? 34  ALA A C   1 
ATOM   194  O  O   . ALA A 1 36  ? 6.083   -11.550 -9.539  1.00 68.84  ? 34  ALA A O   1 
ATOM   195  C  CB  . ALA A 1 36  ? 8.579   -9.633  -9.008  1.00 60.58  ? 34  ALA A CB  1 
ATOM   196  N  N   . GLN A 1 37  ? 5.529   -9.444  -10.129 1.00 62.81  ? 35  GLN A N   1 
ATOM   197  C  CA  . GLN A 1 37  ? 4.565   -9.847  -11.144 1.00 60.02  ? 35  GLN A CA  1 
ATOM   198  C  C   . GLN A 1 37  ? 4.557   -8.803  -12.249 1.00 59.44  ? 35  GLN A C   1 
ATOM   199  O  O   . GLN A 1 37  ? 4.423   -7.608  -11.973 1.00 63.80  ? 35  GLN A O   1 
ATOM   200  C  CB  . GLN A 1 37  ? 3.161   -10.000 -10.547 1.00 62.11  ? 35  GLN A CB  1 
ATOM   201  C  CG  . GLN A 1 37  ? 2.074   -10.304 -11.569 1.00 69.53  ? 35  GLN A CG  1 
ATOM   202  C  CD  . GLN A 1 37  ? 2.132   -11.729 -12.084 1.00 79.29  ? 35  GLN A CD  1 
ATOM   203  O  OE1 . GLN A 1 37  ? 2.364   -12.668 -11.321 1.00 80.23  ? 35  GLN A OE1 1 
ATOM   204  N  NE2 . GLN A 1 37  ? 1.923   -11.898 -13.385 1.00 69.73  ? 35  GLN A NE2 1 
ATOM   205  N  N   . VAL A 1 38  ? 4.709   -9.255  -13.491 1.00 58.36  ? 36  VAL A N   1 
ATOM   206  C  CA  . VAL A 1 38  ? 4.658   -8.381  -14.658 1.00 61.08  ? 36  VAL A CA  1 
ATOM   207  C  C   . VAL A 1 38  ? 3.268   -8.464  -15.267 1.00 67.43  ? 36  VAL A C   1 
ATOM   208  O  O   . VAL A 1 38  ? 2.679   -9.550  -15.360 1.00 62.25  ? 36  VAL A O   1 
ATOM   209  C  CB  . VAL A 1 38  ? 5.740   -8.751  -15.691 1.00 62.11  ? 36  VAL A CB  1 
ATOM   210  C  CG1 . VAL A 1 38  ? 5.678   -7.815  -16.887 1.00 52.55  ? 36  VAL A CG1 1 
ATOM   211  C  CG2 . VAL A 1 38  ? 7.114   -8.696  -15.058 1.00 70.14  ? 36  VAL A CG2 1 
ATOM   212  N  N   . ILE A 1 39  ? 2.735   -7.314  -15.670 1.00 56.38  ? 37  ILE A N   1 
ATOM   213  C  CA  . ILE A 1 39  ? 1.424   -7.220  -16.296 1.00 58.26  ? 37  ILE A CA  1 
ATOM   214  C  C   . ILE A 1 39  ? 1.577   -6.451  -17.598 1.00 56.26  ? 37  ILE A C   1 
ATOM   215  O  O   . ILE A 1 39  ? 2.134   -5.349  -17.611 1.00 58.37  ? 37  ILE A O   1 
ATOM   216  C  CB  . ILE A 1 39  ? 0.400   -6.533  -15.374 1.00 59.14  ? 37  ILE A CB  1 
ATOM   217  C  CG1 . ILE A 1 39  ? 0.215   -7.346  -14.091 1.00 61.49  ? 37  ILE A CG1 1 
ATOM   218  C  CG2 . ILE A 1 39  ? -0.927  -6.346  -16.092 1.00 57.05  ? 37  ILE A CG2 1 
ATOM   219  C  CD1 . ILE A 1 39  ? -0.741  -6.722  -13.112 1.00 68.07  ? 37  ILE A CD1 1 
ATOM   220  N  N   . GLU A 1 40  ? 1.088   -7.032  -18.690 1.00 69.09  ? 38  GLU A N   1 
ATOM   221  C  CA  . GLU A 1 40  ? 1.200   -6.405  -20.000 1.00 66.21  ? 38  GLU A CA  1 
ATOM   222  C  C   . GLU A 1 40  ? 0.152   -5.307  -20.138 1.00 66.25  ? 38  GLU A C   1 
ATOM   223  O  O   . GLU A 1 40  ? -1.048  -5.564  -20.000 1.00 68.77  ? 38  GLU A O   1 
ATOM   224  C  CB  . GLU A 1 40  ? 1.040   -7.446  -21.105 1.00 69.79  ? 38  GLU A CB  1 
ATOM   225  C  CG  . GLU A 1 40  ? 1.292   -6.907  -22.504 1.00 68.10  ? 38  GLU A CG  1 
ATOM   226  C  CD  . GLU A 1 40  ? 2.757   -6.613  -22.758 1.00 79.56  ? 38  GLU A CD  1 
ATOM   227  O  OE1 . GLU A 1 40  ? 3.615   -7.247  -22.108 1.00 83.05  ? 38  GLU A OE1 1 
ATOM   228  O  OE2 . GLU A 1 40  ? 3.053   -5.745  -23.606 1.00 86.37  ? 38  GLU A OE2 1 
ATOM   229  N  N   . PHE A 1 41  ? 0.608   -4.088  -20.399 1.00 72.91  ? 39  PHE A N   1 
ATOM   230  C  CA  . PHE A 1 41  ? -0.238  -2.941  -20.682 1.00 64.25  ? 39  PHE A CA  1 
ATOM   231  C  C   . PHE A 1 41  ? -0.095  -2.533  -22.144 1.00 70.48  ? 39  PHE A C   1 
ATOM   232  O  O   . PHE A 1 41  ? 0.844   -2.957  -22.825 1.00 72.34  ? 39  PHE A O   1 
ATOM   233  C  CB  . PHE A 1 41  ? 0.130   -1.759  -19.774 1.00 66.84  ? 39  PHE A CB  1 
ATOM   234  C  CG  . PHE A 1 41  ? -0.284  -1.944  -18.341 1.00 68.58  ? 39  PHE A CG  1 
ATOM   235  C  CD1 . PHE A 1 41  ? -1.603  -1.761  -17.960 1.00 63.92  ? 39  PHE A CD1 1 
ATOM   236  C  CD2 . PHE A 1 41  ? 0.646   -2.289  -17.375 1.00 70.87  ? 39  PHE A CD2 1 
ATOM   237  C  CE1 . PHE A 1 41  ? -1.989  -1.927  -16.643 1.00 55.48  ? 39  PHE A CE1 1 
ATOM   238  C  CE2 . PHE A 1 41  ? 0.267   -2.455  -16.056 1.00 65.90  ? 39  PHE A CE2 1 
ATOM   239  C  CZ  . PHE A 1 41  ? -1.052  -2.274  -15.690 1.00 62.86  ? 39  PHE A CZ  1 
ATOM   240  N  N   . PRO A 1 42  ? -1.028  -1.729  -22.672 1.00 78.79  ? 40  PRO A N   1 
ATOM   241  C  CA  . PRO A 1 42  ? -0.879  -1.278  -24.068 1.00 62.91  ? 40  PRO A CA  1 
ATOM   242  C  C   . PRO A 1 42  ? 0.430   -0.555  -24.338 1.00 77.67  ? 40  PRO A C   1 
ATOM   243  O  O   . PRO A 1 42  ? 0.986   -0.686  -25.435 1.00 80.23  ? 40  PRO A O   1 
ATOM   244  C  CB  . PRO A 1 42  ? -2.092  -0.361  -24.266 1.00 60.43  ? 40  PRO A CB  1 
ATOM   245  C  CG  . PRO A 1 42  ? -3.107  -0.885  -23.320 1.00 63.84  ? 40  PRO A CG  1 
ATOM   246  C  CD  . PRO A 1 42  ? -2.342  -1.359  -22.115 1.00 68.75  ? 40  PRO A CD  1 
ATOM   247  N  N   . ASP A 1 43  ? 0.945   0.198   -23.368 1.00 81.32  ? 41  ASP A N   1 
ATOM   248  C  CA  . ASP A 1 43  ? 2.188   0.937   -23.544 1.00 69.19  ? 41  ASP A CA  1 
ATOM   249  C  C   . ASP A 1 43  ? 3.426   0.114   -23.216 1.00 69.02  ? 41  ASP A C   1 
ATOM   250  O  O   . ASP A 1 43  ? 4.539   0.647   -23.280 1.00 73.44  ? 41  ASP A O   1 
ATOM   251  C  CB  . ASP A 1 43  ? 2.177   2.214   -22.693 1.00 69.78  ? 41  ASP A CB  1 
ATOM   252  C  CG  . ASP A 1 43  ? 2.290   1.935   -21.201 1.00 87.96  ? 41  ASP A CG  1 
ATOM   253  O  OD1 . ASP A 1 43  ? 2.007   0.797   -20.769 1.00 78.27  ? 41  ASP A OD1 1 
ATOM   254  O  OD2 . ASP A 1 43  ? 2.664   2.865   -20.458 1.00 96.96  ? 41  ASP A OD2 1 
ATOM   255  N  N   . GLY A 1 44  ? 3.265   -1.158  -22.864 1.00 71.43  ? 42  GLY A N   1 
ATOM   256  C  CA  . GLY A 1 44  ? 4.388   -2.009  -22.547 1.00 68.81  ? 42  GLY A CA  1 
ATOM   257  C  C   . GLY A 1 44  ? 4.207   -2.728  -21.227 1.00 65.46  ? 42  GLY A C   1 
ATOM   258  O  O   . GLY A 1 44  ? 3.365   -2.361  -20.401 1.00 62.43  ? 42  GLY A O   1 
ATOM   259  N  N   . PRO A 1 45  ? 5.000   -3.773  -21.002 1.00 70.82  ? 43  PRO A N   1 
ATOM   260  C  CA  . PRO A 1 45  ? 4.882   -4.528  -19.750 1.00 62.78  ? 43  PRO A CA  1 
ATOM   261  C  C   . PRO A 1 45  ? 5.389   -3.720  -18.567 1.00 64.63  ? 43  PRO A C   1 
ATOM   262  O  O   . PRO A 1 45  ? 6.335   -2.935  -18.676 1.00 62.95  ? 43  PRO A O   1 
ATOM   263  C  CB  . PRO A 1 45  ? 5.755   -5.762  -20.001 1.00 62.59  ? 43  PRO A CB  1 
ATOM   264  C  CG  . PRO A 1 45  ? 6.787   -5.280  -20.971 1.00 56.84  ? 43  PRO A CG  1 
ATOM   265  C  CD  . PRO A 1 45  ? 6.080   -4.288  -21.862 1.00 73.08  ? 43  PRO A CD  1 
ATOM   266  N  N   . ALA A 1 46  ? 4.742   -3.922  -17.422 1.00 67.49  ? 44  ALA A N   1 
ATOM   267  C  CA  . ALA A 1 46  ? 5.056   -3.188  -16.204 1.00 59.73  ? 44  ALA A CA  1 
ATOM   268  C  C   . ALA A 1 46  ? 5.168   -4.158  -15.040 1.00 67.75  ? 44  ALA A C   1 
ATOM   269  O  O   . ALA A 1 46  ? 4.397   -5.117  -14.939 1.00 65.31  ? 44  ALA A O   1 
ATOM   270  C  CB  . ALA A 1 46  ? 3.995   -2.126  -15.903 1.00 46.51  ? 44  ALA A CB  1 
ATOM   271  N  N   . THR A 1 47  ? 6.126   -3.895  -14.157 1.00 61.47  ? 45  THR A N   1 
ATOM   272  C  CA  . THR A 1 47  ? 6.445   -4.781  -13.048 1.00 62.22  ? 45  THR A CA  1 
ATOM   273  C  C   . THR A 1 47  ? 5.845   -4.247  -11.753 1.00 66.16  ? 45  THR A C   1 
ATOM   274  O  O   . THR A 1 47  ? 5.907   -3.046  -11.475 1.00 64.30  ? 45  THR A O   1 
ATOM   275  C  CB  . THR A 1 47  ? 7.960   -4.932  -12.899 1.00 55.92  ? 45  THR A CB  1 
ATOM   276  O  OG1 . THR A 1 47  ? 8.542   -5.206  -14.180 1.00 64.27  ? 45  THR A OG1 1 
ATOM   277  C  CG2 . THR A 1 47  ? 8.299   -6.059  -11.935 1.00 64.22  ? 45  THR A CG2 1 
ATOM   278  N  N   . PHE A 1 48  ? 5.267   -5.151  -10.962 1.00 60.02  ? 46  PHE A N   1 
ATOM   279  C  CA  . PHE A 1 48  ? 4.676   -4.824  -9.673  1.00 55.76  ? 46  PHE A CA  1 
ATOM   280  C  C   . PHE A 1 48  ? 5.231   -5.754  -8.605  1.00 62.99  ? 46  PHE A C   1 
ATOM   281  O  O   . PHE A 1 48  ? 5.487   -6.932  -8.868  1.00 67.25  ? 46  PHE A O   1 
ATOM   282  C  CB  . PHE A 1 48  ? 3.147   -4.940  -9.703  1.00 40.23  ? 46  PHE A CB  1 
ATOM   283  C  CG  . PHE A 1 48  ? 2.480   -3.960  -10.621 1.00 57.96  ? 46  PHE A CG  1 
ATOM   284  C  CD1 . PHE A 1 48  ? 2.332   -4.241  -11.969 1.00 50.57  ? 46  PHE A CD1 1 
ATOM   285  C  CD2 . PHE A 1 48  ? 1.994   -2.758  -10.133 1.00 52.83  ? 46  PHE A CD2 1 
ATOM   286  C  CE1 . PHE A 1 48  ? 1.716   -3.339  -12.815 1.00 52.39  ? 46  PHE A CE1 1 
ATOM   287  C  CE2 . PHE A 1 48  ? 1.377   -1.853  -10.973 1.00 56.02  ? 46  PHE A CE2 1 
ATOM   288  C  CZ  . PHE A 1 48  ? 1.237   -2.143  -12.316 1.00 54.76  ? 46  PHE A CZ  1 
ATOM   289  N  N   . VAL A 1 49  ? 5.410   -5.219  -7.401  1.00 66.30  ? 47  VAL A N   1 
ATOM   290  C  CA  . VAL A 1 49  ? 5.827   -5.994  -6.238  1.00 71.97  ? 47  VAL A CA  1 
ATOM   291  C  C   . VAL A 1 49  ? 4.667   -6.021  -5.254  1.00 71.43  ? 47  VAL A C   1 
ATOM   292  O  O   . VAL A 1 49  ? 4.170   -4.965  -4.846  1.00 70.28  ? 47  VAL A O   1 
ATOM   293  C  CB  . VAL A 1 49  ? 7.090   -5.404  -5.586  1.00 68.83  ? 47  VAL A CB  1 
ATOM   294  C  CG1 . VAL A 1 49  ? 7.659   -6.375  -4.561  1.00 58.67  ? 47  VAL A CG1 1 
ATOM   295  C  CG2 . VAL A 1 49  ? 8.130   -5.061  -6.645  1.00 69.13  ? 47  VAL A CG2 1 
ATOM   296  N  N   . ARG A 1 50  ? 4.233   -7.220  -4.881  1.00 70.17  ? 48  ARG A N   1 
ATOM   297  C  CA  . ARG A 1 50  ? 3.103   -7.399  -3.982  1.00 66.42  ? 48  ARG A CA  1 
ATOM   298  C  C   . ARG A 1 50  ? 3.569   -7.931  -2.634  1.00 74.19  ? 48  ARG A C   1 
ATOM   299  O  O   . ARG A 1 50  ? 4.673   -8.463  -2.498  1.00 78.68  ? 48  ARG A O   1 
ATOM   300  C  CB  . ARG A 1 50  ? 2.070   -8.360  -4.577  1.00 67.23  ? 48  ARG A CB  1 
ATOM   301  C  CG  . ARG A 1 50  ? 1.562   -7.985  -5.955  1.00 71.03  ? 48  ARG A CG  1 
ATOM   302  C  CD  . ARG A 1 50  ? 0.280   -8.744  -6.255  1.00 68.84  ? 48  ARG A CD  1 
ATOM   303  N  NE  . ARG A 1 50  ? -0.260  -8.433  -7.573  1.00 72.35  ? 48  ARG A NE  1 
ATOM   304  C  CZ  . ARG A 1 50  ? -0.305  -9.298  -8.580  1.00 80.90  ? 48  ARG A CZ  1 
ATOM   305  N  NH1 . ARG A 1 50  ? 0.154   -10.531 -8.419  1.00 67.26  ? 48  ARG A NH1 1 
ATOM   306  N  NH2 . ARG A 1 50  ? -0.816  -8.931  -9.748  1.00 83.92  ? 48  ARG A NH2 1 
ATOM   307  N  N   . LEU A 1 51  ? 2.704   -7.783  -1.631  1.00 68.87  ? 49  LEU A N   1 
ATOM   308  C  CA  . LEU A 1 51  ? 2.935   -8.383  -0.318  1.00 75.30  ? 49  LEU A CA  1 
ATOM   309  C  C   . LEU A 1 51  ? 1.578   -8.716  0.283   1.00 75.25  ? 49  LEU A C   1 
ATOM   310  O  O   . LEU A 1 51  ? 0.831   -7.812  0.674   1.00 77.96  ? 49  LEU A O   1 
ATOM   311  C  CB  . LEU A 1 51  ? 3.734   -7.454  0.595   1.00 73.58  ? 49  LEU A CB  1 
ATOM   312  C  CG  . LEU A 1 51  ? 3.754   -7.789  2.087   1.00 65.87  ? 49  LEU A CG  1 
ATOM   313  C  CD1 . LEU A 1 51  ? 4.334   -9.167  2.320   1.00 72.47  ? 49  LEU A CD1 1 
ATOM   314  C  CD2 . LEU A 1 51  ? 4.548   -6.758  2.869   1.00 61.14  ? 49  LEU A CD2 1 
ATOM   315  N  N   . LYS A 1 52  ? 1.263   -10.007 0.355   1.00 68.28  ? 50  LYS A N   1 
ATOM   316  C  CA  . LYS A 1 52  ? -0.029  -10.448 0.862   1.00 69.45  ? 50  LYS A CA  1 
ATOM   317  C  C   . LYS A 1 52  ? -0.114  -10.193 2.363   1.00 80.56  ? 50  LYS A C   1 
ATOM   318  O  O   . LYS A 1 52  ? 0.676   -10.740 3.140   1.00 76.73  ? 50  LYS A O   1 
ATOM   319  C  CB  . LYS A 1 52  ? -0.235  -11.928 0.552   1.00 63.34  ? 50  LYS A CB  1 
ATOM   320  C  CG  . LYS A 1 52  ? -1.648  -12.429 0.794   1.00 70.74  ? 50  LYS A CG  1 
ATOM   321  C  CD  . LYS A 1 52  ? -1.733  -13.933 0.593   1.00 75.60  ? 50  LYS A CD  1 
ATOM   322  C  CE  . LYS A 1 52  ? -3.165  -14.384 0.358   1.00 93.58  ? 50  LYS A CE  1 
ATOM   323  N  NZ  . LYS A 1 52  ? -3.258  -15.858 0.166   1.00 95.89  ? 50  LYS A NZ  1 
ATOM   324  N  N   . CYS A 1 53  ? -1.065  -9.356  2.768   1.00 70.07  ? 51  CYS A N   1 
ATOM   325  C  CA  . CYS A 1 53  ? -1.308  -9.042  4.169   1.00 66.01  ? 51  CYS A CA  1 
ATOM   326  C  C   . CYS A 1 53  ? -2.665  -9.607  4.563   1.00 64.96  ? 51  CYS A C   1 
ATOM   327  O  O   . CYS A 1 53  ? -3.680  -9.292  3.930   1.00 73.55  ? 51  CYS A O   1 
ATOM   328  C  CB  . CYS A 1 53  ? -1.255  -7.534  4.411   1.00 71.32  ? 51  CYS A CB  1 
ATOM   329  S  SG  . CYS A 1 53  ? 0.286   -6.753  3.877   1.00 75.92  ? 51  CYS A SG  1 
ATOM   330  N  N   . THR A 1 54  ? -2.681  -10.432 5.604   1.00 74.27  ? 52  THR A N   1 
ATOM   331  C  CA  . THR A 1 54  ? -3.876  -11.150 6.021   1.00 74.55  ? 52  THR A CA  1 
ATOM   332  C  C   . THR A 1 54  ? -4.344  -10.653 7.381   1.00 80.87  ? 52  THR A C   1 
ATOM   333  O  O   . THR A 1 54  ? -3.586  -10.686 8.357   1.00 87.01  ? 52  THR A O   1 
ATOM   334  C  CB  . THR A 1 54  ? -3.614  -12.656 6.076   1.00 65.33  ? 52  THR A CB  1 
ATOM   335  O  OG1 . THR A 1 54  ? -3.122  -13.100 4.806   1.00 73.01  ? 52  THR A OG1 1 
ATOM   336  C  CG2 . THR A 1 54  ? -4.891  -13.410 6.412   1.00 72.42  ? 52  THR A CG2 1 
ATOM   337  N  N   . ASN A 1 55  ? -5.595  -10.192 7.429   1.00 73.10  ? 53  ASN A N   1 
ATOM   338  C  CA  . ASN A 1 55  ? -6.331  -9.877  8.647   1.00 80.61  ? 53  ASN A CA  1 
ATOM   339  C  C   . ASN A 1 55  ? -6.435  -11.135 9.507   1.00 85.74  ? 53  ASN A C   1 
ATOM   340  O  O   . ASN A 1 55  ? -7.169  -12.063 9.161   1.00 77.80  ? 53  ASN A O   1 
ATOM   341  C  CB  . ASN A 1 55  ? -7.717  -9.330  8.277   1.00 78.22  ? 53  ASN A CB  1 
ATOM   342  C  CG  . ASN A 1 55  ? -8.510  -8.831  9.477   1.00 85.81  ? 53  ASN A CG  1 
ATOM   343  O  OD1 . ASN A 1 55  ? -8.500  -9.438  10.546  1.00 89.03  ? 53  ASN A OD1 1 
ATOM   344  N  ND2 . ASN A 1 55  ? -9.228  -7.727  9.288   1.00 85.45  ? 53  ASN A ND2 1 
ATOM   345  N  N   . PRO A 1 56  ? -5.759  -11.191 10.652  1.00 81.97  ? 54  PRO A N   1 
ATOM   346  C  CA  . PRO A 1 56  ? -5.704  -12.451 11.413  1.00 85.14  ? 54  PRO A CA  1 
ATOM   347  C  C   . PRO A 1 56  ? -7.032  -12.840 12.045  1.00 83.15  ? 54  PRO A C   1 
ATOM   348  O  O   . PRO A 1 56  ? -7.216  -14.008 12.402  1.00 91.64  ? 54  PRO A O   1 
ATOM   349  C  CB  . PRO A 1 56  ? -4.616  -12.173 12.461  1.00 74.91  ? 54  PRO A CB  1 
ATOM   350  C  CG  . PRO A 1 56  ? -4.613  -10.680 12.626  1.00 85.27  ? 54  PRO A CG  1 
ATOM   351  C  CD  . PRO A 1 56  ? -5.188  -10.054 11.387  1.00 81.11  ? 54  PRO A CD  1 
ATOM   352  N  N   . GLU A 1 57  ? -7.973  -11.908 12.183  1.00 84.06  ? 55  GLU A N   1 
ATOM   353  C  CA  . GLU A 1 57  ? -9.283  -12.230 12.742  1.00 93.00  ? 55  GLU A CA  1 
ATOM   354  C  C   . GLU A 1 57  ? -10.274 -12.652 11.662  1.00 98.85  ? 55  GLU A C   1 
ATOM   355  O  O   . GLU A 1 57  ? -10.886 -13.719 11.763  1.00 96.23  ? 55  GLU A O   1 
ATOM   356  C  CB  . GLU A 1 57  ? -9.830  -11.045 13.553  1.00 99.66  ? 55  GLU A CB  1 
ATOM   357  C  CG  . GLU A 1 57  ? -9.077  -10.825 14.868  1.00 101.60 ? 55  GLU A CG  1 
ATOM   358  C  CD  . GLU A 1 57  ? -9.520  -9.586  15.628  1.00 111.30 ? 55  GLU A CD  1 
ATOM   359  O  OE1 . GLU A 1 57  ? -8.674  -8.998  16.334  1.00 118.63 ? 55  GLU A OE1 1 
ATOM   360  O  OE2 . GLU A 1 57  ? -10.711 -9.222  15.540  1.00 111.71 ? 55  GLU A OE2 1 
ATOM   361  N  N   . SER A 1 58  ? -10.447 -11.832 10.624  1.00 88.91  ? 56  SER A N   1 
ATOM   362  C  CA  . SER A 1 58  ? -11.336 -12.212 9.531   1.00 79.84  ? 56  SER A CA  1 
ATOM   363  C  C   . SER A 1 58  ? -10.665 -13.136 8.521   1.00 72.28  ? 56  SER A C   1 
ATOM   364  O  O   . SER A 1 58  ? -11.368 -13.833 7.781   1.00 68.21  ? 56  SER A O   1 
ATOM   365  C  CB  . SER A 1 58  ? -11.862 -10.966 8.813   1.00 78.57  ? 56  SER A CB  1 
ATOM   366  O  OG  . SER A 1 58  ? -10.855 -10.370 8.016   1.00 70.22  ? 56  SER A OG  1 
ATOM   367  N  N   . LYS A 1 59  ? -9.331  -13.162 8.482   1.00 70.52  ? 57  LYS A N   1 
ATOM   368  C  CA  . LYS A 1 59  ? -8.549  -13.936 7.515   1.00 77.54  ? 57  LYS A CA  1 
ATOM   369  C  C   . LYS A 1 59  ? -8.819  -13.507 6.076   1.00 70.29  ? 57  LYS A C   1 
ATOM   370  O  O   . LYS A 1 59  ? -8.540  -14.257 5.134   1.00 71.59  ? 57  LYS A O   1 
ATOM   371  C  CB  . LYS A 1 59  ? -8.760  -15.442 7.709   1.00 80.04  ? 57  LYS A CB  1 
ATOM   372  C  CG  . LYS A 1 59  ? -8.676  -15.859 9.180   1.00 76.94  ? 57  LYS A CG  1 
ATOM   373  C  CD  . LYS A 1 59  ? -7.571  -16.878 9.439   1.00 85.39  ? 57  LYS A CD  1 
ATOM   374  C  CE  . LYS A 1 59  ? -7.162  -16.879 10.911  1.00 92.41  ? 57  LYS A CE  1 
ATOM   375  N  NZ  . LYS A 1 59  ? -6.328  -18.058 11.288  1.00 101.75 ? 57  LYS A NZ  1 
ATOM   376  N  N   . VAL A 1 60  ? -9.340  -12.295 5.898   1.00 68.18  ? 58  VAL A N   1 
ATOM   377  C  CA  . VAL A 1 60  ? -9.457  -11.659 4.588   1.00 67.00  ? 58  VAL A CA  1 
ATOM   378  C  C   . VAL A 1 60  ? -8.087  -11.112 4.205   1.00 64.56  ? 58  VAL A C   1 
ATOM   379  O  O   . VAL A 1 60  ? -7.515  -10.302 4.948   1.00 72.86  ? 58  VAL A O   1 
ATOM   380  C  CB  . VAL A 1 60  ? -10.512 -10.541 4.594   1.00 74.90  ? 58  VAL A CB  1 
ATOM   381  C  CG1 . VAL A 1 60  ? -10.320 -9.623  3.395   1.00 83.88  ? 58  VAL A CG1 1 
ATOM   382  C  CG2 . VAL A 1 60  ? -11.915 -11.121 4.594   1.00 69.23  ? 58  VAL A CG2 1 
ATOM   383  N  N   . PRO A 1 61  ? -7.520  -11.527 3.077   1.00 77.24  ? 59  PRO A N   1 
ATOM   384  C  CA  . PRO A 1 61  ? -6.213  -11.009 2.668   1.00 75.43  ? 59  PRO A CA  1 
ATOM   385  C  C   . PRO A 1 61  ? -6.324  -9.793  1.758   1.00 73.09  ? 59  PRO A C   1 
ATOM   386  O  O   . PRO A 1 61  ? -7.366  -9.506  1.167   1.00 75.34  ? 59  PRO A O   1 
ATOM   387  C  CB  . PRO A 1 61  ? -5.601  -12.197 1.916   1.00 70.53  ? 59  PRO A CB  1 
ATOM   388  C  CG  . PRO A 1 61  ? -6.783  -12.858 1.289   1.00 73.80  ? 59  PRO A CG  1 
ATOM   389  C  CD  . PRO A 1 61  ? -7.948  -12.661 2.240   1.00 76.48  ? 59  PRO A CD  1 
ATOM   390  N  N   . HIS A 1 62  ? -5.207  -9.075  1.664   1.00 70.89  ? 60  HIS A N   1 
ATOM   391  C  CA  . HIS A 1 62  ? -5.063  -7.957  0.746   1.00 65.86  ? 60  HIS A CA  1 
ATOM   392  C  C   . HIS A 1 62  ? -3.608  -7.863  0.321   1.00 69.13  ? 60  HIS A C   1 
ATOM   393  O  O   . HIS A 1 62  ? -2.700  -8.181  1.094   1.00 63.86  ? 60  HIS A O   1 
ATOM   394  C  CB  . HIS A 1 62  ? -5.499  -6.626  1.373   1.00 71.79  ? 60  HIS A CB  1 
ATOM   395  C  CG  . HIS A 1 62  ? -6.972  -6.371  1.302   1.00 82.38  ? 60  HIS A CG  1 
ATOM   396  N  ND1 . HIS A 1 62  ? -7.602  -5.948  0.150   1.00 83.75  ? 60  HIS A ND1 1 
ATOM   397  C  CD2 . HIS A 1 62  ? -7.939  -6.458  2.246   1.00 84.40  ? 60  HIS A CD2 1 
ATOM   398  C  CE1 . HIS A 1 62  ? -8.893  -5.798  0.385   1.00 85.30  ? 60  HIS A CE1 1 
ATOM   399  N  NE2 . HIS A 1 62  ? -9.124  -6.100  1.650   1.00 85.50  ? 60  HIS A NE2 1 
ATOM   400  N  N   . PHE A 1 63  ? -3.395  -7.426  -0.916  1.00 59.26  ? 61  PHE A N   1 
ATOM   401  C  CA  . PHE A 1 63  ? -2.062  -7.073  -1.381  1.00 59.40  ? 61  PHE A CA  1 
ATOM   402  C  C   . PHE A 1 63  ? -1.825  -5.584  -1.180  1.00 67.52  ? 61  PHE A C   1 
ATOM   403  O  O   . PHE A 1 63  ? -2.747  -4.772  -1.311  1.00 82.79  ? 61  PHE A O   1 
ATOM   404  C  CB  . PHE A 1 63  ? -1.869  -7.408  -2.863  1.00 64.41  ? 61  PHE A CB  1 
ATOM   405  C  CG  . PHE A 1 63  ? -1.899  -8.875  -3.179  1.00 68.86  ? 61  PHE A CG  1 
ATOM   406  C  CD1 . PHE A 1 63  ? -0.935  -9.736  -2.677  1.00 77.17  ? 61  PHE A CD1 1 
ATOM   407  C  CD2 . PHE A 1 63  ? -2.876  -9.388  -4.015  1.00 75.16  ? 61  PHE A CD2 1 
ATOM   408  C  CE1 . PHE A 1 63  ? -0.964  -11.088 -2.986  1.00 71.35  ? 61  PHE A CE1 1 
ATOM   409  C  CE2 . PHE A 1 63  ? -2.910  -10.733 -4.328  1.00 84.02  ? 61  PHE A CE2 1 
ATOM   410  C  CZ  . PHE A 1 63  ? -1.954  -11.584 -3.814  1.00 73.37  ? 61  PHE A CZ  1 
ATOM   411  N  N   . LEU A 1 64  ? -0.585  -5.233  -0.852  1.00 64.14  ? 62  LEU A N   1 
ATOM   412  C  CA  . LEU A 1 64  ? -0.077  -3.887  -1.068  1.00 69.85  ? 62  LEU A CA  1 
ATOM   413  C  C   . LEU A 1 64  ? 0.922   -3.959  -2.209  1.00 70.96  ? 62  LEU A C   1 
ATOM   414  O  O   . LEU A 1 64  ? 1.807   -4.823  -2.209  1.00 74.18  ? 62  LEU A O   1 
ATOM   415  C  CB  . LEU A 1 64  ? 0.595   -3.309  0.176   1.00 70.80  ? 62  LEU A CB  1 
ATOM   416  C  CG  . LEU A 1 64  ? 0.004   -3.512  1.564   1.00 70.14  ? 62  LEU A CG  1 
ATOM   417  C  CD1 . LEU A 1 64  ? 0.982   -2.995  2.584   1.00 67.57  ? 62  LEU A CD1 1 
ATOM   418  C  CD2 . LEU A 1 64  ? -1.319  -2.800  1.694   1.00 72.28  ? 62  LEU A CD2 1 
HETATM 419  N  N   . MSE A 1 65  ? 0.782   -3.065  -3.178  1.00 71.40  ? 63  MSE A N   1 
HETATM 420  C  CA  . MSE A 1 65  ? 1.636   -3.155  -4.349  1.00 76.74  ? 63  MSE A CA  1 
HETATM 421  C  C   . MSE A 1 65  ? 2.429   -1.881  -4.617  1.00 75.83  ? 63  MSE A C   1 
HETATM 422  O  O   . MSE A 1 65  ? 2.031   -0.778  -4.239  1.00 74.46  ? 63  MSE A O   1 
HETATM 423  C  CB  . MSE A 1 65  ? 0.805   -3.531  -5.573  1.00 68.36  ? 63  MSE A CB  1 
HETATM 424  C  CG  . MSE A 1 65  ? -0.426  -2.681  -5.773  1.00 81.26  ? 63  MSE A CG  1 
HETATM 425  SE SE  . MSE A 1 65  ? -2.042  -3.463  -5.028  1.00 95.63  ? 63  MSE A SE  1 
HETATM 426  C  CE  . MSE A 1 65  ? -3.335  -2.396  -6.019  1.00 69.44  ? 63  MSE A CE  1 
ATOM   427  N  N   . ARG A 1 66  ? 3.569   -2.066  -5.277  1.00 71.35  ? 64  ARG A N   1 
ATOM   428  C  CA  . ARG A 1 66  ? 4.496   -0.991  -5.597  1.00 68.80  ? 64  ARG A CA  1 
ATOM   429  C  C   . ARG A 1 66  ? 4.973   -1.181  -7.027  1.00 74.95  ? 64  ARG A C   1 
ATOM   430  O  O   . ARG A 1 66  ? 5.459   -2.260  -7.377  1.00 71.98  ? 64  ARG A O   1 
ATOM   431  C  CB  . ARG A 1 66  ? 5.685   -0.993  -4.628  1.00 63.76  ? 64  ARG A CB  1 
ATOM   432  C  CG  . ARG A 1 66  ? 6.886   -0.184  -5.092  1.00 75.61  ? 64  ARG A CG  1 
ATOM   433  C  CD  . ARG A 1 66  ? 8.038   -0.280  -4.098  1.00 68.17  ? 64  ARG A CD  1 
ATOM   434  N  NE  . ARG A 1 66  ? 8.716   -1.574  -4.154  1.00 59.09  ? 64  ARG A NE  1 
ATOM   435  C  CZ  . ARG A 1 66  ? 9.671   -1.882  -5.026  1.00 66.57  ? 64  ARG A CZ  1 
ATOM   436  N  NH1 . ARG A 1 66  ? 10.068  -0.989  -5.924  1.00 57.27  ? 64  ARG A NH1 1 
ATOM   437  N  NH2 . ARG A 1 66  ? 10.233  -3.084  -5.001  1.00 73.76  ? 64  ARG A NH2 1 
HETATM 438  N  N   . MSE A 1 67  ? 4.821   -0.150  -7.851  1.00 67.51  ? 65  MSE A N   1 
HETATM 439  C  CA  . MSE A 1 67  ? 5.335   -0.208  -9.215  1.00 60.18  ? 65  MSE A CA  1 
HETATM 440  C  C   . MSE A 1 67  ? 6.854   -0.256  -9.158  1.00 65.52  ? 65  MSE A C   1 
HETATM 441  O  O   . MSE A 1 67  ? 7.468   0.447   -8.355  1.00 70.86  ? 65  MSE A O   1 
HETATM 442  C  CB  . MSE A 1 67  ? 4.867   0.990   -10.045 1.00 64.62  ? 65  MSE A CB  1 
HETATM 443  C  CG  . MSE A 1 67  ? 3.370   1.248   -10.003 1.00 67.27  ? 65  MSE A CG  1 
HETATM 444  SE SE  . MSE A 1 67  ? 2.810   2.391   -11.483 1.00 107.00 ? 65  MSE A SE  1 
HETATM 445  C  CE  . MSE A 1 67  ? 4.316   3.631   -11.489 1.00 87.31  ? 65  MSE A CE  1 
ATOM   446  N  N   . ALA A 1 68  ? 7.460   -1.097  -10.000 1.00 76.65  ? 66  ALA A N   1 
ATOM   447  C  CA  . ALA A 1 68  ? 8.909   -1.261  -9.957  1.00 70.57  ? 66  ALA A CA  1 
ATOM   448  C  C   . ALA A 1 68  ? 9.622   0.031   -10.329 1.00 71.06  ? 66  ALA A C   1 
ATOM   449  O  O   . ALA A 1 68  ? 10.576  0.440   -9.659  1.00 75.40  ? 66  ALA A O   1 
ATOM   450  C  CB  . ALA A 1 68  ? 9.345   -2.402  -10.875 1.00 73.40  ? 66  ALA A CB  1 
ATOM   451  N  N   . LYS A 1 69  ? 9.175   0.688   -11.398 1.00 59.26  ? 67  LYS A N   1 
ATOM   452  C  CA  . LYS A 1 69  ? 9.805   1.936   -11.818 1.00 71.75  ? 67  LYS A CA  1 
ATOM   453  C  C   . LYS A 1 69  ? 9.215   3.101   -11.038 1.00 70.82  ? 67  LYS A C   1 
ATOM   454  O  O   . LYS A 1 69  ? 8.027   3.416   -11.173 1.00 69.26  ? 67  LYS A O   1 
ATOM   455  C  CB  . LYS A 1 69  ? 9.654   2.161   -13.320 1.00 66.21  ? 67  LYS A CB  1 
ATOM   456  C  CG  . LYS A 1 69  ? 10.541  1.270   -14.186 1.00 85.61  ? 67  LYS A CG  1 
ATOM   457  C  CD  . LYS A 1 69  ? 10.711  1.830   -15.603 1.00 79.30  ? 67  LYS A CD  1 
ATOM   458  C  CE  . LYS A 1 69  ? 10.866  3.354   -15.587 1.00 91.75  ? 67  LYS A CE  1 
ATOM   459  N  NZ  . LYS A 1 69  ? 12.037  3.892   -16.349 1.00 88.94  ? 67  LYS A NZ  1 
ATOM   460  N  N   . ASP A 1 70  ? 10.057  3.725   -10.214 1.00 71.60  ? 68  ASP A N   1 
ATOM   461  C  CA  . ASP A 1 70  ? 9.825   4.927   -9.410  1.00 66.75  ? 68  ASP A CA  1 
ATOM   462  C  C   . ASP A 1 70  ? 9.077   4.615   -8.116  1.00 71.33  ? 68  ASP A C   1 
ATOM   463  O  O   . ASP A 1 70  ? 8.803   5.543   -7.351  1.00 77.12  ? 68  ASP A O   1 
ATOM   464  C  CB  . ASP A 1 70  ? 9.089   6.031   -10.188 1.00 72.46  ? 68  ASP A CB  1 
ATOM   465  C  CG  . ASP A 1 70  ? 9.760   6.337   -11.511 1.00 82.17  ? 68  ASP A CG  1 
ATOM   466  O  OD1 . ASP A 1 70  ? 10.980  6.083   -11.620 1.00 79.07  ? 68  ASP A OD1 1 
ATOM   467  O  OD2 . ASP A 1 70  ? 9.079   6.820   -12.438 1.00 77.05  ? 68  ASP A OD2 1 
ATOM   468  N  N   . SER A 1 71  ? 8.748   3.348   -7.843  1.00 68.43  ? 69  SER A N   1 
ATOM   469  C  CA  . SER A 1 71  ? 8.307   2.880   -6.526  1.00 67.92  ? 69  SER A CA  1 
ATOM   470  C  C   . SER A 1 71  ? 6.983   3.498   -6.079  1.00 68.72  ? 69  SER A C   1 
ATOM   471  O  O   . SER A 1 71  ? 6.747   3.664   -4.881  1.00 74.93  ? 69  SER A O   1 
ATOM   472  C  CB  . SER A 1 71  ? 9.386   3.119   -5.463  1.00 69.64  ? 69  SER A CB  1 
ATOM   473  O  OG  . SER A 1 71  ? 10.391  2.122   -5.533  1.00 66.85  ? 69  SER A OG  1 
ATOM   474  N  N   . SER A 1 72  ? 6.102   3.819   -7.022  1.00 67.34  ? 70  SER A N   1 
ATOM   475  C  CA  . SER A 1 72  ? 4.775   4.303   -6.664  1.00 65.09  ? 70  SER A CA  1 
ATOM   476  C  C   . SER A 1 72  ? 4.000   3.208   -5.943  1.00 71.22  ? 70  SER A C   1 
ATOM   477  O  O   . SER A 1 72  ? 3.799   2.118   -6.486  1.00 79.05  ? 70  SER A O   1 
ATOM   478  C  CB  . SER A 1 72  ? 4.026   4.753   -7.916  1.00 67.42  ? 70  SER A CB  1 
ATOM   479  O  OG  . SER A 1 72  ? 4.826   5.609   -8.715  1.00 67.70  ? 70  SER A OG  1 
ATOM   480  N  N   . ILE A 1 73  ? 3.580   3.493   -4.713  1.00 72.65  ? 71  ILE A N   1 
ATOM   481  C  CA  . ILE A 1 73  ? 2.822   2.548   -3.899  1.00 64.74  ? 71  ILE A CA  1 
ATOM   482  C  C   . ILE A 1 73  ? 1.355   2.948   -3.918  1.00 62.76  ? 71  ILE A C   1 
ATOM   483  O  O   . ILE A 1 73  ? 1.020   4.135   -3.820  1.00 67.43  ? 71  ILE A O   1 
ATOM   484  C  CB  . ILE A 1 73  ? 3.366   2.490   -2.459  1.00 75.33  ? 71  ILE A CB  1 
ATOM   485  C  CG1 . ILE A 1 73  ? 4.804   1.966   -2.459  1.00 72.01  ? 71  ILE A CG1 1 
ATOM   486  C  CG2 . ILE A 1 73  ? 2.479   1.617   -1.585  1.00 67.82  ? 71  ILE A CG2 1 
ATOM   487  C  CD1 . ILE A 1 73  ? 5.294   1.525   -1.098  1.00 75.41  ? 71  ILE A CD1 1 
ATOM   488  N  N   . SER A 1 74  ? 0.479   1.956   -4.049  1.00 66.34  ? 72  SER A N   1 
ATOM   489  C  CA  . SER A 1 74  ? -0.962  2.190   -4.124  1.00 72.58  ? 72  SER A CA  1 
ATOM   490  C  C   . SER A 1 74  ? -1.482  2.594   -2.751  1.00 67.53  ? 72  SER A C   1 
ATOM   491  O  O   . SER A 1 74  ? -1.613  1.763   -1.850  1.00 63.08  ? 72  SER A O   1 
ATOM   492  C  CB  . SER A 1 74  ? -1.674  0.941   -4.633  1.00 69.50  ? 72  SER A CB  1 
ATOM   493  O  OG  . SER A 1 74  ? -3.081  1.071   -4.513  1.00 67.53  ? 72  SER A OG  1 
ATOM   494  N  N   . ALA A 1 75  ? -1.780  3.887   -2.588  1.00 74.47  ? 73  ALA A N   1 
ATOM   495  C  CA  . ALA A 1 75  ? -2.390  4.351   -1.348  1.00 67.40  ? 73  ALA A CA  1 
ATOM   496  C  C   . ALA A 1 75  ? -3.776  3.753   -1.155  1.00 75.33  ? 73  ALA A C   1 
ATOM   497  O  O   . ALA A 1 75  ? -4.207  3.537   -0.015  1.00 72.58  ? 73  ALA A O   1 
ATOM   498  C  CB  . ALA A 1 75  ? -2.465  5.877   -1.336  1.00 72.27  ? 73  ALA A CB  1 
ATOM   499  N  N   . THR A 1 76  ? -4.484  3.480   -2.253  1.00 67.23  ? 74  THR A N   1 
ATOM   500  C  CA  . THR A 1 76  ? -5.808  2.874   -2.156  1.00 63.93  ? 74  THR A CA  1 
ATOM   501  C  C   . THR A 1 76  ? -5.740  1.506   -1.488  1.00 72.63  ? 74  THR A C   1 
ATOM   502  O  O   . THR A 1 76  ? -6.585  1.174   -0.650  1.00 74.44  ? 74  THR A O   1 
ATOM   503  C  CB  . THR A 1 76  ? -6.434  2.767   -3.548  1.00 73.23  ? 74  THR A CB  1 
ATOM   504  O  OG1 . THR A 1 76  ? -6.392  4.048   -4.188  1.00 71.38  ? 74  THR A OG1 1 
ATOM   505  C  CG2 . THR A 1 76  ? -7.879  2.300   -3.455  1.00 66.80  ? 74  THR A CG2 1 
ATOM   506  N  N   . SER A 1 77  ? -4.730  0.705   -1.835  1.00 76.33  ? 75  SER A N   1 
ATOM   507  C  CA  . SER A 1 77  ? -4.607  -0.627  -1.255  1.00 80.30  ? 75  SER A CA  1 
ATOM   508  C  C   . SER A 1 77  ? -4.107  -0.583  0.186   1.00 74.13  ? 75  SER A C   1 
ATOM   509  O  O   . SER A 1 77  ? -4.480  -1.445  0.989   1.00 62.27  ? 75  SER A O   1 
ATOM   510  C  CB  . SER A 1 77  ? -3.678  -1.491  -2.109  1.00 66.34  ? 75  SER A CB  1 
ATOM   511  O  OG  . SER A 1 77  ? -2.356  -0.982  -2.100  1.00 76.71  ? 75  SER A OG  1 
HETATM 512  N  N   . MSE A 1 78  ? -3.268  0.393   0.522   1.00 70.04  ? 76  MSE A N   1 
HETATM 513  C  CA  . MSE A 1 78  ? -2.835  0.604   1.901   1.00 69.33  ? 76  MSE A CA  1 
HETATM 514  C  C   . MSE A 1 78  ? -4.039  0.850   2.798   1.00 67.47  ? 76  MSE A C   1 
HETATM 515  O  O   . MSE A 1 78  ? -4.188  0.234   3.854   1.00 72.36  ? 76  MSE A O   1 
HETATM 516  C  CB  . MSE A 1 78  ? -1.876  1.792   1.997   1.00 77.03  ? 76  MSE A CB  1 
HETATM 517  C  CG  . MSE A 1 78  ? -0.445  1.504   1.587   1.00 80.38  ? 76  MSE A CG  1 
HETATM 518  SE SE  . MSE A 1 78  ? 0.619   3.140   1.554   1.00 87.68  ? 76  MSE A SE  1 
HETATM 519  C  CE  . MSE A 1 78  ? 0.707   3.478   3.471   1.00 96.64  ? 76  MSE A CE  1 
ATOM   520  N  N   . PHE A 1 79  ? -4.894  1.769   2.350   1.00 72.86  ? 77  PHE A N   1 
ATOM   521  C  CA  . PHE A 1 79  ? -6.073  2.148   3.121   1.00 79.19  ? 77  PHE A CA  1 
ATOM   522  C  C   . PHE A 1 79  ? -7.033  0.974   3.271   1.00 84.32  ? 77  PHE A C   1 
ATOM   523  O  O   . PHE A 1 79  ? -7.466  0.649   4.383   1.00 75.56  ? 77  PHE A O   1 
ATOM   524  C  CB  . PHE A 1 79  ? -6.760  3.335   2.447   1.00 80.02  ? 77  PHE A CB  1 
ATOM   525  C  CG  . PHE A 1 79  ? -8.024  3.772   3.122   1.00 84.05  ? 77  PHE A CG  1 
ATOM   526  C  CD1 . PHE A 1 79  ? -7.991  4.687   4.159   1.00 80.98  ? 77  PHE A CD1 1 
ATOM   527  C  CD2 . PHE A 1 79  ? -9.250  3.277   2.711   1.00 88.07  ? 77  PHE A CD2 1 
ATOM   528  C  CE1 . PHE A 1 79  ? -9.154  5.094   4.779   1.00 76.99  ? 77  PHE A CE1 1 
ATOM   529  C  CE2 . PHE A 1 79  ? -10.416 3.677   3.329   1.00 94.29  ? 77  PHE A CE2 1 
ATOM   530  C  CZ  . PHE A 1 79  ? -10.369 4.588   4.363   1.00 92.08  ? 77  PHE A CZ  1 
ATOM   531  N  N   . ARG A 1 80  ? -7.379  0.324   2.157   1.00 83.22  ? 78  ARG A N   1 
ATOM   532  C  CA  . ARG A 1 80  ? -8.289  -0.816  2.196   1.00 72.55  ? 78  ARG A CA  1 
ATOM   533  C  C   . ARG A 1 80  ? -7.728  -1.992  2.982   1.00 80.18  ? 78  ARG A C   1 
ATOM   534  O  O   . ARG A 1 80  ? -8.485  -2.914  3.310   1.00 87.59  ? 78  ARG A O   1 
ATOM   535  C  CB  . ARG A 1 80  ? -8.633  -1.260  0.773   1.00 69.30  ? 78  ARG A CB  1 
ATOM   536  C  CG  . ARG A 1 80  ? -9.392  -0.219  -0.030  1.00 73.55  ? 78  ARG A CG  1 
ATOM   537  C  CD  . ARG A 1 80  ? -9.606  -0.669  -1.466  1.00 59.52  ? 78  ARG A CD  1 
ATOM   538  N  NE  . ARG A 1 80  ? -10.388 0.303   -2.225  1.00 70.59  ? 78  ARG A NE  1 
ATOM   539  C  CZ  . ARG A 1 80  ? -10.695 0.177   -3.511  1.00 65.10  ? 78  ARG A CZ  1 
ATOM   540  N  NH1 . ARG A 1 80  ? -10.285 -0.884  -4.194  1.00 56.16  ? 78  ARG A NH1 1 
ATOM   541  N  NH2 . ARG A 1 80  ? -11.411 1.114   -4.118  1.00 78.56  ? 78  ARG A NH2 1 
ATOM   542  N  N   . SER A 1 81  ? -6.430  -1.991  3.282   1.00 71.31  ? 79  SER A N   1 
ATOM   543  C  CA  . SER A 1 81  ? -5.840  -3.011  4.138   1.00 73.99  ? 79  SER A CA  1 
ATOM   544  C  C   . SER A 1 81  ? -5.784  -2.585  5.597   1.00 87.82  ? 79  SER A C   1 
ATOM   545  O  O   . SER A 1 81  ? -5.916  -3.433  6.488   1.00 89.43  ? 79  SER A O   1 
ATOM   546  C  CB  . SER A 1 81  ? -4.428  -3.354  3.655   1.00 68.61  ? 79  SER A CB  1 
ATOM   547  O  OG  . SER A 1 81  ? -3.824  -4.325  4.489   1.00 60.17  ? 79  SER A OG  1 
ATOM   548  N  N   . ALA A 1 82  ? -5.600  -1.289  5.861   1.00 81.10  ? 80  ALA A N   1 
ATOM   549  C  CA  . ALA A 1 82  ? -5.433  -0.829  7.235   1.00 76.03  ? 80  ALA A CA  1 
ATOM   550  C  C   . ALA A 1 82  ? -6.757  -0.841  7.989   1.00 93.70  ? 80  ALA A C   1 
ATOM   551  O  O   . ALA A 1 82  ? -6.833  -1.338  9.117   1.00 95.82  ? 80  ALA A O   1 
ATOM   552  C  CB  . ALA A 1 82  ? -4.815  0.569   7.249   1.00 84.50  ? 80  ALA A CB  1 
ATOM   553  N  N   . PHE A 1 83  ? -7.815  -0.306  7.378   1.00 95.77  ? 81  PHE A N   1 
ATOM   554  C  CA  . PHE A 1 83  ? -9.116  -0.149  8.025   1.00 94.36  ? 81  PHE A CA  1 
ATOM   555  C  C   . PHE A 1 83  ? -10.138 -0.994  7.274   1.00 85.52  ? 81  PHE A C   1 
ATOM   556  O  O   . PHE A 1 83  ? -10.741 -0.532  6.293   1.00 83.27  ? 81  PHE A O   1 
ATOM   557  C  CB  . PHE A 1 83  ? -9.522  1.323   8.062   1.00 94.17  ? 81  PHE A CB  1 
ATOM   558  C  CG  . PHE A 1 83  ? -8.358  2.258   8.232   1.00 92.78  ? 81  PHE A CG  1 
ATOM   559  C  CD1 . PHE A 1 83  ? -7.665  2.315   9.429   1.00 102.70 ? 81  PHE A CD1 1 
ATOM   560  C  CD2 . PHE A 1 83  ? -7.948  3.070   7.189   1.00 90.21  ? 81  PHE A CD2 1 
ATOM   561  C  CE1 . PHE A 1 83  ? -6.588  3.170   9.585   1.00 97.80  ? 81  PHE A CE1 1 
ATOM   562  C  CE2 . PHE A 1 83  ? -6.874  3.930   7.338   1.00 86.57  ? 81  PHE A CE2 1 
ATOM   563  C  CZ  . PHE A 1 83  ? -6.193  3.978   8.538   1.00 92.67  ? 81  PHE A CZ  1 
ATOM   564  N  N   . PRO A 1 84  ? -10.366 -2.239  7.703   1.00 97.10  ? 82  PRO A N   1 
ATOM   565  C  CA  . PRO A 1 84  ? -11.247 -3.126  6.925   1.00 101.24 ? 82  PRO A CA  1 
ATOM   566  C  C   . PRO A 1 84  ? -12.708 -2.714  6.949   1.00 105.82 ? 82  PRO A C   1 
ATOM   567  O  O   . PRO A 1 84  ? -13.397 -2.875  5.933   1.00 107.03 ? 82  PRO A O   1 
ATOM   568  C  CB  . PRO A 1 84  ? -11.031 -4.494  7.588   1.00 96.36  ? 82  PRO A CB  1 
ATOM   569  C  CG  . PRO A 1 84  ? -10.623 -4.169  8.988   1.00 95.45  ? 82  PRO A CG  1 
ATOM   570  C  CD  . PRO A 1 84  ? -9.803  -2.910  8.887   1.00 98.48  ? 82  PRO A CD  1 
ATOM   571  N  N   . LYS A 1 85  ? -13.205 -2.190  8.068   1.00 106.38 ? 83  LYS A N   1 
ATOM   572  C  CA  . LYS A 1 85  ? -14.589 -1.749  8.172   1.00 104.08 ? 83  LYS A CA  1 
ATOM   573  C  C   . LYS A 1 85  ? -14.801 -0.355  7.620   1.00 98.13  ? 83  LYS A C   1 
ATOM   574  O  O   . LYS A 1 85  ? -15.777 0.309   7.992   1.00 103.95 ? 83  LYS A O   1 
ATOM   575  C  CB  . LYS A 1 85  ? -15.056 -1.819  9.627   1.00 111.14 ? 83  LYS A CB  1 
ATOM   576  C  CG  . LYS A 1 85  ? -14.991 -3.223  10.200  1.00 106.38 ? 83  LYS A CG  1 
ATOM   577  C  CD  . LYS A 1 85  ? -14.451 -3.280  11.624  1.00 100.08 ? 83  LYS A CD  1 
ATOM   578  C  CE  . LYS A 1 85  ? -15.034 -2.192  12.511  1.00 106.20 ? 83  LYS A CE  1 
ATOM   579  N  NZ  . LYS A 1 85  ? -14.333 -2.114  13.826  1.00 119.55 ? 83  LYS A NZ  1 
ATOM   580  N  N   . ALA A 1 86  ? -13.905 0.102   6.754   1.00 102.18 ? 84  ALA A N   1 
ATOM   581  C  CA  . ALA A 1 86  ? -14.072 1.393   6.116   1.00 89.07  ? 84  ALA A CA  1 
ATOM   582  C  C   . ALA A 1 86  ? -15.300 1.383   5.214   1.00 95.42  ? 84  ALA A C   1 
ATOM   583  O  O   . ALA A 1 86  ? -15.758 0.339   4.743   1.00 103.56 ? 84  ALA A O   1 
ATOM   584  C  CB  . ALA A 1 86  ? -12.827 1.762   5.311   1.00 91.09  ? 84  ALA A CB  1 
ATOM   585  N  N   . THR A 1 87  ? -15.838 2.573   4.985   1.00 98.52  ? 85  THR A N   1 
ATOM   586  C  CA  . THR A 1 87  ? -16.964 2.775   4.094   1.00 104.59 ? 85  THR A CA  1 
ATOM   587  C  C   . THR A 1 87  ? -16.485 3.467   2.825   1.00 100.89 ? 85  THR A C   1 
ATOM   588  O  O   . THR A 1 87  ? -15.368 3.986   2.759   1.00 95.88  ? 85  THR A O   1 
ATOM   589  C  CB  . THR A 1 87  ? -18.056 3.599   4.782   1.00 108.40 ? 85  THR A CB  1 
ATOM   590  O  OG1 . THR A 1 87  ? -17.466 4.742   5.415   1.00 98.72  ? 85  THR A OG1 1 
ATOM   591  C  CG2 . THR A 1 87  ? -18.773 2.761   5.831   1.00 100.22 ? 85  THR A CG2 1 
ATOM   592  N  N   . GLN A 1 88  ? -17.345 3.454   1.802   1.00 94.44  ? 86  GLN A N   1 
ATOM   593  C  CA  . GLN A 1 88  ? -16.986 4.075   0.531   1.00 94.42  ? 86  GLN A CA  1 
ATOM   594  C  C   . GLN A 1 88  ? -16.695 5.559   0.698   1.00 110.49 ? 86  GLN A C   1 
ATOM   595  O  O   . GLN A 1 88  ? -15.856 6.115   -0.019  1.00 108.17 ? 86  GLN A O   1 
ATOM   596  C  CB  . GLN A 1 88  ? -18.104 3.861   -0.492  1.00 100.36 ? 86  GLN A CB  1 
ATOM   597  C  CG  . GLN A 1 88  ? -17.617 3.477   -1.877  1.00 105.23 ? 86  GLN A CG  1 
ATOM   598  C  CD  . GLN A 1 88  ? -16.829 4.583   -2.549  1.00 119.16 ? 86  GLN A CD  1 
ATOM   599  O  OE1 . GLN A 1 88  ? -17.193 5.757   -2.472  1.00 114.62 ? 86  GLN A OE1 1 
ATOM   600  N  NE2 . GLN A 1 88  ? -15.741 4.213   -3.214  1.00 111.87 ? 86  GLN A NE2 1 
ATOM   601  N  N   . GLU A 1 89  ? -17.368 6.210   1.646   1.00 109.40 ? 87  GLU A N   1 
ATOM   602  C  CA  . GLU A 1 89  ? -17.141 7.626   1.906   1.00 103.15 ? 87  GLU A CA  1 
ATOM   603  C  C   . GLU A 1 89  ? -15.892 7.837   2.755   1.00 102.82 ? 87  GLU A C   1 
ATOM   604  O  O   . GLU A 1 89  ? -15.143 8.794   2.526   1.00 103.91 ? 87  GLU A O   1 
ATOM   605  C  CB  . GLU A 1 89  ? -18.366 8.238   2.591   1.00 103.77 ? 87  GLU A CB  1 
ATOM   606  C  CG  . GLU A 1 89  ? -19.747 7.787   2.055   1.00 118.08 ? 87  GLU A CG  1 
ATOM   607  C  CD  . GLU A 1 89  ? -20.133 6.364   2.451   1.00 121.25 ? 87  GLU A CD  1 
ATOM   608  O  OE1 . GLU A 1 89  ? -19.253 5.628   2.926   1.00 122.63 ? 87  GLU A OE1 1 
ATOM   609  O  OE2 . GLU A 1 89  ? -21.314 5.995   2.294   1.00 129.11 ? 87  GLU A OE2 1 
ATOM   610  N  N   . GLU A 1 90  ? -15.655 6.957   3.735   1.00 99.69  ? 88  GLU A N   1 
ATOM   611  C  CA  . GLU A 1 90  ? -14.413 7.009   4.501   1.00 101.12 ? 88  GLU A CA  1 
ATOM   612  C  C   . GLU A 1 90  ? -13.196 6.914   3.594   1.00 109.80 ? 88  GLU A C   1 
ATOM   613  O  O   . GLU A 1 90  ? -12.166 7.547   3.859   1.00 106.59 ? 88  GLU A O   1 
ATOM   614  C  CB  . GLU A 1 90  ? -14.383 5.881   5.532   1.00 101.45 ? 88  GLU A CB  1 
ATOM   615  C  CG  . GLU A 1 90  ? -14.858 6.279   6.915   1.00 107.21 ? 88  GLU A CG  1 
ATOM   616  C  CD  . GLU A 1 90  ? -14.897 5.103   7.868   1.00 110.58 ? 88  GLU A CD  1 
ATOM   617  O  OE1 . GLU A 1 90  ? -15.367 4.022   7.457   1.00 100.66 ? 88  GLU A OE1 1 
ATOM   618  O  OE2 . GLU A 1 90  ? -14.454 5.257   9.024   1.00 111.31 ? 88  GLU A OE2 1 
ATOM   619  N  N   . GLU A 1 91  ? -13.297 6.127   2.522   1.00 104.28 ? 89  GLU A N   1 
ATOM   620  C  CA  . GLU A 1 91  ? -12.211 6.032   1.556   1.00 95.46  ? 89  GLU A CA  1 
ATOM   621  C  C   . GLU A 1 91  ? -11.996 7.365   0.849   1.00 94.73  ? 89  GLU A C   1 
ATOM   622  O  O   . GLU A 1 91  ? -10.872 7.878   0.796   1.00 96.94  ? 89  GLU A O   1 
ATOM   623  C  CB  . GLU A 1 91  ? -12.518 4.924   0.549   1.00 94.40  ? 89  GLU A CB  1 
ATOM   624  C  CG  . GLU A 1 91  ? -11.327 4.441   -0.257  1.00 88.29  ? 89  GLU A CG  1 
ATOM   625  C  CD  . GLU A 1 91  ? -11.713 3.380   -1.270  1.00 88.52  ? 89  GLU A CD  1 
ATOM   626  O  OE1 . GLU A 1 91  ? -11.869 3.721   -2.461  1.00 92.63  ? 89  GLU A OE1 1 
ATOM   627  O  OE2 . GLU A 1 91  ? -11.876 2.207   -0.872  1.00 82.08  ? 89  GLU A OE2 1 
ATOM   628  N  N   . ASP A 1 92  ? -13.072 7.954   0.322   1.00 95.21  ? 90  ASP A N   1 
ATOM   629  C  CA  . ASP A 1 92  ? -12.943 9.164   -0.485  1.00 98.73  ? 90  ASP A CA  1 
ATOM   630  C  C   . ASP A 1 92  ? -12.443 10.354  0.327   1.00 103.91 ? 90  ASP A C   1 
ATOM   631  O  O   . ASP A 1 92  ? -11.793 11.248  -0.229  1.00 102.31 ? 90  ASP A O   1 
ATOM   632  C  CB  . ASP A 1 92  ? -14.280 9.495   -1.153  1.00 96.54  ? 90  ASP A CB  1 
ATOM   633  C  CG  . ASP A 1 92  ? -14.781 8.371   -2.049  1.00 102.23 ? 90  ASP A CG  1 
ATOM   634  O  OD1 . ASP A 1 92  ? -14.235 7.252   -1.964  1.00 100.17 ? 90  ASP A OD1 1 
ATOM   635  O  OD2 . ASP A 1 92  ? -15.723 8.609   -2.833  1.00 114.30 ? 90  ASP A OD2 1 
ATOM   636  N  N   . LEU A 1 93  ? -12.718 10.390  1.633   1.00 102.65 ? 91  LEU A N   1 
ATOM   637  C  CA  . LEU A 1 93  ? -12.201 11.480  2.450   1.00 104.94 ? 91  LEU A CA  1 
ATOM   638  C  C   . LEU A 1 93  ? -10.683 11.383  2.578   1.00 99.00  ? 91  LEU A C   1 
ATOM   639  O  O   . LEU A 1 93  ? -9.956  12.338  2.296   1.00 97.98  ? 91  LEU A O   1 
ATOM   640  C  CB  . LEU A 1 93  ? -12.884 11.482  3.821   1.00 102.98 ? 91  LEU A CB  1 
ATOM   641  C  CG  . LEU A 1 93  ? -12.150 12.154  4.978   1.00 104.28 ? 91  LEU A CG  1 
ATOM   642  C  CD1 . LEU A 1 93  ? -12.040 13.629  4.705   1.00 105.30 ? 91  LEU A CD1 1 
ATOM   643  C  CD2 . LEU A 1 93  ? -12.896 11.950  6.281   1.00 102.19 ? 91  LEU A CD2 1 
ATOM   644  N  N   . GLU A 1 94  ? -10.185 10.220  2.986   1.00 96.13  ? 92  GLU A N   1 
ATOM   645  C  CA  . GLU A 1 94  ? -8.741  10.048  3.099   1.00 92.13  ? 92  GLU A CA  1 
ATOM   646  C  C   . GLU A 1 94  ? -8.068  10.033  1.730   1.00 89.74  ? 92  GLU A C   1 
ATOM   647  O  O   . GLU A 1 94  ? -6.903  10.429  1.613   1.00 87.20  ? 92  GLU A O   1 
ATOM   648  C  CB  . GLU A 1 94  ? -8.423  8.766   3.878   1.00 79.71  ? 92  GLU A CB  1 
ATOM   649  C  CG  . GLU A 1 94  ? -6.957  8.577   4.177   1.00 78.43  ? 92  GLU A CG  1 
ATOM   650  C  CD  . GLU A 1 94  ? -6.401  9.620   5.124   1.00 95.16  ? 92  GLU A CD  1 
ATOM   651  O  OE1 . GLU A 1 94  ? -7.183  10.413  5.688   1.00 98.36  ? 92  GLU A OE1 1 
ATOM   652  O  OE2 . GLU A 1 94  ? -5.165  9.646   5.298   1.00 94.03  ? 92  GLU A OE2 1 
HETATM 653  N  N   . MSE A 1 95  ? -8.777  9.601   0.690   1.00 87.41  ? 93  MSE A N   1 
HETATM 654  C  CA  . MSE A 1 95  ? -8.230  9.647   -0.663  1.00 89.87  ? 93  MSE A CA  1 
HETATM 655  C  C   . MSE A 1 95  ? -8.049  11.090  -1.114  1.00 89.11  ? 93  MSE A C   1 
HETATM 656  O  O   . MSE A 1 95  ? -6.932  11.521  -1.392  1.00 97.89  ? 93  MSE A O   1 
HETATM 657  C  CB  . MSE A 1 95  ? -9.123  8.899   -1.659  1.00 90.98  ? 93  MSE A CB  1 
HETATM 658  C  CG  . MSE A 1 95  ? -9.006  7.380   -1.615  1.00 89.67  ? 93  MSE A CG  1 
HETATM 659  SE SE  . MSE A 1 95  ? -7.187  6.717   -1.845  0.63 76.43  ? 93  MSE A SE  1 
HETATM 660  C  CE  . MSE A 1 95  ? -6.930  5.955   -0.072  1.00 76.18  ? 93  MSE A CE  1 
ATOM   661  N  N   . ARG A 1 96  ? -9.155  11.836  -1.175  1.00 96.53  ? 94  ARG A N   1 
ATOM   662  C  CA  . ARG A 1 96  ? -9.088  13.227  -1.610  1.00 96.23  ? 94  ARG A CA  1 
ATOM   663  C  C   . ARG A 1 96  ? -8.240  14.074  -0.669  1.00 93.66  ? 94  ARG A C   1 
ATOM   664  O  O   . ARG A 1 96  ? -7.767  15.143  -1.067  1.00 94.28  ? 94  ARG A O   1 
ATOM   665  C  CB  . ARG A 1 96  ? -10.503 13.801  -1.734  1.00 95.74  ? 94  ARG A CB  1 
ATOM   666  C  CG  . ARG A 1 96  ? -10.589 15.193  -2.352  1.00 108.29 ? 94  ARG A CG  1 
ATOM   667  C  CD  . ARG A 1 96  ? -10.092 15.196  -3.790  1.00 115.67 ? 94  ARG A CD  1 
ATOM   668  N  NE  . ARG A 1 96  ? -10.030 16.545  -4.345  1.00 116.86 ? 94  ARG A NE  1 
ATOM   669  C  CZ  . ARG A 1 96  ? -10.948 17.067  -5.152  1.00 121.98 ? 94  ARG A CZ  1 
ATOM   670  N  NH1 . ARG A 1 96  ? -12.003 16.348  -5.513  1.00 114.89 ? 94  ARG A NH1 1 
ATOM   671  N  NH2 . ARG A 1 96  ? -10.806 18.303  -5.609  1.00 123.70 ? 94  ARG A NH2 1 
ATOM   672  N  N   . TRP A 1 97  ? -8.030  13.616  0.568   1.00 91.98  ? 95  TRP A N   1 
ATOM   673  C  CA  . TRP A 1 97  ? -7.082  14.288  1.450   1.00 85.96  ? 95  TRP A CA  1 
ATOM   674  C  C   . TRP A 1 97  ? -5.649  14.098  0.972   1.00 89.23  ? 95  TRP A C   1 
ATOM   675  O  O   . TRP A 1 97  ? -4.788  14.939  1.248   1.00 92.69  ? 95  TRP A O   1 
ATOM   676  C  CB  . TRP A 1 97  ? -7.237  13.776  2.882   1.00 84.51  ? 95  TRP A CB  1 
ATOM   677  C  CG  . TRP A 1 97  ? -6.258  14.370  3.851   1.00 93.60  ? 95  TRP A CG  1 
ATOM   678  C  CD1 . TRP A 1 97  ? -6.401  15.531  4.554   1.00 97.11  ? 95  TRP A CD1 1 
ATOM   679  C  CD2 . TRP A 1 97  ? -4.985  13.828  4.227   1.00 96.78  ? 95  TRP A CD2 1 
ATOM   680  N  NE1 . TRP A 1 97  ? -5.297  15.747  5.343   1.00 96.57  ? 95  TRP A NE1 1 
ATOM   681  C  CE2 . TRP A 1 97  ? -4.412  14.715  5.160   1.00 90.05  ? 95  TRP A CE2 1 
ATOM   682  C  CE3 . TRP A 1 97  ? -4.274  12.679  3.864   1.00 96.59  ? 95  TRP A CE3 1 
ATOM   683  C  CZ2 . TRP A 1 97  ? -3.163  14.490  5.736   1.00 83.70  ? 95  TRP A CZ2 1 
ATOM   684  C  CZ3 . TRP A 1 97  ? -3.033  12.458  4.438   1.00 87.89  ? 95  TRP A CZ3 1 
ATOM   685  C  CH2 . TRP A 1 97  ? -2.491  13.359  5.362   1.00 90.00  ? 95  TRP A CH2 1 
ATOM   686  N  N   . ILE A 1 98  ? -5.374  13.006  0.256   1.00 91.93  ? 96  ILE A N   1 
ATOM   687  C  CA  . ILE A 1 98  ? -4.030  12.775  -0.261  1.00 92.68  ? 96  ILE A CA  1 
ATOM   688  C  C   . ILE A 1 98  ? -3.756  13.657  -1.475  1.00 80.92  ? 96  ILE A C   1 
ATOM   689  O  O   . ILE A 1 98  ? -2.627  14.117  -1.679  1.00 87.27  ? 96  ILE A O   1 
ATOM   690  C  CB  . ILE A 1 98  ? -3.837  11.278  -0.576  1.00 90.78  ? 96  ILE A CB  1 
ATOM   691  C  CG1 . ILE A 1 98  ? -3.862  10.459  0.718   1.00 83.40  ? 96  ILE A CG1 1 
ATOM   692  C  CG2 . ILE A 1 98  ? -2.543  11.037  -1.342  1.00 83.67  ? 96  ILE A CG2 1 
ATOM   693  C  CD1 . ILE A 1 98  ? -3.936  8.968   0.499   1.00 81.92  ? 96  ILE A CD1 1 
ATOM   694  N  N   . ARG A 1 99  ? -4.781  13.917  -2.293  1.00 82.44  ? 97  ARG A N   1 
ATOM   695  C  CA  . ARG A 1 99  ? -4.613  14.815  -3.432  1.00 84.73  ? 97  ARG A CA  1 
ATOM   696  C  C   . ARG A 1 99  ? -4.378  16.251  -2.977  1.00 102.40 ? 97  ARG A C   1 
ATOM   697  O  O   . ARG A 1 99  ? -3.614  16.993  -3.605  1.00 103.53 ? 97  ARG A O   1 
ATOM   698  C  CB  . ARG A 1 99  ? -5.837  14.738  -4.348  1.00 84.83  ? 97  ARG A CB  1 
ATOM   699  C  CG  . ARG A 1 99  ? -5.982  13.435  -5.116  1.00 93.95  ? 97  ARG A CG  1 
ATOM   700  C  CD  . ARG A 1 99  ? -7.443  13.134  -5.441  1.00 99.77  ? 97  ARG A CD  1 
ATOM   701  N  NE  . ARG A 1 99  ? -7.648  12.999  -6.874  1.00 99.48  ? 97  ARG A NE  1 
ATOM   702  C  CZ  . ARG A 1 99  ? -8.738  12.478  -7.421  1.00 111.35 ? 97  ARG A CZ  1 
ATOM   703  N  NH1 . ARG A 1 99  ? -9.721  12.041  -6.651  1.00 117.72 ? 97  ARG A NH1 1 
ATOM   704  N  NH2 . ARG A 1 99  ? -8.845  12.391  -8.739  1.00 105.34 ? 97  ARG A NH2 1 
ATOM   705  N  N   . ASP A 1 100 ? -5.013  16.657  -1.878  1.00 100.89 ? 98  ASP A N   1 
ATOM   706  C  CA  . ASP A 1 100 ? -4.924  18.028  -1.394  1.00 98.41  ? 98  ASP A CA  1 
ATOM   707  C  C   . ASP A 1 100 ? -3.776  18.249  -0.417  1.00 97.87  ? 98  ASP A C   1 
ATOM   708  O  O   . ASP A 1 100 ? -3.470  19.404  -0.099  1.00 106.92 ? 98  ASP A O   1 
ATOM   709  C  CB  . ASP A 1 100 ? -6.245  18.440  -0.731  1.00 85.62  ? 98  ASP A CB  1 
ATOM   710  C  CG  . ASP A 1 100 ? -7.450  18.168  -1.613  1.00 95.90  ? 98  ASP A CG  1 
ATOM   711  O  OD1 . ASP A 1 100 ? -7.258  17.902  -2.819  1.00 106.22 ? 98  ASP A OD1 1 
ATOM   712  O  OD2 . ASP A 1 100 ? -8.589  18.228  -1.106  1.00 96.93  ? 98  ASP A OD2 1 
ATOM   713  N  N   . ASN A 1 101 ? -3.129  17.186  0.058   1.00 88.75  ? 99  ASN A N   1 
ATOM   714  C  CA  . ASN A 1 101 ? -2.048  17.323  1.023   1.00 97.54  ? 99  ASN A CA  1 
ATOM   715  C  C   . ASN A 1 101 ? -0.776  16.575  0.656   1.00 101.28 ? 99  ASN A C   1 
ATOM   716  O  O   . ASN A 1 101 ? 0.243   16.780  1.323   1.00 105.10 ? 99  ASN A O   1 
ATOM   717  C  CB  . ASN A 1 101 ? -2.506  16.852  2.412   1.00 101.65 ? 99  ASN A CB  1 
ATOM   718  C  CG  . ASN A 1 101 ? -3.650  17.680  2.959   1.00 99.65  ? 99  ASN A CG  1 
ATOM   719  O  OD1 . ASN A 1 101 ? -4.792  17.552  2.517   1.00 86.04  ? 99  ASN A OD1 1 
ATOM   720  N  ND2 . ASN A 1 101 ? -3.348  18.535  3.930   1.00 94.93  ? 99  ASN A ND2 1 
ATOM   721  N  N   . LEU A 1 102 ? -0.794  15.721  -0.363  1.00 95.95  ? 100 LEU A N   1 
ATOM   722  C  CA  . LEU A 1 102 ? 0.375   14.946  -0.748  1.00 92.01  ? 100 LEU A CA  1 
ATOM   723  C  C   . LEU A 1 102 ? 0.620   15.125  -2.242  1.00 93.18  ? 100 LEU A C   1 
ATOM   724  O  O   . LEU A 1 102 ? -0.093  15.864  -2.928  1.00 94.78  ? 100 LEU A O   1 
ATOM   725  C  CB  . LEU A 1 102 ? 0.200   13.469  -0.365  1.00 85.55  ? 100 LEU A CB  1 
ATOM   726  C  CG  . LEU A 1 102 ? 0.194   13.229  1.148   1.00 87.55  ? 100 LEU A CG  1 
ATOM   727  C  CD1 . LEU A 1 102 ? -0.628  12.019  1.544   1.00 82.10  ? 100 LEU A CD1 1 
ATOM   728  C  CD2 . LEU A 1 102 ? 1.607   13.091  1.670   1.00 78.93  ? 100 LEU A CD2 1 
ATOM   729  N  N   . ASN A 1 103 ? 1.652   14.451  -2.747  1.00 97.25  ? 101 ASN A N   1 
ATOM   730  C  CA  . ASN A 1 103 ? 2.015   14.540  -4.156  1.00 90.13  ? 101 ASN A CA  1 
ATOM   731  C  C   . ASN A 1 103 ? 1.780   13.211  -4.859  1.00 87.85  ? 101 ASN A C   1 
ATOM   732  O  O   . ASN A 1 103 ? 2.748   12.574  -5.289  1.00 88.31  ? 101 ASN A O   1 
ATOM   733  C  CB  . ASN A 1 103 ? 3.485   14.934  -4.321  1.00 96.28  ? 101 ASN A CB  1 
ATOM   734  C  CG  . ASN A 1 103 ? 3.815   16.260  -3.675  1.00 94.83  ? 101 ASN A CG  1 
ATOM   735  O  OD1 . ASN A 1 103 ? 4.177   16.318  -2.501  1.00 90.58  ? 101 ASN A OD1 1 
ATOM   736  N  ND2 . ASN A 1 103 ? 3.710   17.336  -4.446  1.00 99.82  ? 101 ASN A ND2 1 
ATOM   737  N  N   . PRO A 1 104 ? 0.536   12.764  -5.022  1.00 89.01  ? 102 PRO A N   1 
ATOM   738  C  CA  . PRO A 1 104 ? 0.305   11.482  -5.694  1.00 86.17  ? 102 PRO A CA  1 
ATOM   739  C  C   . PRO A 1 104 ? 0.742   11.558  -7.147  1.00 82.83  ? 102 PRO A C   1 
ATOM   740  O  O   . PRO A 1 104 ? 0.946   12.634  -7.715  1.00 82.40  ? 102 PRO A O   1 
ATOM   741  C  CB  . PRO A 1 104 ? -1.206  11.286  -5.572  1.00 79.19  ? 102 PRO A CB  1 
ATOM   742  C  CG  . PRO A 1 104 ? -1.739  12.669  -5.569  1.00 80.18  ? 102 PRO A CG  1 
ATOM   743  C  CD  . PRO A 1 104 ? -0.724  13.501  -4.822  1.00 88.56  ? 102 PRO A CD  1 
ATOM   744  N  N   . ILE A 1 105 ? 0.899   10.386  -7.753  1.00 80.55  ? 103 ILE A N   1 
ATOM   745  C  CA  . ILE A 1 105 ? 1.239   10.329  -9.169  1.00 83.98  ? 103 ILE A CA  1 
ATOM   746  C  C   . ILE A 1 105 ? -0.053  10.354  -9.969  1.00 88.68  ? 103 ILE A C   1 
ATOM   747  O  O   . ILE A 1 105 ? -1.149  10.263  -9.403  1.00 95.01  ? 103 ILE A O   1 
ATOM   748  C  CB  . ILE A 1 105 ? 2.074   9.083   -9.512  1.00 87.14  ? 103 ILE A CB  1 
ATOM   749  C  CG1 . ILE A 1 105 ? 1.164   7.869   -9.708  1.00 78.81  ? 103 ILE A CG1 1 
ATOM   750  C  CG2 . ILE A 1 105 ? 3.102   8.821   -8.419  1.00 76.81  ? 103 ILE A CG2 1 
ATOM   751  C  CD1 . ILE A 1 105 ? 1.909   6.595   -10.024 1.00 82.08  ? 103 ILE A CD1 1 
ATOM   752  N  N   . GLU A 1 106 ? 0.061   10.481  -11.288 1.00 84.87  ? 104 GLU A N   1 
ATOM   753  C  CA  . GLU A 1 106 ? -1.090  10.390  -12.183 1.00 100.42 ? 104 GLU A CA  1 
ATOM   754  C  C   . GLU A 1 106 ? -0.775  9.327   -13.229 1.00 100.35 ? 104 GLU A C   1 
ATOM   755  O  O   . GLU A 1 106 ? -0.022  9.577   -14.175 1.00 94.52  ? 104 GLU A O   1 
ATOM   756  C  CB  . GLU A 1 106 ? -1.408  11.731  -12.832 1.00 91.93  ? 104 GLU A CB  1 
ATOM   757  C  CG  . GLU A 1 106 ? -2.793  11.775  -13.453 1.00 101.58 ? 104 GLU A CG  1 
ATOM   758  C  CD  . GLU A 1 106 ? -2.957  12.906  -14.444 1.00 127.81 ? 104 GLU A CD  1 
ATOM   759  O  OE1 . GLU A 1 106 ? -1.936  13.375  -14.987 1.00 121.10 ? 104 GLU A OE1 1 
ATOM   760  O  OE2 . GLU A 1 106 ? -4.110  13.327  -14.677 1.00 133.82 ? 104 GLU A OE2 1 
ATOM   761  N  N   . ASP A 1 107 ? -1.348  8.139   -13.050 1.00 92.47  ? 105 ASP A N   1 
ATOM   762  C  CA  . ASP A 1 107 ? -1.162  7.020   -13.971 1.00 89.58  ? 105 ASP A CA  1 
ATOM   763  C  C   . ASP A 1 107 ? -2.547  6.487   -14.325 1.00 85.94  ? 105 ASP A C   1 
ATOM   764  O  O   . ASP A 1 107 ? -3.146  5.736   -13.550 1.00 90.65  ? 105 ASP A O   1 
ATOM   765  C  CB  . ASP A 1 107 ? -0.287  5.934   -13.355 1.00 87.33  ? 105 ASP A CB  1 
ATOM   766  C  CG  . ASP A 1 107 ? 0.313   5.014   -14.396 1.00 91.33  ? 105 ASP A CG  1 
ATOM   767  O  OD1 . ASP A 1 107 ? 0.151   5.301   -15.601 1.00 82.40  ? 105 ASP A OD1 1 
ATOM   768  O  OD2 . ASP A 1 107 ? 0.943   4.006   -14.012 1.00 94.71  ? 105 ASP A OD2 1 
ATOM   769  N  N   . LYS A 1 108 ? -3.050  6.874   -15.498 1.00 79.26  ? 106 LYS A N   1 
ATOM   770  C  CA  . LYS A 1 108 ? -4.396  6.492   -15.905 1.00 97.37  ? 106 LYS A CA  1 
ATOM   771  C  C   . LYS A 1 108 ? -4.522  5.013   -16.247 1.00 94.95  ? 106 LYS A C   1 
ATOM   772  O  O   . LYS A 1 108 ? -5.648  4.534   -16.422 1.00 94.99  ? 106 LYS A O   1 
ATOM   773  C  CB  . LYS A 1 108 ? -4.837  7.336   -17.102 1.00 90.79  ? 106 LYS A CB  1 
ATOM   774  N  N   . ARG A 1 109 ? -3.412  4.281   -16.343 1.00 82.28  ? 107 ARG A N   1 
ATOM   775  C  CA  . ARG A 1 109 ? -3.454  2.873   -16.714 1.00 82.50  ? 107 ARG A CA  1 
ATOM   776  C  C   . ARG A 1 109 ? -3.670  1.942   -15.528 1.00 81.61  ? 107 ARG A C   1 
ATOM   777  O  O   . ARG A 1 109 ? -3.989  0.768   -15.736 1.00 75.18  ? 107 ARG A O   1 
ATOM   778  C  CB  . ARG A 1 109 ? -2.167  2.482   -17.451 1.00 80.54  ? 107 ARG A CB  1 
ATOM   779  C  CG  . ARG A 1 109 ? -0.912  2.503   -16.597 1.00 86.29  ? 107 ARG A CG  1 
ATOM   780  C  CD  . ARG A 1 109 ? 0.330   2.647   -17.469 1.00 84.23  ? 107 ARG A CD  1 
ATOM   781  N  NE  . ARG A 1 109 ? 1.527   2.943   -16.687 1.00 80.71  ? 107 ARG A NE  1 
ATOM   782  C  CZ  . ARG A 1 109 ? 2.604   2.165   -16.646 1.00 85.12  ? 107 ARG A CZ  1 
ATOM   783  N  NH1 . ARG A 1 109 ? 2.641   1.043   -17.352 1.00 86.82  ? 107 ARG A NH1 1 
ATOM   784  N  NH2 . ARG A 1 109 ? 3.648   2.514   -15.906 1.00 91.53  ? 107 ARG A NH2 1 
ATOM   785  N  N   . VAL A 1 110 ? -3.513  2.431   -14.302 1.00 82.48  ? 108 VAL A N   1 
ATOM   786  C  CA  . VAL A 1 110 ? -3.787  1.642   -13.112 1.00 74.31  ? 108 VAL A CA  1 
ATOM   787  C  C   . VAL A 1 110 ? -4.949  2.277   -12.358 1.00 73.27  ? 108 VAL A C   1 
ATOM   788  O  O   . VAL A 1 110 ? -5.298  3.444   -12.558 1.00 78.52  ? 108 VAL A O   1 
ATOM   789  C  CB  . VAL A 1 110 ? -2.550  1.509   -12.200 1.00 71.13  ? 108 VAL A CB  1 
ATOM   790  C  CG1 . VAL A 1 110 ? -1.504  0.622   -12.855 1.00 66.65  ? 108 VAL A CG1 1 
ATOM   791  C  CG2 . VAL A 1 110 ? -1.972  2.880   -11.888 1.00 78.83  ? 108 VAL A CG2 1 
ATOM   792  N  N   . ALA A 1 111 ? -5.557  1.486   -11.483 1.00 76.09  ? 109 ALA A N   1 
ATOM   793  C  CA  . ALA A 1 111 ? -6.655  1.947   -10.650 1.00 82.81  ? 109 ALA A CA  1 
ATOM   794  C  C   . ALA A 1 111 ? -6.142  2.328   -9.269  1.00 79.85  ? 109 ALA A C   1 
ATOM   795  O  O   . ALA A 1 111 ? -5.128  1.810   -8.795  1.00 73.11  ? 109 ALA A O   1 
ATOM   796  C  CB  . ALA A 1 111 ? -7.738  0.875   -10.523 1.00 75.72  ? 109 ALA A CB  1 
ATOM   797  N  N   . GLY A 1 112 ? -6.857  3.242   -8.627  1.00 71.15  ? 110 GLY A N   1 
ATOM   798  C  CA  . GLY A 1 112 ? -6.476  3.705   -7.313  1.00 78.17  ? 110 GLY A CA  1 
ATOM   799  C  C   . GLY A 1 112 ? -5.592  4.934   -7.360  1.00 76.22  ? 110 GLY A C   1 
ATOM   800  O  O   . GLY A 1 112 ? -5.351  5.543   -8.406  1.00 80.11  ? 110 GLY A O   1 
ATOM   801  N  N   . LEU A 1 113 ? -5.101  5.301   -6.180  1.00 74.16  ? 111 LEU A N   1 
ATOM   802  C  CA  . LEU A 1 113 ? -4.219  6.447   -6.010  1.00 62.52  ? 111 LEU A CA  1 
ATOM   803  C  C   . LEU A 1 113 ? -2.847  5.940   -5.587  1.00 73.43  ? 111 LEU A C   1 
ATOM   804  O  O   . LEU A 1 113 ? -2.728  5.229   -4.583  1.00 69.48  ? 111 LEU A O   1 
ATOM   805  C  CB  . LEU A 1 113 ? -4.785  7.421   -4.976  1.00 72.97  ? 111 LEU A CB  1 
ATOM   806  C  CG  . LEU A 1 113 ? -4.354  8.885   -5.074  1.00 76.00  ? 111 LEU A CG  1 
ATOM   807  C  CD1 . LEU A 1 113 ? -4.931  9.535   -6.322  1.00 70.51  ? 111 LEU A CD1 1 
ATOM   808  C  CD2 . LEU A 1 113 ? -4.778  9.642   -3.829  1.00 82.72  ? 111 LEU A CD2 1 
ATOM   809  N  N   . TRP A 1 114 ? -1.822  6.303   -6.351  1.00 77.11  ? 112 TRP A N   1 
ATOM   810  C  CA  . TRP A 1 114 ? -0.459  5.843   -6.123  1.00 72.47  ? 112 TRP A CA  1 
ATOM   811  C  C   . TRP A 1 114 ? 0.427   7.024   -5.752  1.00 66.79  ? 112 TRP A C   1 
ATOM   812  O  O   . TRP A 1 114 ? 0.362   8.081   -6.388  1.00 66.44  ? 112 TRP A O   1 
ATOM   813  C  CB  . TRP A 1 114 ? 0.092   5.140   -7.363  1.00 70.01  ? 112 TRP A CB  1 
ATOM   814  C  CG  . TRP A 1 114 ? -0.717  3.958   -7.800  1.00 63.71  ? 112 TRP A CG  1 
ATOM   815  C  CD1 . TRP A 1 114 ? -1.967  3.976   -8.344  1.00 65.41  ? 112 TRP A CD1 1 
ATOM   816  C  CD2 . TRP A 1 114 ? -0.323  2.583   -7.744  1.00 68.56  ? 112 TRP A CD2 1 
ATOM   817  N  NE1 . TRP A 1 114 ? -2.380  2.696   -8.622  1.00 73.80  ? 112 TRP A NE1 1 
ATOM   818  C  CE2 . TRP A 1 114 ? -1.388  1.822   -8.265  1.00 64.31  ? 112 TRP A CE2 1 
ATOM   819  C  CE3 . TRP A 1 114 ? 0.826   1.920   -7.302  1.00 65.69  ? 112 TRP A CE3 1 
ATOM   820  C  CZ2 . TRP A 1 114 ? -1.339  0.436   -8.354  1.00 61.05  ? 112 TRP A CZ2 1 
ATOM   821  C  CZ3 . TRP A 1 114 ? 0.872   0.544   -7.392  1.00 60.90  ? 112 TRP A CZ3 1 
ATOM   822  C  CH2 . TRP A 1 114 ? -0.201  -0.182  -7.918  1.00 59.88  ? 112 TRP A CH2 1 
ATOM   823  N  N   . VAL A 1 115 ? 1.253   6.844   -4.725  1.00 65.15  ? 113 VAL A N   1 
ATOM   824  C  CA  . VAL A 1 115 ? 2.024   7.953   -4.165  1.00 73.76  ? 113 VAL A CA  1 
ATOM   825  C  C   . VAL A 1 115 ? 3.514   7.624   -4.158  1.00 77.38  ? 113 VAL A C   1 
ATOM   826  O  O   . VAL A 1 115 ? 3.893   6.444   -4.121  1.00 73.30  ? 113 VAL A O   1 
ATOM   827  C  CB  . VAL A 1 115 ? 1.527   8.311   -2.753  1.00 75.08  ? 113 VAL A CB  1 
ATOM   828  C  CG1 . VAL A 1 115 ? 0.016   8.474   -2.740  1.00 73.41  ? 113 VAL A CG1 1 
ATOM   829  C  CG2 . VAL A 1 115 ? 1.949   7.257   -1.748  1.00 73.88  ? 113 VAL A CG2 1 
ATOM   830  N  N   . PRO A 1 116 ? 4.386   8.630   -4.198  1.00 70.33  ? 114 PRO A N   1 
ATOM   831  C  CA  . PRO A 1 116 ? 5.830   8.384   -4.136  1.00 76.21  ? 114 PRO A CA  1 
ATOM   832  C  C   . PRO A 1 116 ? 6.236   7.865   -2.767  1.00 78.88  ? 114 PRO A C   1 
ATOM   833  O  O   . PRO A 1 116 ? 5.412   7.826   -1.841  1.00 78.77  ? 114 PRO A O   1 
ATOM   834  C  CB  . PRO A 1 116 ? 6.431   9.773   -4.411  1.00 84.69  ? 114 PRO A CB  1 
ATOM   835  C  CG  . PRO A 1 116 ? 5.362   10.727  -4.020  1.00 88.51  ? 114 PRO A CG  1 
ATOM   836  C  CD  . PRO A 1 116 ? 4.082   10.054  -4.400  1.00 74.45  ? 114 PRO A CD  1 
ATOM   837  N  N   . PRO A 1 117 ? 7.495   7.449   -2.598  1.00 78.06  ? 115 PRO A N   1 
ATOM   838  C  CA  . PRO A 1 117 ? 7.901   6.883   -1.300  1.00 83.26  ? 115 PRO A CA  1 
ATOM   839  C  C   . PRO A 1 117 ? 7.814   7.860   -0.142  1.00 86.58  ? 115 PRO A C   1 
ATOM   840  O  O   . PRO A 1 117 ? 7.560   7.430   0.992   1.00 81.02  ? 115 PRO A O   1 
ATOM   841  C  CB  . PRO A 1 117 ? 9.347   6.443   -1.553  1.00 73.37  ? 115 PRO A CB  1 
ATOM   842  C  CG  . PRO A 1 117 ? 9.435   6.241   -3.020  1.00 77.64  ? 115 PRO A CG  1 
ATOM   843  C  CD  . PRO A 1 117 ? 8.549   7.286   -3.616  1.00 78.73  ? 115 PRO A CD  1 
ATOM   844  N  N   . ALA A 1 118 ? 8.032   9.155   -0.377  1.00 78.21  ? 116 ALA A N   1 
ATOM   845  C  CA  . ALA A 1 118 ? 7.879   10.132  0.697   1.00 76.01  ? 116 ALA A CA  1 
ATOM   846  C  C   . ALA A 1 118 ? 6.450   10.133  1.228   1.00 80.89  ? 116 ALA A C   1 
ATOM   847  O  O   . ALA A 1 118 ? 6.223   10.052  2.440   1.00 75.23  ? 116 ALA A O   1 
ATOM   848  C  CB  . ALA A 1 118 ? 8.275   11.524  0.205   1.00 75.62  ? 116 ALA A CB  1 
ATOM   849  N  N   . ASP A 1 119 ? 5.472   10.205  0.322   1.00 76.21  ? 117 ASP A N   1 
ATOM   850  C  CA  . ASP A 1 119 ? 4.073   10.206  0.735   1.00 75.83  ? 117 ASP A CA  1 
ATOM   851  C  C   . ASP A 1 119 ? 3.635   8.845   1.260   1.00 75.91  ? 117 ASP A C   1 
ATOM   852  O  O   . ASP A 1 119 ? 2.712   8.769   2.079   1.00 76.00  ? 117 ASP A O   1 
ATOM   853  C  CB  . ASP A 1 119 ? 3.188   10.632  -0.435  1.00 74.77  ? 117 ASP A CB  1 
ATOM   854  C  CG  . ASP A 1 119 ? 3.604   11.964  -1.023  1.00 78.35  ? 117 ASP A CG  1 
ATOM   855  O  OD1 . ASP A 1 119 ? 4.398   12.678  -0.376  1.00 82.19  ? 117 ASP A OD1 1 
ATOM   856  O  OD2 . ASP A 1 119 ? 3.136   12.298  -2.131  1.00 82.72  ? 117 ASP A OD2 1 
ATOM   857  N  N   . ALA A 1 120 ? 4.271   7.765   0.802   1.00 78.58  ? 118 ALA A N   1 
ATOM   858  C  CA  . ALA A 1 120 ? 3.906   6.433   1.272   1.00 79.25  ? 118 ALA A CA  1 
ATOM   859  C  C   . ALA A 1 120 ? 4.415   6.183   2.686   1.00 82.76  ? 118 ALA A C   1 
ATOM   860  O  O   . ALA A 1 120 ? 3.706   5.590   3.508   1.00 86.95  ? 118 ALA A O   1 
ATOM   861  C  CB  . ALA A 1 120 ? 4.448   5.370   0.317   1.00 85.68  ? 118 ALA A CB  1 
ATOM   862  N  N   . LEU A 1 121 ? 5.640   6.624   2.981   1.00 81.32  ? 119 LEU A N   1 
ATOM   863  C  CA  . LEU A 1 121 ? 6.178   6.477   4.329   1.00 84.82  ? 119 LEU A CA  1 
ATOM   864  C  C   . LEU A 1 121 ? 5.439   7.350   5.329   1.00 90.75  ? 119 LEU A C   1 
ATOM   865  O  O   . LEU A 1 121 ? 5.368   7.005   6.515   1.00 84.56  ? 119 LEU A O   1 
ATOM   866  C  CB  . LEU A 1 121 ? 7.669   6.799   4.339   1.00 78.00  ? 119 LEU A CB  1 
ATOM   867  C  CG  . LEU A 1 121 ? 8.435   5.642   3.701   1.00 77.00  ? 119 LEU A CG  1 
ATOM   868  C  CD1 . LEU A 1 121 ? 9.916   5.952   3.577   1.00 76.32  ? 119 LEU A CD1 1 
ATOM   869  C  CD2 . LEU A 1 121 ? 8.189   4.340   4.474   1.00 75.19  ? 119 LEU A CD2 1 
ATOM   870  N  N   . ALA A 1 122 ? 4.891   8.476   4.875   1.00 76.03  ? 120 ALA A N   1 
ATOM   871  C  CA  . ALA A 1 122 ? 4.069   9.311   5.743   1.00 69.25  ? 120 ALA A CA  1 
ATOM   872  C  C   . ALA A 1 122 ? 2.764   8.607   6.090   1.00 81.75  ? 120 ALA A C   1 
ATOM   873  O  O   . ALA A 1 122 ? 2.457   8.387   7.268   1.00 88.95  ? 120 ALA A O   1 
ATOM   874  C  CB  . ALA A 1 122 ? 3.800   10.655  5.065   1.00 61.25  ? 120 ALA A CB  1 
ATOM   875  N  N   . LEU A 1 123 ? 1.986   8.238   5.068   1.00 82.97  ? 121 LEU A N   1 
ATOM   876  C  CA  . LEU A 1 123 ? 0.718   7.548   5.285   1.00 79.56  ? 121 LEU A CA  1 
ATOM   877  C  C   . LEU A 1 123 ? 0.885   6.284   6.116   1.00 82.63  ? 121 LEU A C   1 
ATOM   878  O  O   . LEU A 1 123 ? -0.034  5.893   6.845   1.00 84.86  ? 121 LEU A O   1 
ATOM   879  C  CB  . LEU A 1 123 ? 0.078   7.191   3.944   1.00 73.31  ? 121 LEU A CB  1 
ATOM   880  C  CG  . LEU A 1 123 ? -0.382  8.327   3.036   1.00 75.39  ? 121 LEU A CG  1 
ATOM   881  C  CD1 . LEU A 1 123 ? -0.539  7.810   1.617   1.00 73.06  ? 121 LEU A CD1 1 
ATOM   882  C  CD2 . LEU A 1 123 ? -1.689  8.903   3.547   1.00 69.38  ? 121 LEU A CD2 1 
ATOM   883  N  N   . ALA A 1 124 ? 2.038   5.623   6.009   1.00 77.11  ? 122 ALA A N   1 
ATOM   884  C  CA  . ALA A 1 124 ? 2.265   4.412   6.787   1.00 82.89  ? 122 ALA A CA  1 
ATOM   885  C  C   . ALA A 1 124 ? 2.367   4.715   8.276   1.00 88.92  ? 122 ALA A C   1 
ATOM   886  O  O   . ALA A 1 124 ? 1.982   3.881   9.104   1.00 94.34  ? 122 ALA A O   1 
ATOM   887  C  CB  . ALA A 1 124 ? 3.521   3.704   6.288   1.00 85.92  ? 122 ALA A CB  1 
ATOM   888  N  N   . LYS A 1 125 ? 2.889   5.890   8.637   1.00 93.04  ? 123 LYS A N   1 
ATOM   889  C  CA  . LYS A 1 125 ? 2.842   6.318   10.031  1.00 93.02  ? 123 LYS A CA  1 
ATOM   890  C  C   . LYS A 1 125 ? 1.418   6.670   10.439  1.00 78.31  ? 123 LYS A C   1 
ATOM   891  O  O   . LYS A 1 125 ? 0.987   6.348   11.552  1.00 88.28  ? 123 LYS A O   1 
ATOM   892  C  CB  . LYS A 1 125 ? 3.777   7.506   10.253  1.00 88.05  ? 123 LYS A CB  1 
ATOM   893  N  N   . ASP A 1 126 ? 0.678   7.337   9.548   1.00 79.19  ? 124 ASP A N   1 
ATOM   894  C  CA  . ASP A 1 126 ? -0.747  7.560   9.767   1.00 82.86  ? 124 ASP A CA  1 
ATOM   895  C  C   . ASP A 1 126 ? -1.470  6.247   10.034  1.00 84.61  ? 124 ASP A C   1 
ATOM   896  O  O   . ASP A 1 126 ? -2.267  6.137   10.971  1.00 88.55  ? 124 ASP A O   1 
ATOM   897  C  CB  . ASP A 1 126 ? -1.362  8.257   8.550   1.00 81.80  ? 124 ASP A CB  1 
ATOM   898  C  CG  . ASP A 1 126 ? -0.841  9.665   8.351   1.00 91.88  ? 124 ASP A CG  1 
ATOM   899  O  OD1 . ASP A 1 126 ? 0.224   9.995   8.912   1.00 97.72  ? 124 ASP A OD1 1 
ATOM   900  O  OD2 . ASP A 1 126 ? -1.492  10.438  7.614   1.00 75.29  ? 124 ASP A OD2 1 
ATOM   901  N  N   . TYR A 1 127 ? -1.191  5.234   9.217   1.00 81.53  ? 125 TYR A N   1 
ATOM   902  C  CA  . TYR A 1 127 ? -1.935  3.983   9.246   1.00 81.77  ? 125 TYR A CA  1 
ATOM   903  C  C   . TYR A 1 127 ? -1.340  2.961   10.204  1.00 86.50  ? 125 TYR A C   1 
ATOM   904  O  O   . TYR A 1 127 ? -1.882  1.856   10.317  1.00 83.32  ? 125 TYR A O   1 
ATOM   905  C  CB  . TYR A 1 127 ? -2.003  3.372   7.840   1.00 86.40  ? 125 TYR A CB  1 
ATOM   906  C  CG  . TYR A 1 127 ? -2.721  4.205   6.795   1.00 79.35  ? 125 TYR A CG  1 
ATOM   907  C  CD1 . TYR A 1 127 ? -3.256  5.452   7.099   1.00 76.75  ? 125 TYR A CD1 1 
ATOM   908  C  CD2 . TYR A 1 127 ? -2.861  3.736   5.495   1.00 83.32  ? 125 TYR A CD2 1 
ATOM   909  C  CE1 . TYR A 1 127 ? -3.904  6.206   6.140   1.00 87.26  ? 125 TYR A CE1 1 
ATOM   910  C  CE2 . TYR A 1 127 ? -3.509  4.481   4.531   1.00 84.42  ? 125 TYR A CE2 1 
ATOM   911  C  CZ  . TYR A 1 127 ? -4.028  5.713   4.857   1.00 79.25  ? 125 TYR A CZ  1 
ATOM   912  O  OH  . TYR A 1 127 ? -4.671  6.452   3.894   1.00 79.56  ? 125 TYR A OH  1 
ATOM   913  N  N   . SER A 1 128 ? -0.243  3.301   10.886  1.00 90.24  ? 126 SER A N   1 
ATOM   914  C  CA  . SER A 1 128 ? 0.454   2.376   11.780  1.00 96.12  ? 126 SER A CA  1 
ATOM   915  C  C   . SER A 1 128 ? 0.881   1.108   11.036  1.00 95.47  ? 126 SER A C   1 
ATOM   916  O  O   . SER A 1 128 ? 0.666   -0.012  11.499  1.00 102.42 ? 126 SER A O   1 
ATOM   917  C  CB  . SER A 1 128 ? -0.411  2.038   13.001  1.00 98.56  ? 126 SER A CB  1 
ATOM   918  O  OG  . SER A 1 128 ? 0.104   0.926   13.714  1.00 102.50 ? 126 SER A OG  1 
HETATM 919  N  N   . MSE A 1 129 ? 1.498   1.293   9.872   1.00 92.53  ? 127 MSE A N   1 
HETATM 920  C  CA  . MSE A 1 129 ? 1.912   0.153   9.056   1.00 93.91  ? 127 MSE A CA  1 
HETATM 921  C  C   . MSE A 1 129 ? 3.209   0.408   8.288   1.00 91.51  ? 127 MSE A C   1 
HETATM 922  O  O   . MSE A 1 129 ? 3.435   -0.183  7.228   1.00 87.24  ? 127 MSE A O   1 
HETATM 923  C  CB  . MSE A 1 129 ? 0.805   -0.230  8.067   1.00 82.49  ? 127 MSE A CB  1 
HETATM 924  C  CG  . MSE A 1 129 ? 0.428   0.879   7.106   1.00 86.63  ? 127 MSE A CG  1 
HETATM 925  SE SE  . MSE A 1 129 ? -0.987  0.343   5.882   1.00 112.25 ? 127 MSE A SE  1 
HETATM 926  C  CE  . MSE A 1 129 ? -0.248  -1.368  5.343   1.00 85.57  ? 127 MSE A CE  1 
ATOM   927  N  N   . THR A 1 130 ? 4.066   1.272   8.827   1.00 95.02  ? 128 THR A N   1 
ATOM   928  C  CA  . THR A 1 130 ? 5.388   1.463   8.229   1.00 92.39  ? 128 THR A CA  1 
ATOM   929  C  C   . THR A 1 130 ? 6.204   0.186   8.164   1.00 86.42  ? 128 THR A C   1 
ATOM   930  O  O   . THR A 1 130 ? 6.977   0.031   7.205   1.00 99.66  ? 128 THR A O   1 
ATOM   931  C  CB  . THR A 1 130 ? 6.215   2.521   8.979   1.00 99.43  ? 128 THR A CB  1 
ATOM   932  O  OG1 . THR A 1 130 ? 6.774   1.961   10.179  1.00 107.12 ? 128 THR A OG1 1 
ATOM   933  C  CG2 . THR A 1 130 ? 5.397   3.740   9.338   1.00 92.05  ? 128 THR A CG2 1 
ATOM   934  N  N   . PRO A 1 131 ? 6.158   -0.743  9.133   1.00 86.13  ? 129 PRO A N   1 
ATOM   935  C  CA  . PRO A 1 131 ? 6.956   -1.968  8.967   1.00 90.00  ? 129 PRO A CA  1 
ATOM   936  C  C   . PRO A 1 131 ? 6.666   -2.689  7.662   1.00 88.38  ? 129 PRO A C   1 
ATOM   937  O  O   . PRO A 1 131 ? 7.595   -3.203  7.026   1.00 87.43  ? 129 PRO A O   1 
ATOM   938  C  CB  . PRO A 1 131 ? 6.584   -2.822  10.193  1.00 98.08  ? 129 PRO A CB  1 
ATOM   939  C  CG  . PRO A 1 131 ? 5.628   -2.001  11.011  1.00 95.09  ? 129 PRO A CG  1 
ATOM   940  C  CD  . PRO A 1 131 ? 5.667   -0.621  10.518  1.00 92.28  ? 129 PRO A CD  1 
ATOM   941  N  N   . PHE A 1 132 ? 5.412   -2.672  7.209   1.00 81.96  ? 130 PHE A N   1 
ATOM   942  C  CA  . PHE A 1 132 ? 5.059   -3.323  5.953   1.00 88.41  ? 130 PHE A CA  1 
ATOM   943  C  C   . PHE A 1 132 ? 5.477   -2.520  4.719   1.00 84.43  ? 130 PHE A C   1 
ATOM   944  O  O   . PHE A 1 132 ? 5.586   -3.102  3.632   1.00 85.55  ? 130 PHE A O   1 
ATOM   945  C  CB  . PHE A 1 132 ? 3.551   -3.590  5.918   1.00 84.55  ? 130 PHE A CB  1 
ATOM   946  C  CG  . PHE A 1 132 ? 3.095   -4.593  6.942   1.00 84.72  ? 130 PHE A CG  1 
ATOM   947  C  CD1 . PHE A 1 132 ? 2.796   -4.186  8.229   1.00 91.86  ? 130 PHE A CD1 1 
ATOM   948  C  CD2 . PHE A 1 132 ? 2.972   -5.935  6.623   1.00 86.13  ? 130 PHE A CD2 1 
ATOM   949  C  CE1 . PHE A 1 132 ? 2.387   -5.092  9.182   1.00 101.46 ? 130 PHE A CE1 1 
ATOM   950  C  CE2 . PHE A 1 132 ? 2.558   -6.852  7.575   1.00 85.87  ? 130 PHE A CE2 1 
ATOM   951  C  CZ  . PHE A 1 132 ? 2.266   -6.427  8.857   1.00 90.80  ? 130 PHE A CZ  1 
ATOM   952  N  N   . ILE A 1 133 ? 5.726   -1.217  4.851   1.00 76.16  ? 131 ILE A N   1 
ATOM   953  C  CA  . ILE A 1 133 ? 5.979   -0.387  3.672   1.00 80.45  ? 131 ILE A CA  1 
ATOM   954  C  C   . ILE A 1 133 ? 7.468   -0.267  3.331   1.00 86.98  ? 131 ILE A C   1 
ATOM   955  O  O   . ILE A 1 133 ? 7.826   -0.256  2.146   1.00 83.65  ? 131 ILE A O   1 
ATOM   956  C  CB  . ILE A 1 133 ? 5.319   0.993   3.861   1.00 75.29  ? 131 ILE A CB  1 
ATOM   957  C  CG1 . ILE A 1 133 ? 3.800   0.826   3.994   1.00 76.17  ? 131 ILE A CG1 1 
ATOM   958  C  CG2 . ILE A 1 133 ? 5.663   1.954   2.725   1.00 68.02  ? 131 ILE A CG2 1 
ATOM   959  C  CD1 . ILE A 1 133 ? 3.080   0.730   2.658   1.00 80.58  ? 131 ILE A CD1 1 
ATOM   960  N  N   . ASN A 1 134 ? 8.349   -0.182  4.337   1.00 87.77  ? 132 ASN A N   1 
ATOM   961  C  CA  . ASN A 1 134 ? 9.782   -0.303  4.065   1.00 87.47  ? 132 ASN A CA  1 
ATOM   962  C  C   . ASN A 1 134 ? 10.119  -1.663  3.480   1.00 81.75  ? 132 ASN A C   1 
ATOM   963  O  O   . ASN A 1 134 ? 10.966  -1.769  2.588   1.00 91.09  ? 132 ASN A O   1 
ATOM   964  C  CB  . ASN A 1 134 ? 10.615  -0.072  5.328   1.00 99.49  ? 132 ASN A CB  1 
ATOM   965  C  CG  . ASN A 1 134 ? 10.111  1.066   6.167   1.00 101.96 ? 132 ASN A CG  1 
ATOM   966  O  OD1 . ASN A 1 134 ? 9.542   0.863   7.241   1.00 105.14 ? 132 ASN A OD1 1 
ATOM   967  N  ND2 . ASN A 1 134 ? 10.322  2.280   5.688   1.00 107.24 ? 132 ASN A ND2 1 
ATOM   968  N  N   . ALA A 1 135 ? 9.497   -2.723  3.999   1.00 82.03  ? 133 ALA A N   1 
ATOM   969  C  CA  . ALA A 1 135 ? 9.615   -4.038  3.385   1.00 83.07  ? 133 ALA A CA  1 
ATOM   970  C  C   . ALA A 1 135 ? 9.266   -3.980  1.903   1.00 80.55  ? 133 ALA A C   1 
ATOM   971  O  O   . ALA A 1 135 ? 10.009  -4.486  1.058   1.00 73.18  ? 133 ALA A O   1 
ATOM   972  C  CB  . ALA A 1 135 ? 8.710   -5.038  4.106   1.00 82.66  ? 133 ALA A CB  1 
ATOM   973  N  N   . LEU A 1 136 ? 8.128   -3.361  1.580   1.00 72.45  ? 134 LEU A N   1 
ATOM   974  C  CA  . LEU A 1 136 ? 7.714   -3.243  0.182   1.00 74.63  ? 134 LEU A CA  1 
ATOM   975  C  C   . LEU A 1 136 ? 8.692   -2.384  -0.609  1.00 77.06  ? 134 LEU A C   1 
ATOM   976  O  O   . LEU A 1 136 ? 9.095   -2.744  -1.723  1.00 75.62  ? 134 LEU A O   1 
ATOM   977  C  CB  . LEU A 1 136 ? 6.300   -2.665  0.110   1.00 77.35  ? 134 LEU A CB  1 
ATOM   978  C  CG  . LEU A 1 136 ? 5.648   -2.674  -1.270  1.00 67.23  ? 134 LEU A CG  1 
ATOM   979  C  CD1 . LEU A 1 136 ? 5.612   -4.089  -1.826  1.00 61.86  ? 134 LEU A CD1 1 
ATOM   980  C  CD2 . LEU A 1 136 ? 4.251   -2.079  -1.214  1.00 64.23  ? 134 LEU A CD2 1 
ATOM   981  N  N   . LEU A 1 137 ? 9.099   -1.245  -0.046  1.00 80.89  ? 135 LEU A N   1 
ATOM   982  C  CA  . LEU A 1 137 ? 10.016  -0.355  -0.748  1.00 74.43  ? 135 LEU A CA  1 
ATOM   983  C  C   . LEU A 1 137 ? 11.424  -0.928  -0.858  1.00 78.41  ? 135 LEU A C   1 
ATOM   984  O  O   . LEU A 1 137 ? 12.190  -0.480  -1.717  1.00 80.90  ? 135 LEU A O   1 
ATOM   985  C  CB  . LEU A 1 137 ? 10.071  1.008   -0.054  1.00 78.09  ? 135 LEU A CB  1 
ATOM   986  C  CG  . LEU A 1 137 ? 8.876   1.948   -0.233  1.00 81.63  ? 135 LEU A CG  1 
ATOM   987  C  CD1 . LEU A 1 137 ? 8.928   3.082   0.779   1.00 77.86  ? 135 LEU A CD1 1 
ATOM   988  C  CD2 . LEU A 1 137 ? 8.837   2.502   -1.650  1.00 73.72  ? 135 LEU A CD2 1 
ATOM   989  N  N   . GLU A 1 138 ? 11.785  -1.900  -0.019  1.00 78.83  ? 136 GLU A N   1 
ATOM   990  C  CA  . GLU A 1 138 ? 13.141  -2.434  -0.007  1.00 91.15  ? 136 GLU A CA  1 
ATOM   991  C  C   . GLU A 1 138 ? 13.270  -3.802  -0.661  1.00 88.82  ? 136 GLU A C   1 
ATOM   992  O  O   . GLU A 1 138 ? 14.398  -4.253  -0.889  1.00 89.15  ? 136 GLU A O   1 
ATOM   993  C  CB  . GLU A 1 138 ? 13.672  -2.508  1.433   1.00 83.36  ? 136 GLU A CB  1 
ATOM   994  C  CG  . GLU A 1 138 ? 13.974  -1.145  2.042   1.00 97.25  ? 136 GLU A CG  1 
ATOM   995  C  CD  . GLU A 1 138 ? 14.091  -1.187  3.554   1.00 101.63 ? 136 GLU A CD  1 
ATOM   996  O  OE1 . GLU A 1 138 ? 14.486  -2.241  4.097   1.00 93.79  ? 136 GLU A OE1 1 
ATOM   997  O  OE2 . GLU A 1 138 ? 13.783  -0.164  4.202   1.00 100.33 ? 136 GLU A OE2 1 
ATOM   998  N  N   . ALA A 1 139 ? 12.163  -4.477  -0.958  1.00 88.48  ? 137 ALA A N   1 
ATOM   999  C  CA  . ALA A 1 139 ? 12.245  -5.705  -1.733  1.00 79.87  ? 137 ALA A CA  1 
ATOM   1000 C  C   . ALA A 1 139 ? 12.674  -5.389  -3.161  1.00 84.06  ? 137 ALA A C   1 
ATOM   1001 O  O   . ALA A 1 139 ? 12.448  -4.288  -3.671  1.00 91.31  ? 137 ALA A O   1 
ATOM   1002 C  CB  . ALA A 1 139 ? 10.903  -6.436  -1.734  1.00 73.35  ? 137 ALA A CB  1 
ATOM   1003 N  N   . SER A 1 140 ? 13.310  -6.363  -3.805  1.00 91.89  ? 138 SER A N   1 
ATOM   1004 C  CA  . SER A 1 140 ? 13.817  -6.177  -5.157  1.00 90.05  ? 138 SER A CA  1 
ATOM   1005 C  C   . SER A 1 140 ? 12.811  -6.656  -6.194  1.00 78.89  ? 138 SER A C   1 
ATOM   1006 O  O   . SER A 1 140 ? 12.133  -7.670  -6.005  1.00 79.37  ? 138 SER A O   1 
ATOM   1007 C  CB  . SER A 1 140 ? 15.144  -6.915  -5.353  1.00 85.97  ? 138 SER A CB  1 
ATOM   1008 O  OG  . SER A 1 140 ? 16.246  -6.055  -5.125  1.00 97.40  ? 138 SER A OG  1 
ATOM   1009 N  N   . SER A 1 141 ? 12.721  -5.909  -7.292  1.00 83.28  ? 139 SER A N   1 
ATOM   1010 C  CA  . SER A 1 141 ? 12.035  -6.374  -8.489  1.00 85.16  ? 139 SER A CA  1 
ATOM   1011 C  C   . SER A 1 141 ? 13.069  -7.053  -9.378  1.00 99.25  ? 139 SER A C   1 
ATOM   1012 O  O   . SER A 1 141 ? 13.178  -6.736  -10.566 1.00 100.20 ? 139 SER A O   1 
ATOM   1013 C  CB  . SER A 1 141 ? 11.360  -5.214  -9.227  1.00 71.11  ? 139 SER A CB  1 
ATOM   1014 O  OG  . SER A 1 141 ? 12.277  -4.168  -9.514  1.00 83.84  ? 139 SER A OG  1 
ATOM   1015 N  N   . THR A 1 142 ? 13.836  -7.974  -8.789  1.00 99.34  ? 140 THR A N   1 
ATOM   1016 C  CA  . THR A 1 142 ? 15.017  -8.604  -9.396  1.00 98.93  ? 140 THR A CA  1 
ATOM   1017 C  C   . THR A 1 142 ? 16.075  -7.585  -9.803  1.00 104.12 ? 140 THR A C   1 
ATOM   1018 O  O   . THR A 1 142 ? 17.104  -7.467  -9.133  1.00 104.45 ? 140 THR A O   1 
ATOM   1019 C  CB  . THR A 1 142 ? 14.651  -9.478  -10.614 1.00 97.46  ? 140 THR A CB  1 
ATOM   1020 O  OG1 . THR A 1 142 ? 14.448  -8.659  -11.774 1.00 103.97 ? 140 THR A OG1 1 
ATOM   1021 C  CG2 . THR A 1 142 ? 13.407  -10.267 -10.321 1.00 103.04 ? 140 THR A CG2 1 
# 
